data_9LSJ
#
_entry.id   9LSJ
#
_cell.length_a   1.00
_cell.length_b   1.00
_cell.length_c   1.00
_cell.angle_alpha   90.00
_cell.angle_beta   90.00
_cell.angle_gamma   90.00
#
_symmetry.space_group_name_H-M   'P 1'
#
loop_
_entity.id
_entity.type
_entity.pdbx_description
1 polymer 'Citrate/sodium symporter'
2 polymer 'Toll-like receptor 3'
3 polymer 'Diabody (CitS VH-TLR3 VL)'
4 polymer 'Diabody (TLR3 VH-CitS VL)'
5 branched 2-acetamido-2-deoxy-beta-D-glucopyranose-(1-4)-2-acetamido-2-deoxy-beta-D-glucopyranose
6 branched beta-D-mannopyranose-(1-3)-2-acetamido-2-deoxy-beta-D-glucopyranose-(1-4)-2-acetamido-2-deoxy-beta-D-glucopyranose
7 non-polymer 'CITRIC ACID'
8 non-polymer 'PALMITIC ACID'
9 non-polymer 2-acetamido-2-deoxy-beta-D-glucopyranose
#
loop_
_entity_poly.entity_id
_entity_poly.type
_entity_poly.pdbx_seq_one_letter_code
_entity_poly.pdbx_strand_id
1 'polypeptide(L)'
;MTNMSQPPATEKKGVSDLLGFKIFGMPLPLYAFALITLLLSHFYNALPTDIVGGFAIMFIIGAIFGEIGKRLPIFNKYIG
GAPVMIFLVAAYFVYAGIFTQKEIDAISNVMDKSNFLNLFIAVLITGAILSVNRRLLLKSLLGYIPTILMGIVGASIFGI
AIGLVFGIPVDRIMMLYVLPIMGGGNGAGAVPLSEIYHSVTGRSREEYYSTAIAILTIANIFAIVFAAVLDIIGKKHTWL
SGEGELVRKASFKVEEDEKTGQITHRETAVGLVLSTTCFLLAYVVAKKILPSIGGVAIHYFAWMVLIVAALNASGLCSPE
IKAGAKRLSDFFSKQLLWVLMVGVGVCYTDLQEIINAITFANVVIAAIIVIGAVLGAAIGGWLMGFFPIESAITAGLCMA
NRGGSGDLEVLSACNRMNLISYAQISSRLGGGIVLVIASIVFGMMI
;
A,B
2 'polypeptide(L)'
;MRQTLPCIYFWGGLLPFGMLCASSTTKCTVSHEVADCSHLKLTQVPDDLPTNITVLNLTHNQLRRLPAANFTRYSQLTSL
DVGFNTISKLEPELCQKLPMLKVLNLQHNELSQLSDKTFAFCTNLTELHLMSNSIQKIKNNPFVKQKNLITLDLSHNGLS
STKLGTQVQLENLQELLLSNNKIQALKSEELDIFANSSLKKLELSSNQIKEFSPGCFHAIGRLFGLFLNNVQLGPSLTEK
LCLELANTSIRNLSLSNSQLSTTSNTTFLGLKWTNLTMLDLSYNNLNVVGNDSFAWLPQLEYFFLEYNNIQHLFSHSLHG
LFNVRYLNLKRSFTKQSISLASLPKIDDFSFQWLKCLEHLNMEDNDIPGIKSNMFTGLINLKYLSLSNSFTSLRTLTNET
FVSLAHSPLHILNLTKNKISKIESDAFSWLGHLEVLDLGLNEIGQELTGQEWRGLENIFEIYLSYNKYLQLTRNSFALVP
SLQRLMLRRVALKNVDSSPSPFQPLRNLTILDLSNNNIANINDDMLEGLEKLEILDLQHNNLARLWKHANPGGPIYFLKG
LSHLHILNLESNGFDEIPVEVFKDLFELKIIDLGLNNLNTLPASVFNNQVSLKSLNLQKNLITSVEKKVFGPAFRNLTEL
DMRFNPFDCTCESIAWFVNWINETHTNIPELSSHYLCNTPPHYHGFPVRLFDTSSCKDSAPFELFFMINTSILLIFIFIV
LLIHFEGWRISFYWNVSVHRVLGFKEIDRQTEQFEYAAYIIHAYKDKDWVWEHFSSMEKEDQSLKFCLEERDFEAGVFEL
EAIVNSIKRSRKIIFVITHHLLKDPLCKRFKVHHAVQQAIEQNLDSIILVFLEEIPDYKLNHALCLRRGMFKSHCILNWP
VQKERIGAFRHKLQVALGSKNSVH
;
C
3 'polypeptide(L)'
;EVQLVESGGGLVQPCGSLRLSCAASGFTFRNSAMHWVRQAPGKGLEWVSSIWYSGSNTYYADSVKGRFTISRDNSKNTLY
LQMNSLCAEDTAVYYCARFAGGWGAYDVWGQGTLVTVSSGGGGSDIQMTQSPSSLSASVGDRVTITCRASQSIGLYLAWY
QQKPGKAPKLLIYAASSLQSGVPSRFSGSGSGTDFTLTISSLQPEDFATYYCQQGNTLSYTFGQGTKVEIKPWLVPRGSH
HHHHHSGGGGSGGGGS
;
D
4 'polypeptide(L)'
;GGGGSGGGGLVPRGSPGEVQLVQSGAEVKKPGESLKISCKGSGYSFTNYWVGWVRQMPGKGLEWMGFIDPSDSYTNYADS
VKGCFTISADKSISTAYLQMNSLCASDTAMYYCARELYQGYMDTFDSWGQGTLVTVSSGGGGSDIVLTQSPATLSLSPGE
RATLSCRASQSVSSNYLAWYQQKPGQAPRLLIYDSSSRATGVPARFSGSGSGTDFTLTISSLEPEDFAVYYCHQYSDISP
TFGQGTKVEIKSGRLVPRGSHHHHHH
;
E
#
loop_
_chem_comp.id
_chem_comp.type
_chem_comp.name
_chem_comp.formula
BMA D-saccharide, beta linking beta-D-mannopyranose 'C6 H12 O6'
CIT non-polymer 'CITRIC ACID' 'C6 H8 O7'
NAG D-saccharide, beta linking 2-acetamido-2-deoxy-beta-D-glucopyranose 'C8 H15 N O6'
PLM non-polymer 'PALMITIC ACID' 'C16 H32 O2'
#
# COMPACT_ATOMS: atom_id res chain seq x y z
N SER A 16 24.19 13.41 67.09
CA SER A 16 23.10 13.66 68.02
C SER A 16 22.33 12.39 68.30
N ASP A 17 21.14 12.54 68.89
CA ASP A 17 20.29 11.39 69.17
C ASP A 17 19.85 10.72 67.88
N LEU A 18 19.74 9.39 67.92
CA LEU A 18 19.39 8.63 66.73
C LEU A 18 17.94 8.84 66.30
N LEU A 19 17.11 9.47 67.14
CA LEU A 19 15.72 9.71 66.80
C LEU A 19 15.31 11.16 66.78
N GLY A 20 16.07 12.06 67.41
CA GLY A 20 15.72 13.46 67.41
C GLY A 20 16.40 14.25 66.31
N PHE A 21 17.33 13.60 65.61
CA PHE A 21 18.02 14.23 64.49
C PHE A 21 17.03 14.49 63.36
N LYS A 22 17.34 15.52 62.56
CA LYS A 22 16.44 15.98 61.51
C LYS A 22 17.15 15.93 60.17
N ILE A 23 16.53 15.26 59.20
CA ILE A 23 17.00 15.21 57.83
C ILE A 23 16.02 16.00 56.98
N PHE A 24 16.49 17.11 56.41
CA PHE A 24 15.67 18.00 55.58
C PHE A 24 14.40 18.42 56.31
N GLY A 25 14.53 18.68 57.60
CA GLY A 25 13.38 18.99 58.42
C GLY A 25 12.58 17.79 58.87
N MET A 26 12.89 16.60 58.38
CA MET A 26 12.15 15.41 58.79
C MET A 26 12.96 14.62 59.80
N PRO A 27 12.30 14.05 60.81
CA PRO A 27 13.01 13.16 61.74
C PRO A 27 13.35 11.84 61.08
N LEU A 28 14.28 11.13 61.71
CA LEU A 28 14.70 9.82 61.21
C LEU A 28 13.57 8.81 61.00
N PRO A 29 12.56 8.69 61.86
CA PRO A 29 11.49 7.71 61.54
C PRO A 29 10.73 8.08 60.28
N LEU A 30 10.33 9.34 60.14
CA LEU A 30 9.58 9.75 58.96
C LEU A 30 10.42 9.62 57.70
N TYR A 31 11.67 10.08 57.76
CA TYR A 31 12.51 9.96 56.59
C TYR A 31 12.84 8.51 56.29
N ALA A 32 12.89 7.66 57.32
CA ALA A 32 13.07 6.23 57.08
C ALA A 32 11.88 5.66 56.34
N PHE A 33 10.67 6.12 56.67
CA PHE A 33 9.50 5.72 55.92
C PHE A 33 9.62 6.13 54.46
N ALA A 34 10.06 7.36 54.22
CA ALA A 34 10.23 7.83 52.85
C ALA A 34 11.29 7.02 52.11
N LEU A 35 12.39 6.70 52.78
CA LEU A 35 13.45 5.92 52.16
C LEU A 35 12.99 4.51 51.85
N ILE A 36 12.19 3.92 52.72
CA ILE A 36 11.61 2.61 52.45
C ILE A 36 10.72 2.69 51.21
N THR A 37 9.95 3.77 51.07
CA THR A 37 9.16 3.95 49.86
C THR A 37 10.05 3.99 48.63
N LEU A 38 11.14 4.74 48.70
CA LEU A 38 12.05 4.82 47.55
C LEU A 38 12.63 3.46 47.22
N LEU A 39 13.04 2.69 48.24
CA LEU A 39 13.64 1.39 47.99
C LEU A 39 12.62 0.42 47.39
N LEU A 40 11.38 0.47 47.87
CA LEU A 40 10.35 -0.37 47.27
C LEU A 40 10.14 0.00 45.81
N SER A 41 10.09 1.29 45.51
CA SER A 41 9.92 1.72 44.12
C SER A 41 11.09 1.24 43.26
N HIS A 42 12.29 1.28 43.80
CA HIS A 42 13.46 0.83 43.04
C HIS A 42 13.38 -0.68 42.77
N PHE A 43 13.14 -1.46 43.82
CA PHE A 43 13.27 -2.90 43.68
C PHE A 43 12.10 -3.51 42.93
N TYR A 44 10.88 -3.03 43.17
CA TYR A 44 9.74 -3.53 42.42
C TYR A 44 9.69 -2.98 41.00
N ASN A 45 10.57 -2.03 40.66
CA ASN A 45 10.61 -1.42 39.34
C ASN A 45 9.26 -0.81 38.96
N ALA A 46 8.63 -0.15 39.93
CA ALA A 46 7.36 0.54 39.72
C ALA A 46 7.57 2.01 40.01
N LEU A 47 7.36 2.84 39.01
CA LEU A 47 7.59 4.27 39.15
C LEU A 47 6.81 5.03 38.09
N PRO A 48 5.97 5.99 38.48
CA PRO A 48 5.26 6.80 37.48
C PRO A 48 6.23 7.78 36.84
N THR A 49 6.37 7.69 35.52
CA THR A 49 7.31 8.55 34.80
C THR A 49 6.63 9.89 34.50
N ASP A 50 6.59 10.74 35.52
CA ASP A 50 6.03 12.08 35.37
C ASP A 50 6.52 12.93 36.54
N ILE A 51 5.94 14.14 36.65
CA ILE A 51 6.35 15.08 37.68
C ILE A 51 6.17 14.48 39.08
N VAL A 52 4.99 13.94 39.35
CA VAL A 52 4.67 13.51 40.70
C VAL A 52 5.52 12.31 41.12
N GLY A 53 5.80 11.40 40.19
CA GLY A 53 6.68 10.31 40.51
C GLY A 53 8.14 10.63 40.38
N GLY A 54 8.47 11.74 39.76
CA GLY A 54 9.85 12.14 39.60
C GLY A 54 10.33 12.94 40.78
N PHE A 55 9.46 13.80 41.32
CA PHE A 55 9.87 14.60 42.47
C PHE A 55 10.19 13.74 43.68
N ALA A 56 9.49 12.62 43.86
CA ALA A 56 9.74 11.80 45.05
C ALA A 56 11.18 11.32 45.11
N ILE A 57 11.66 10.77 44.00
CA ILE A 57 13.06 10.34 43.90
C ILE A 57 13.98 11.49 44.23
N MET A 58 13.69 12.65 43.65
CA MET A 58 14.59 13.78 43.72
C MET A 58 14.68 14.33 45.14
N PHE A 59 13.54 14.48 45.82
CA PHE A 59 13.58 14.87 47.22
C PHE A 59 14.31 13.87 48.08
N ILE A 60 14.03 12.57 47.93
CA ILE A 60 14.65 11.61 48.84
C ILE A 60 16.16 11.61 48.68
N ILE A 61 16.63 11.50 47.44
CA ILE A 61 18.06 11.42 47.20
C ILE A 61 18.74 12.73 47.58
N GLY A 62 18.15 13.86 47.18
CA GLY A 62 18.73 15.14 47.52
C GLY A 62 18.80 15.34 49.02
N ALA A 63 17.75 14.95 49.75
CA ALA A 63 17.74 15.12 51.19
C ALA A 63 18.85 14.33 51.85
N ILE A 64 18.93 13.03 51.53
CA ILE A 64 19.94 12.20 52.21
C ILE A 64 21.34 12.69 51.88
N PHE A 65 21.61 13.02 50.61
CA PHE A 65 22.99 13.35 50.29
C PHE A 65 23.34 14.79 50.65
N GLY A 66 22.37 15.70 50.66
CA GLY A 66 22.63 17.02 51.19
C GLY A 66 22.94 16.98 52.68
N GLU A 67 22.22 16.16 53.43
CA GLU A 67 22.57 16.00 54.84
C GLU A 67 23.93 15.34 55.00
N ILE A 68 24.23 14.35 54.17
CA ILE A 68 25.56 13.73 54.20
C ILE A 68 26.62 14.73 53.78
N GLY A 69 26.35 15.47 52.70
CA GLY A 69 27.34 16.40 52.20
C GLY A 69 27.66 17.53 53.16
N LYS A 70 26.66 17.98 53.91
CA LYS A 70 26.88 19.09 54.83
C LYS A 70 27.72 18.69 56.05
N ARG A 71 27.93 17.39 56.28
CA ARG A 71 28.59 16.92 57.48
C ARG A 71 29.94 16.26 57.23
N LEU A 72 30.29 15.99 55.99
CA LEU A 72 31.59 15.39 55.70
C LEU A 72 32.67 16.43 55.98
N PRO A 73 33.70 16.11 56.78
CA PRO A 73 34.56 17.16 57.35
C PRO A 73 35.25 18.06 56.34
N ILE A 74 36.01 17.50 55.39
CA ILE A 74 36.72 18.35 54.45
C ILE A 74 35.78 18.88 53.38
N PHE A 75 34.63 18.26 53.20
CA PHE A 75 33.75 18.59 52.08
C PHE A 75 32.77 19.71 52.40
N ASN A 76 32.55 20.00 53.68
CA ASN A 76 31.46 20.91 54.06
C ASN A 76 31.73 22.33 53.57
N LYS A 77 32.97 22.78 53.64
CA LYS A 77 33.30 24.15 53.29
C LYS A 77 34.19 24.28 52.07
N TYR A 78 35.18 23.39 51.92
CA TYR A 78 36.19 23.59 50.89
C TYR A 78 35.69 23.26 49.49
N ILE A 79 34.71 22.35 49.37
CA ILE A 79 34.31 21.87 48.04
C ILE A 79 32.81 22.08 47.89
N GLY A 80 32.27 23.04 48.64
CA GLY A 80 30.92 23.52 48.40
C GLY A 80 29.83 22.85 49.22
N GLY A 81 30.09 21.68 49.77
CA GLY A 81 29.11 21.04 50.64
C GLY A 81 27.97 20.34 49.94
N ALA A 82 26.76 20.56 50.45
CA ALA A 82 25.62 19.72 50.09
C ALA A 82 25.30 19.71 48.60
N PRO A 83 25.18 20.85 47.90
CA PRO A 83 24.81 20.76 46.48
C PRO A 83 25.86 20.08 45.64
N VAL A 84 27.14 20.31 45.94
CA VAL A 84 28.20 19.65 45.19
C VAL A 84 28.18 18.15 45.45
N MET A 85 27.97 17.74 46.70
CA MET A 85 27.82 16.32 47.00
C MET A 85 26.68 15.71 46.22
N ILE A 86 25.54 16.38 46.20
CA ILE A 86 24.36 15.85 45.51
C ILE A 86 24.64 15.70 44.03
N PHE A 87 25.27 16.72 43.44
CA PHE A 87 25.63 16.67 42.02
C PHE A 87 26.57 15.51 41.70
N LEU A 88 27.67 15.38 42.43
CA LEU A 88 28.61 14.30 42.15
C LEU A 88 27.97 12.94 42.36
N VAL A 89 27.17 12.79 43.42
CA VAL A 89 26.57 11.49 43.70
C VAL A 89 25.56 11.12 42.62
N ALA A 90 24.75 12.08 42.17
CA ALA A 90 23.78 11.77 41.11
C ALA A 90 24.48 11.41 39.82
N ALA A 91 25.54 12.14 39.47
CA ALA A 91 26.29 11.80 38.26
C ALA A 91 26.90 10.41 38.37
N TYR A 92 27.45 10.07 39.53
CA TYR A 92 28.01 8.73 39.69
C TYR A 92 26.94 7.66 39.61
N PHE A 93 25.77 7.93 40.18
CA PHE A 93 24.70 6.95 40.17
C PHE A 93 24.24 6.67 38.75
N VAL A 94 24.08 7.71 37.94
CA VAL A 94 23.66 7.45 36.56
C VAL A 94 24.80 6.81 35.78
N TYR A 95 26.05 7.09 36.16
CA TYR A 95 27.17 6.44 35.49
C TYR A 95 27.25 4.97 35.84
N ALA A 96 27.11 4.62 37.12
CA ALA A 96 27.22 3.25 37.55
C ALA A 96 26.01 2.40 37.20
N GLY A 97 24.95 3.02 36.69
CA GLY A 97 23.76 2.27 36.36
C GLY A 97 22.88 1.90 37.53
N ILE A 98 23.07 2.55 38.68
CA ILE A 98 22.23 2.28 39.83
C ILE A 98 20.80 2.70 39.56
N PHE A 99 20.59 3.86 38.94
CA PHE A 99 19.25 4.26 38.55
C PHE A 99 18.66 3.29 37.54
N THR A 100 17.44 2.83 37.83
CA THR A 100 16.69 2.05 36.86
C THR A 100 16.33 2.96 35.69
N GLN A 101 16.02 2.36 34.54
CA GLN A 101 15.63 3.13 33.38
C GLN A 101 14.43 4.02 33.67
N LYS A 102 13.48 3.53 34.46
CA LYS A 102 12.30 4.33 34.78
C LYS A 102 12.67 5.54 35.63
N GLU A 103 13.63 5.39 36.55
CA GLU A 103 14.06 6.53 37.34
C GLU A 103 14.70 7.61 36.47
N ILE A 104 15.54 7.19 35.53
CA ILE A 104 16.14 8.13 34.60
C ILE A 104 15.06 8.83 33.79
N ASP A 105 14.06 8.07 33.34
CA ASP A 105 12.99 8.66 32.55
C ASP A 105 12.19 9.66 33.37
N ALA A 106 11.91 9.35 34.63
CA ALA A 106 11.13 10.27 35.45
C ALA A 106 11.90 11.55 35.73
N ILE A 107 13.18 11.43 36.08
CA ILE A 107 13.97 12.62 36.36
C ILE A 107 14.14 13.45 35.09
N SER A 108 14.32 12.78 33.95
CA SER A 108 14.39 13.50 32.69
C SER A 108 13.07 14.20 32.38
N ASN A 109 11.95 13.54 32.66
CA ASN A 109 10.65 14.15 32.40
C ASN A 109 10.46 15.38 33.27
N VAL A 110 10.99 15.35 34.50
CA VAL A 110 10.89 16.53 35.35
C VAL A 110 11.77 17.65 34.84
N MET A 111 13.02 17.34 34.47
CA MET A 111 13.96 18.40 34.15
C MET A 111 13.91 18.88 32.71
N ASP A 112 14.07 17.97 31.76
CA ASP A 112 14.23 18.34 30.37
C ASP A 112 12.89 18.48 29.64
N LYS A 113 12.03 17.47 29.77
CA LYS A 113 10.72 17.53 29.12
C LYS A 113 9.90 18.70 29.64
N SER A 114 9.58 18.67 30.93
CA SER A 114 8.73 19.70 31.52
C SER A 114 9.46 21.02 31.74
N ASN A 115 10.78 21.05 31.54
CA ASN A 115 11.57 22.27 31.72
C ASN A 115 11.38 22.86 33.10
N PHE A 116 11.39 22.02 34.14
CA PHE A 116 11.37 22.55 35.49
C PHE A 116 12.63 23.38 35.76
N LEU A 117 13.72 23.07 35.07
CA LEU A 117 14.90 23.91 35.17
C LEU A 117 14.61 25.33 34.69
N ASN A 118 13.88 25.44 33.57
CA ASN A 118 13.54 26.74 33.04
C ASN A 118 12.62 27.50 34.00
N LEU A 119 11.66 26.80 34.59
CA LEU A 119 10.80 27.44 35.59
C LEU A 119 11.61 27.93 36.78
N PHE A 120 12.57 27.12 37.22
CA PHE A 120 13.41 27.49 38.35
C PHE A 120 14.20 28.76 38.04
N ILE A 121 14.86 28.78 36.88
CA ILE A 121 15.68 29.93 36.54
C ILE A 121 14.83 31.17 36.34
N ALA A 122 13.65 31.00 35.73
CA ALA A 122 12.76 32.13 35.54
C ALA A 122 12.32 32.71 36.88
N VAL A 123 11.95 31.85 37.82
CA VAL A 123 11.49 32.35 39.11
C VAL A 123 12.62 33.03 39.86
N LEU A 124 13.83 32.46 39.81
CA LEU A 124 14.96 33.12 40.47
C LEU A 124 15.25 34.47 39.85
N ILE A 125 15.21 34.57 38.52
CA ILE A 125 15.46 35.84 37.86
C ILE A 125 14.41 36.86 38.24
N THR A 126 13.15 36.45 38.25
CA THR A 126 12.08 37.36 38.63
C THR A 126 12.25 37.84 40.07
N GLY A 127 12.57 36.92 40.97
CA GLY A 127 12.76 37.32 42.36
C GLY A 127 13.93 38.28 42.54
N ALA A 128 15.03 38.03 41.84
CA ALA A 128 16.19 38.89 42.00
C ALA A 128 15.95 40.28 41.41
N ILE A 129 15.46 40.34 40.17
CA ILE A 129 15.35 41.63 39.49
C ILE A 129 14.23 42.47 40.11
N LEU A 130 13.11 41.84 40.46
CA LEU A 130 11.98 42.61 40.96
C LEU A 130 12.18 43.13 42.37
N SER A 131 13.29 42.80 43.02
CA SER A 131 13.53 43.18 44.40
C SER A 131 14.73 44.11 44.53
N VAL A 132 14.85 45.06 43.61
CA VAL A 132 15.96 46.01 43.64
C VAL A 132 15.41 47.40 43.40
N ASN A 133 16.13 48.41 43.88
CA ASN A 133 15.77 49.79 43.61
C ASN A 133 15.84 50.08 42.12
N ARG A 134 14.81 50.73 41.60
CA ARG A 134 14.69 50.95 40.17
C ARG A 134 15.82 51.80 39.60
N ARG A 135 16.41 52.67 40.40
CA ARG A 135 17.43 53.60 39.92
C ARG A 135 18.84 53.02 39.95
N LEU A 136 19.03 51.85 40.55
CA LEU A 136 20.33 51.20 40.61
C LEU A 136 20.54 50.21 39.48
N LEU A 137 19.61 50.14 38.53
CA LEU A 137 19.62 49.05 37.55
C LEU A 137 20.64 49.30 36.45
N LEU A 138 20.47 50.37 35.68
CA LEU A 138 21.35 50.61 34.54
C LEU A 138 22.77 50.93 35.00
N LYS A 139 22.91 51.63 36.13
CA LYS A 139 24.22 51.92 36.66
C LYS A 139 24.98 50.63 36.98
N SER A 140 24.26 49.60 37.43
CA SER A 140 24.89 48.32 37.70
C SER A 140 25.34 47.65 36.41
N LEU A 141 24.48 47.65 35.38
CA LEU A 141 24.73 46.83 34.20
C LEU A 141 25.83 47.39 33.32
N LEU A 142 25.98 48.72 33.26
CA LEU A 142 26.83 49.33 32.25
C LEU A 142 28.28 48.89 32.40
N GLY A 143 28.73 48.70 33.64
CA GLY A 143 30.07 48.20 33.87
C GLY A 143 30.23 46.70 33.81
N TYR A 144 29.14 45.95 33.70
CA TYR A 144 29.25 44.50 33.76
C TYR A 144 29.82 43.95 32.45
N ILE A 145 29.42 44.52 31.32
CA ILE A 145 29.87 44.01 30.02
C ILE A 145 31.39 44.11 29.84
N PRO A 146 32.05 45.23 30.15
CA PRO A 146 33.52 45.22 30.06
C PRO A 146 34.15 44.18 30.96
N THR A 147 33.54 43.92 32.12
CA THR A 147 34.07 42.90 33.02
C THR A 147 34.10 41.54 32.34
N ILE A 148 32.97 41.11 31.76
CA ILE A 148 32.94 39.80 31.13
C ILE A 148 33.86 39.77 29.93
N LEU A 149 33.97 40.88 29.19
CA LEU A 149 34.78 40.87 27.99
C LEU A 149 36.26 40.72 28.33
N MET A 150 36.75 41.50 29.27
CA MET A 150 38.17 41.35 29.60
C MET A 150 38.43 40.11 30.45
N GLY A 151 37.40 39.54 31.09
CA GLY A 151 37.56 38.21 31.66
C GLY A 151 37.78 37.17 30.58
N ILE A 152 37.04 37.27 29.47
CA ILE A 152 37.31 36.44 28.31
C ILE A 152 38.74 36.64 27.84
N VAL A 153 39.18 37.90 27.83
CA VAL A 153 40.55 38.20 27.38
C VAL A 153 41.57 37.49 28.26
N GLY A 154 41.40 37.57 29.57
CA GLY A 154 42.33 36.93 30.48
C GLY A 154 42.31 35.42 30.36
N ALA A 155 41.13 34.84 30.22
CA ALA A 155 41.03 33.40 30.02
C ALA A 155 41.74 32.97 28.76
N SER A 156 41.60 33.74 27.68
CA SER A 156 42.30 33.43 26.45
C SER A 156 43.82 33.53 26.62
N ILE A 157 44.27 34.54 27.36
CA ILE A 157 45.70 34.70 27.60
C ILE A 157 46.25 33.46 28.30
N PHE A 158 45.60 33.05 29.39
CA PHE A 158 46.11 31.90 30.12
C PHE A 158 45.99 30.62 29.30
N GLY A 159 44.95 30.50 28.48
CA GLY A 159 44.80 29.32 27.65
C GLY A 159 45.91 29.20 26.64
N ILE A 160 46.24 30.29 25.95
CA ILE A 160 47.31 30.23 24.96
C ILE A 160 48.66 30.00 25.65
N ALA A 161 48.83 30.54 26.86
CA ALA A 161 50.07 30.29 27.60
C ALA A 161 50.24 28.81 27.91
N ILE A 162 49.21 28.18 28.47
CA ILE A 162 49.33 26.77 28.81
C ILE A 162 49.41 25.91 27.54
N GLY A 163 48.80 26.37 26.44
CA GLY A 163 48.93 25.64 25.19
C GLY A 163 50.33 25.67 24.64
N LEU A 164 51.00 26.82 24.76
CA LEU A 164 52.42 26.88 24.44
C LEU A 164 53.22 25.96 25.34
N VAL A 165 52.86 25.89 26.62
CA VAL A 165 53.58 25.02 27.55
C VAL A 165 53.47 23.56 27.11
N PHE A 166 52.26 23.12 26.75
CA PHE A 166 52.11 21.77 26.23
C PHE A 166 52.34 21.67 24.73
N GLY A 167 52.73 22.75 24.07
CA GLY A 167 53.05 22.69 22.66
C GLY A 167 51.86 22.62 21.74
N ILE A 168 50.65 22.58 22.27
CA ILE A 168 49.47 22.66 21.40
C ILE A 168 49.43 24.03 20.74
N PRO A 169 49.27 24.11 19.42
CA PRO A 169 49.35 25.41 18.74
C PRO A 169 48.22 26.33 19.18
N VAL A 170 48.51 27.64 19.09
CA VAL A 170 47.58 28.65 19.60
C VAL A 170 46.23 28.57 18.89
N ASP A 171 46.24 28.25 17.59
CA ASP A 171 44.98 28.11 16.87
C ASP A 171 44.16 26.94 17.41
N ARG A 172 44.81 25.80 17.65
CA ARG A 172 44.09 24.66 18.21
C ARG A 172 43.55 24.97 19.59
N ILE A 173 44.34 25.66 20.41
CA ILE A 173 43.88 26.05 21.74
C ILE A 173 42.63 26.91 21.63
N MET A 174 42.67 27.94 20.79
CA MET A 174 41.53 28.85 20.72
C MET A 174 40.30 28.17 20.15
N MET A 175 40.46 27.34 19.12
CA MET A 175 39.29 26.67 18.54
C MET A 175 38.73 25.57 19.41
N LEU A 176 39.53 24.93 20.26
CA LEU A 176 39.05 23.74 20.94
C LEU A 176 38.82 23.91 22.43
N TYR A 177 39.58 24.76 23.12
CA TYR A 177 39.42 24.90 24.55
C TYR A 177 38.84 26.25 24.94
N VAL A 178 39.49 27.36 24.59
CA VAL A 178 39.09 28.64 25.15
C VAL A 178 37.69 29.03 24.69
N LEU A 179 37.33 28.71 23.45
CA LEU A 179 36.00 29.09 22.97
C LEU A 179 34.90 28.25 23.57
N PRO A 180 34.94 26.92 23.55
CA PRO A 180 33.84 26.16 24.18
C PRO A 180 33.70 26.41 25.66
N ILE A 181 34.80 26.69 26.37
CA ILE A 181 34.70 26.91 27.81
C ILE A 181 33.97 28.22 28.09
N MET A 182 34.47 29.32 27.53
CA MET A 182 33.83 30.61 27.71
C MET A 182 32.47 30.70 27.04
N GLY A 183 32.11 29.76 26.19
CA GLY A 183 30.81 29.77 25.56
C GLY A 183 29.69 29.54 26.56
N GLY A 184 28.47 29.64 26.05
CA GLY A 184 27.31 29.52 26.93
C GLY A 184 27.19 28.14 27.55
N GLY A 185 27.24 27.10 26.72
CA GLY A 185 27.04 25.75 27.22
C GLY A 185 26.65 24.83 26.07
N ASN A 186 25.99 23.74 26.43
CA ASN A 186 25.64 22.74 25.42
C ASN A 186 24.57 23.27 24.48
N GLY A 187 23.50 23.83 25.03
CA GLY A 187 22.38 24.25 24.19
C GLY A 187 22.74 25.40 23.27
N ALA A 188 23.45 26.40 23.80
CA ALA A 188 23.87 27.56 23.01
C ALA A 188 25.28 27.91 23.46
N GLY A 189 26.28 27.46 22.71
CA GLY A 189 27.65 27.69 23.08
C GLY A 189 28.56 26.52 22.73
N ALA A 190 27.96 25.34 22.52
CA ALA A 190 28.70 24.20 22.01
C ALA A 190 28.10 23.61 20.76
N VAL A 191 26.80 23.76 20.56
CA VAL A 191 26.17 23.41 19.29
C VAL A 191 26.39 24.51 18.25
N PRO A 192 26.08 25.78 18.53
CA PRO A 192 26.37 26.81 17.51
C PRO A 192 27.85 26.94 17.21
N LEU A 193 28.72 26.67 18.18
CA LEU A 193 30.15 26.64 17.89
C LEU A 193 30.46 25.55 16.87
N SER A 194 29.83 24.39 17.04
CA SER A 194 30.03 23.31 16.07
C SER A 194 29.54 23.72 14.69
N GLU A 195 28.39 24.37 14.62
CA GLU A 195 27.86 24.80 13.32
C GLU A 195 28.78 25.81 12.67
N ILE A 196 29.26 26.79 13.44
CA ILE A 196 30.15 27.81 12.89
C ILE A 196 31.46 27.19 12.43
N TYR A 197 32.00 26.27 13.22
CA TYR A 197 33.25 25.62 12.86
C TYR A 197 33.10 24.83 11.58
N HIS A 198 32.01 24.06 11.44
CA HIS A 198 31.80 23.31 10.22
C HIS A 198 31.59 24.22 9.03
N SER A 199 30.87 25.32 9.22
CA SER A 199 30.64 26.25 8.11
C SER A 199 31.94 26.90 7.66
N VAL A 200 32.81 27.28 8.60
CA VAL A 200 34.00 28.02 8.24
C VAL A 200 35.08 27.08 7.71
N THR A 201 35.54 26.14 8.54
CA THR A 201 36.68 25.34 8.10
C THR A 201 36.28 24.13 7.28
N GLY A 202 34.99 23.81 7.21
CA GLY A 202 34.56 22.69 6.40
C GLY A 202 34.94 21.33 6.91
N ARG A 203 35.50 21.24 8.11
CA ARG A 203 35.87 19.94 8.65
C ARG A 203 34.64 19.24 9.24
N SER A 204 34.88 18.11 9.88
CA SER A 204 33.78 17.34 10.47
C SER A 204 33.20 18.09 11.67
N ARG A 205 31.88 18.04 11.78
CA ARG A 205 31.18 18.75 12.85
C ARG A 205 31.09 17.92 14.12
N GLU A 206 30.49 16.73 14.03
CA GLU A 206 30.26 15.92 15.21
C GLU A 206 31.56 15.53 15.90
N GLU A 207 32.66 15.48 15.15
CA GLU A 207 33.96 15.24 15.78
C GLU A 207 34.34 16.38 16.71
N TYR A 208 34.13 17.62 16.27
CA TYR A 208 34.44 18.77 17.11
C TYR A 208 33.51 18.82 18.32
N TYR A 209 32.23 18.56 18.12
CA TYR A 209 31.25 18.68 19.19
C TYR A 209 31.55 17.72 20.31
N SER A 210 31.97 16.50 19.97
CA SER A 210 32.19 15.47 20.98
C SER A 210 33.27 15.86 21.96
N THR A 211 34.39 16.39 21.46
CA THR A 211 35.46 16.82 22.36
C THR A 211 35.13 18.15 23.02
N ALA A 212 34.41 19.03 22.33
CA ALA A 212 34.06 20.32 22.92
C ALA A 212 33.19 20.13 24.15
N ILE A 213 32.20 19.23 24.08
CA ILE A 213 31.32 19.03 25.21
C ILE A 213 32.08 18.43 26.39
N ALA A 214 33.09 17.59 26.12
CA ALA A 214 33.87 16.99 27.19
C ALA A 214 34.70 18.04 27.92
N ILE A 215 35.42 18.87 27.15
CA ILE A 215 36.20 19.93 27.79
C ILE A 215 35.28 20.88 28.56
N LEU A 216 34.10 21.14 28.00
CA LEU A 216 33.15 22.03 28.66
C LEU A 216 32.73 21.47 30.01
N THR A 217 32.42 20.18 30.07
CA THR A 217 32.03 19.58 31.34
C THR A 217 33.18 19.57 32.34
N ILE A 218 34.41 19.32 31.86
CA ILE A 218 35.56 19.34 32.75
C ILE A 218 35.69 20.70 33.41
N ALA A 219 35.61 21.76 32.61
CA ALA A 219 35.73 23.10 33.19
C ALA A 219 34.53 23.45 34.05
N ASN A 220 33.36 22.85 33.79
CA ASN A 220 32.24 23.07 34.69
C ASN A 220 32.54 22.52 36.08
N ILE A 221 33.12 21.32 36.14
CA ILE A 221 33.50 20.75 37.43
C ILE A 221 34.52 21.63 38.13
N PHE A 222 35.53 22.07 37.38
CA PHE A 222 36.54 22.93 38.00
C PHE A 222 35.97 24.27 38.41
N ALA A 223 34.96 24.77 37.70
CA ALA A 223 34.29 25.99 38.11
C ALA A 223 33.60 25.80 39.45
N ILE A 224 32.97 24.64 39.65
CA ILE A 224 32.35 24.36 40.96
C ILE A 224 33.39 24.41 42.06
N VAL A 225 34.50 23.70 41.86
CA VAL A 225 35.52 23.60 42.91
C VAL A 225 36.12 24.98 43.20
N PHE A 226 36.45 25.71 42.14
CA PHE A 226 37.03 27.04 42.33
C PHE A 226 36.05 28.01 42.95
N ALA A 227 34.75 27.85 42.67
CA ALA A 227 33.75 28.68 43.31
C ALA A 227 33.74 28.47 44.81
N ALA A 228 33.81 27.20 45.24
CA ALA A 228 33.89 26.93 46.67
C ALA A 228 35.16 27.53 47.28
N VAL A 229 36.29 27.40 46.58
CA VAL A 229 37.55 27.94 47.09
C VAL A 229 37.46 29.45 47.22
N LEU A 230 36.89 30.12 46.22
CA LEU A 230 36.75 31.57 46.28
C LEU A 230 35.81 32.00 47.39
N ASP A 231 34.78 31.20 47.67
CA ASP A 231 33.94 31.51 48.82
C ASP A 231 34.74 31.45 50.12
N ILE A 232 35.61 30.44 50.26
CA ILE A 232 36.47 30.35 51.43
C ILE A 232 37.37 31.58 51.53
N ILE A 233 37.97 31.97 50.41
CA ILE A 233 38.85 33.13 50.39
C ILE A 233 38.09 34.39 50.82
N GLY A 234 36.87 34.56 50.31
CA GLY A 234 36.07 35.70 50.70
C GLY A 234 35.72 35.68 52.18
N LYS A 235 35.51 34.48 52.74
CA LYS A 235 35.30 34.37 54.18
C LYS A 235 36.53 34.83 54.94
N LYS A 236 37.72 34.42 54.50
CA LYS A 236 38.94 34.79 55.22
C LYS A 236 39.26 36.27 55.05
N HIS A 237 39.23 36.77 53.82
CA HIS A 237 39.59 38.15 53.52
C HIS A 237 38.31 38.93 53.26
N THR A 238 37.91 39.75 54.23
CA THR A 238 36.65 40.48 54.13
C THR A 238 36.68 41.49 52.99
N TRP A 239 37.80 42.20 52.83
CA TRP A 239 37.86 43.30 51.88
C TRP A 239 37.65 42.83 50.45
N LEU A 240 38.04 41.59 50.14
CA LEU A 240 37.87 41.09 48.78
C LEU A 240 36.40 40.94 48.41
N SER A 241 35.62 40.28 49.25
CA SER A 241 34.25 39.92 48.92
C SER A 241 33.30 40.84 49.66
N GLY A 242 32.49 41.58 48.91
CA GLY A 242 31.35 42.25 49.50
C GLY A 242 30.18 41.29 49.45
N GLU A 243 29.92 40.61 50.56
CA GLU A 243 28.96 39.51 50.57
C GLU A 243 27.59 39.99 50.14
N GLY A 244 27.00 39.28 49.20
CA GLY A 244 25.74 39.70 48.59
C GLY A 244 25.97 40.46 47.30
N GLU A 245 25.55 41.72 47.27
CA GLU A 245 25.62 42.51 46.04
C GLU A 245 27.08 42.70 45.61
N LEU A 246 27.31 42.55 44.30
CA LEU A 246 28.68 42.68 43.81
C LEU A 246 29.15 44.12 43.77
N VAL A 247 28.20 45.06 43.67
CA VAL A 247 28.58 46.46 43.54
C VAL A 247 29.29 46.92 44.81
N ARG A 248 30.20 47.88 44.65
CA ARG A 248 30.99 48.36 45.77
C ARG A 248 30.13 48.99 46.86
N LYS A 249 28.90 49.36 46.52
CA LYS A 249 27.89 49.88 47.44
C LYS A 249 28.30 51.18 48.10
N ALA A 250 29.28 51.89 47.52
CA ALA A 250 29.59 53.23 47.99
C ALA A 250 28.41 54.17 47.81
N SER A 251 27.57 53.92 46.81
CA SER A 251 26.35 54.68 46.58
C SER A 251 25.14 54.06 47.27
N PHE A 252 25.33 52.95 48.00
CA PHE A 252 24.24 52.32 48.73
C PHE A 252 23.95 53.01 50.06
N LYS A 253 24.65 54.10 50.37
CA LYS A 253 24.41 54.82 51.63
C LYS A 253 23.01 55.40 51.67
N VAL A 254 22.42 55.69 50.51
CA VAL A 254 21.04 56.18 50.47
C VAL A 254 20.10 55.12 51.01
N GLU A 255 20.21 53.87 50.51
CA GLU A 255 19.43 52.73 50.98
C GLU A 255 17.93 53.02 50.97
N GLU A 256 17.46 53.58 49.84
CA GLU A 256 16.05 53.94 49.72
C GLU A 256 15.18 52.68 49.73
N ASP A 257 14.14 52.71 50.56
CA ASP A 257 13.21 51.58 50.69
C ASP A 257 11.83 52.12 50.98
N GLU A 258 10.82 51.30 50.69
CA GLU A 258 9.43 51.65 50.91
C GLU A 258 8.75 50.55 51.71
N LYS A 259 7.76 50.94 52.51
CA LYS A 259 7.10 49.99 53.40
C LYS A 259 6.29 48.97 52.59
N THR A 260 6.26 47.75 53.09
CA THR A 260 5.52 46.66 52.47
C THR A 260 4.50 46.12 53.47
N GLY A 261 3.25 46.03 53.06
CA GLY A 261 2.23 45.42 53.90
C GLY A 261 2.40 43.92 54.00
N GLN A 262 1.63 43.33 54.91
CA GLN A 262 1.64 41.88 55.06
C GLN A 262 1.21 41.22 53.76
N ILE A 263 2.00 40.24 53.31
CA ILE A 263 1.78 39.58 52.02
C ILE A 263 1.29 38.16 52.29
N THR A 264 0.10 37.85 51.80
CA THR A 264 -0.49 36.54 51.98
C THR A 264 -0.02 35.60 50.87
N HIS A 265 -0.67 34.45 50.74
CA HIS A 265 -0.30 33.50 49.69
C HIS A 265 -0.47 34.10 48.31
N ARG A 266 -1.49 34.93 48.12
CA ARG A 266 -1.85 35.39 46.79
C ARG A 266 -0.71 36.14 46.12
N GLU A 267 0.08 36.90 46.87
CA GLU A 267 1.20 37.60 46.26
C GLU A 267 2.27 36.64 45.78
N THR A 268 2.46 35.51 46.46
CA THR A 268 3.39 34.50 45.97
C THR A 268 2.94 33.95 44.63
N ALA A 269 1.65 33.64 44.50
CA ALA A 269 1.15 33.16 43.22
C ALA A 269 1.24 34.23 42.16
N VAL A 270 1.04 35.49 42.54
CA VAL A 270 1.20 36.57 41.57
C VAL A 270 2.63 36.65 41.09
N GLY A 271 3.58 36.45 41.99
CA GLY A 271 4.98 36.39 41.58
C GLY A 271 5.24 35.25 40.62
N LEU A 272 4.63 34.10 40.86
CA LEU A 272 4.83 32.98 39.96
C LEU A 272 4.20 33.26 38.59
N VAL A 273 3.04 33.92 38.59
CA VAL A 273 2.39 34.31 37.35
C VAL A 273 3.29 35.25 36.57
N LEU A 274 3.86 36.24 37.27
CA LEU A 274 4.73 37.21 36.61
C LEU A 274 5.95 36.53 36.04
N SER A 275 6.53 35.58 36.78
CA SER A 275 7.68 34.84 36.26
C SER A 275 7.32 34.11 34.99
N THR A 276 6.23 33.33 35.01
CA THR A 276 5.87 32.55 33.84
C THR A 276 5.53 33.44 32.65
N THR A 277 4.77 34.52 32.87
CA THR A 277 4.34 35.33 31.73
C THR A 277 5.48 36.17 31.19
N CYS A 278 6.41 36.62 32.03
CA CYS A 278 7.58 37.32 31.51
C CYS A 278 8.47 36.38 30.74
N PHE A 279 8.57 35.12 31.18
CA PHE A 279 9.27 34.13 30.37
C PHE A 279 8.57 33.93 29.03
N LEU A 280 7.25 33.88 29.03
CA LEU A 280 6.52 33.68 27.78
C LEU A 280 6.76 34.84 26.83
N LEU A 281 6.72 36.07 27.35
CA LEU A 281 6.99 37.23 26.51
C LEU A 281 8.41 37.20 25.98
N ALA A 282 9.37 36.82 26.83
CA ALA A 282 10.75 36.73 26.35
C ALA A 282 10.90 35.68 25.28
N TYR A 283 10.22 34.53 25.44
CA TYR A 283 10.29 33.48 24.43
C TYR A 283 9.70 33.96 23.12
N VAL A 284 8.56 34.64 23.18
CA VAL A 284 7.93 35.14 21.96
C VAL A 284 8.84 36.14 21.26
N VAL A 285 9.40 37.07 22.04
CA VAL A 285 10.31 38.06 21.47
C VAL A 285 11.49 37.37 20.78
N ALA A 286 12.25 36.59 21.55
CA ALA A 286 13.47 35.99 21.03
C ALA A 286 13.22 34.96 19.94
N LYS A 287 12.00 34.46 19.82
CA LYS A 287 11.74 33.51 18.73
C LYS A 287 11.24 34.21 17.47
N LYS A 288 10.31 35.14 17.58
CA LYS A 288 9.66 35.65 16.40
C LYS A 288 9.86 37.14 16.18
N ILE A 289 9.92 37.94 17.24
CA ILE A 289 9.91 39.40 17.05
C ILE A 289 11.30 39.89 16.67
N LEU A 290 12.28 39.70 17.53
CA LEU A 290 13.64 40.18 17.30
C LEU A 290 14.57 39.01 17.57
N PRO A 291 14.66 38.08 16.63
CA PRO A 291 15.43 36.84 16.88
C PRO A 291 16.90 37.09 17.14
N SER A 292 17.51 38.09 16.51
CA SER A 292 18.94 38.29 16.63
C SER A 292 19.27 39.74 16.31
N ILE A 293 19.67 40.48 17.33
CA ILE A 293 20.10 41.86 17.11
C ILE A 293 21.45 41.85 16.42
N GLY A 294 21.57 42.63 15.35
CA GLY A 294 22.73 42.52 14.49
C GLY A 294 22.83 41.12 13.91
N GLY A 295 24.03 40.57 13.94
CA GLY A 295 24.24 39.16 13.67
C GLY A 295 24.30 38.30 14.91
N VAL A 296 24.00 38.87 16.07
CA VAL A 296 24.19 38.20 17.36
C VAL A 296 22.89 37.52 17.75
N ALA A 297 22.92 36.19 17.88
CA ALA A 297 21.77 35.48 18.42
C ALA A 297 21.59 35.81 19.90
N ILE A 298 20.34 35.89 20.33
CA ILE A 298 20.02 36.28 21.70
C ILE A 298 19.15 35.20 22.32
N HIS A 299 19.65 34.57 23.37
CA HIS A 299 18.86 33.62 24.14
C HIS A 299 17.70 34.34 24.82
N TYR A 300 16.58 33.64 24.98
CA TYR A 300 15.41 34.29 25.54
C TYR A 300 15.62 34.68 27.00
N PHE A 301 16.52 34.00 27.70
CA PHE A 301 16.81 34.40 29.06
C PHE A 301 17.53 35.74 29.13
N ALA A 302 18.15 36.18 28.03
CA ALA A 302 18.62 37.56 27.98
C ALA A 302 17.45 38.52 27.99
N TRP A 303 16.44 38.28 27.15
CA TRP A 303 15.26 39.12 27.14
C TRP A 303 14.50 39.01 28.46
N MET A 304 14.55 37.84 29.09
CA MET A 304 13.96 37.64 30.40
C MET A 304 14.42 38.72 31.37
N VAL A 305 15.73 38.95 31.42
CA VAL A 305 16.28 39.96 32.31
C VAL A 305 15.81 41.34 31.88
N LEU A 306 15.86 41.62 30.57
CA LEU A 306 15.40 42.91 30.08
C LEU A 306 13.92 43.14 30.36
N ILE A 307 13.10 42.11 30.14
CA ILE A 307 11.66 42.27 30.36
C ILE A 307 11.38 42.54 31.82
N VAL A 308 11.99 41.77 32.73
CA VAL A 308 11.69 41.98 34.13
C VAL A 308 12.25 43.31 34.63
N ALA A 309 13.41 43.72 34.11
CA ALA A 309 13.94 45.02 34.47
C ALA A 309 13.02 46.14 34.01
N ALA A 310 12.50 46.04 32.80
CA ALA A 310 11.56 47.04 32.31
C ALA A 310 10.30 47.06 33.15
N LEU A 311 9.80 45.88 33.52
CA LEU A 311 8.61 45.81 34.37
C LEU A 311 8.86 46.46 35.72
N ASN A 312 10.04 46.24 36.30
CA ASN A 312 10.37 46.89 37.56
C ASN A 312 10.44 48.40 37.41
N ALA A 313 11.09 48.88 36.34
CA ALA A 313 11.16 50.31 36.12
C ALA A 313 9.81 50.90 35.77
N SER A 314 8.93 50.11 35.16
CA SER A 314 7.61 50.60 34.77
C SER A 314 6.73 50.94 35.97
N GLY A 315 7.07 50.42 37.15
CA GLY A 315 6.28 50.73 38.31
C GLY A 315 4.92 50.06 38.37
N LEU A 316 4.68 49.09 37.49
CA LEU A 316 3.37 48.43 37.45
C LEU A 316 3.10 47.65 38.73
N CYS A 317 4.10 46.93 39.22
CA CYS A 317 3.91 46.03 40.35
C CYS A 317 4.04 46.79 41.67
N SER A 318 3.05 46.61 42.54
CA SER A 318 3.07 47.21 43.86
C SER A 318 4.16 46.55 44.70
N PRO A 319 4.62 47.23 45.75
CA PRO A 319 5.70 46.64 46.58
C PRO A 319 5.33 45.30 47.19
N GLU A 320 4.06 45.07 47.50
CA GLU A 320 3.66 43.77 48.03
C GLU A 320 3.87 42.66 47.01
N ILE A 321 3.64 42.96 45.73
CA ILE A 321 3.92 41.98 44.68
C ILE A 321 5.40 41.65 44.63
N LYS A 322 6.24 42.67 44.75
CA LYS A 322 7.69 42.44 44.74
C LYS A 322 8.12 41.61 45.93
N ALA A 323 7.55 41.88 47.11
CA ALA A 323 7.87 41.07 48.29
C ALA A 323 7.40 39.63 48.11
N GLY A 324 6.24 39.43 47.51
CA GLY A 324 5.77 38.08 47.25
C GLY A 324 6.67 37.33 46.29
N ALA A 325 7.13 38.01 45.23
CA ALA A 325 8.07 37.39 44.30
C ALA A 325 9.36 37.03 45.02
N LYS A 326 9.83 37.91 45.91
CA LYS A 326 11.03 37.60 46.67
C LYS A 326 10.83 36.38 47.55
N ARG A 327 9.65 36.26 48.18
CA ARG A 327 9.39 35.10 49.02
C ARG A 327 9.35 33.82 48.19
N LEU A 328 8.74 33.87 47.01
CA LEU A 328 8.73 32.71 46.14
C LEU A 328 10.14 32.32 45.71
N SER A 329 10.96 33.33 45.39
CA SER A 329 12.34 33.05 45.02
C SER A 329 13.08 32.41 46.18
N ASP A 330 12.83 32.86 47.41
CA ASP A 330 13.46 32.23 48.56
C ASP A 330 13.00 30.79 48.72
N PHE A 331 11.72 30.52 48.51
CA PHE A 331 11.21 29.16 48.65
C PHE A 331 11.86 28.24 47.63
N PHE A 332 12.02 28.71 46.38
CA PHE A 332 12.69 27.87 45.39
C PHE A 332 14.18 27.73 45.70
N SER A 333 14.84 28.82 46.08
CA SER A 333 16.29 28.82 46.19
C SER A 333 16.79 28.12 47.44
N LYS A 334 15.97 27.98 48.46
CA LYS A 334 16.45 27.35 49.68
C LYS A 334 15.80 26.01 49.99
N GLN A 335 14.69 25.68 49.34
CA GLN A 335 14.03 24.40 49.60
C GLN A 335 14.08 23.46 48.41
N LEU A 336 13.68 23.91 47.22
CA LEU A 336 13.68 23.07 46.05
C LEU A 336 15.03 23.02 45.36
N LEU A 337 16.10 23.48 46.01
CA LEU A 337 17.39 23.50 45.37
C LEU A 337 17.97 22.10 45.21
N TRP A 338 17.93 21.31 46.27
CA TRP A 338 18.57 20.00 46.25
C TRP A 338 17.92 19.09 45.20
N VAL A 339 16.60 19.19 45.06
CA VAL A 339 15.91 18.52 43.96
C VAL A 339 16.52 18.92 42.63
N LEU A 340 16.71 20.22 42.44
CA LEU A 340 17.28 20.69 41.18
C LEU A 340 18.70 20.15 41.00
N MET A 341 19.46 20.01 42.08
CA MET A 341 20.80 19.47 41.94
C MET A 341 20.78 18.01 41.52
N VAL A 342 19.86 17.21 42.09
CA VAL A 342 19.72 15.83 41.63
C VAL A 342 19.40 15.81 40.15
N GLY A 343 18.48 16.69 39.73
CA GLY A 343 18.10 16.73 38.33
C GLY A 343 19.25 17.11 37.41
N VAL A 344 20.01 18.13 37.80
CA VAL A 344 21.13 18.56 36.98
C VAL A 344 22.19 17.47 36.88
N GLY A 345 22.46 16.81 38.01
CA GLY A 345 23.41 15.71 37.97
C GLY A 345 22.97 14.59 37.06
N VAL A 346 21.69 14.24 37.10
CA VAL A 346 21.22 13.11 36.30
C VAL A 346 21.18 13.48 34.82
N CYS A 347 20.64 14.64 34.48
CA CYS A 347 20.33 14.96 33.09
C CYS A 347 21.47 15.67 32.38
N TYR A 348 22.00 16.74 32.96
CA TYR A 348 22.92 17.63 32.26
C TYR A 348 24.37 17.40 32.65
N THR A 349 24.74 16.16 32.95
CA THR A 349 26.14 15.84 33.20
C THR A 349 26.33 14.36 32.96
N ASP A 350 27.01 14.02 31.87
CA ASP A 350 27.26 12.63 31.52
C ASP A 350 28.69 12.29 31.91
N LEU A 351 28.83 11.56 33.01
CA LEU A 351 30.16 11.21 33.50
C LEU A 351 30.89 10.28 32.54
N GLN A 352 30.16 9.62 31.63
CA GLN A 352 30.78 8.67 30.72
C GLN A 352 31.74 9.37 29.77
N GLU A 353 31.32 10.47 29.16
CA GLU A 353 32.19 11.16 28.21
C GLU A 353 33.41 11.77 28.90
N ILE A 354 33.21 12.40 30.06
CA ILE A 354 34.33 12.99 30.78
C ILE A 354 35.32 11.91 31.22
N ILE A 355 34.82 10.71 31.54
CA ILE A 355 35.73 9.59 31.80
C ILE A 355 36.47 9.20 30.53
N ASN A 356 35.75 9.07 29.41
CA ASN A 356 36.38 8.67 28.17
C ASN A 356 37.31 9.73 27.60
N ALA A 357 37.22 10.97 28.08
CA ALA A 357 38.05 12.05 27.58
C ALA A 357 38.91 12.66 28.68
N ILE A 358 39.08 11.99 29.80
CA ILE A 358 39.96 12.50 30.85
C ILE A 358 41.41 12.28 30.43
N THR A 359 42.26 13.24 30.76
CA THR A 359 43.70 13.12 30.58
C THR A 359 44.37 14.24 31.34
N PHE A 360 45.68 14.12 31.53
CA PHE A 360 46.44 15.14 32.24
C PHE A 360 46.39 16.48 31.53
N ALA A 361 46.55 16.45 30.20
CA ALA A 361 46.62 17.69 29.44
C ALA A 361 45.28 18.44 29.49
N ASN A 362 44.18 17.72 29.28
CA ASN A 362 42.87 18.37 29.31
C ASN A 362 42.60 18.99 30.67
N VAL A 363 42.91 18.26 31.75
CA VAL A 363 42.65 18.77 33.09
C VAL A 363 43.48 20.01 33.36
N VAL A 364 44.76 19.97 33.01
CA VAL A 364 45.63 21.11 33.28
C VAL A 364 45.17 22.32 32.48
N ILE A 365 44.85 22.12 31.20
CA ILE A 365 44.43 23.23 30.35
C ILE A 365 43.13 23.83 30.88
N ALA A 366 42.16 22.98 31.24
CA ALA A 366 40.91 23.49 31.75
C ALA A 366 41.10 24.25 33.06
N ALA A 367 41.94 23.73 33.95
CA ALA A 367 42.19 24.41 35.21
C ALA A 367 42.82 25.78 34.98
N ILE A 368 43.83 25.84 34.11
CA ILE A 368 44.49 27.11 33.87
C ILE A 368 43.56 28.09 33.17
N ILE A 369 42.72 27.60 32.27
CA ILE A 369 41.78 28.48 31.59
C ILE A 369 40.79 29.08 32.58
N VAL A 370 40.25 28.23 33.47
CA VAL A 370 39.27 28.72 34.44
C VAL A 370 39.91 29.70 35.40
N ILE A 371 41.12 29.40 35.88
CA ILE A 371 41.75 30.30 36.83
C ILE A 371 42.16 31.60 36.15
N GLY A 372 42.52 31.55 34.87
CA GLY A 372 42.78 32.78 34.14
C GLY A 372 41.55 33.62 33.97
N ALA A 373 40.40 32.97 33.70
CA ALA A 373 39.14 33.69 33.65
C ALA A 373 38.83 34.35 34.98
N VAL A 374 39.04 33.63 36.08
CA VAL A 374 38.78 34.18 37.40
C VAL A 374 39.66 35.38 37.67
N LEU A 375 40.96 35.27 37.35
CA LEU A 375 41.88 36.37 37.57
C LEU A 375 41.49 37.58 36.72
N GLY A 376 41.14 37.35 35.45
CA GLY A 376 40.73 38.45 34.61
C GLY A 376 39.49 39.16 35.14
N ALA A 377 38.48 38.37 35.51
CA ALA A 377 37.25 38.98 36.02
C ALA A 377 37.50 39.72 37.32
N ALA A 378 38.35 39.19 38.19
CA ALA A 378 38.65 39.89 39.44
C ALA A 378 39.35 41.21 39.16
N ILE A 379 40.31 41.21 38.24
CA ILE A 379 41.01 42.44 37.88
C ILE A 379 40.03 43.46 37.34
N GLY A 380 39.15 43.04 36.43
CA GLY A 380 38.17 43.96 35.88
C GLY A 380 37.22 44.50 36.92
N GLY A 381 36.77 43.64 37.84
CA GLY A 381 35.84 44.08 38.86
C GLY A 381 36.45 45.08 39.81
N TRP A 382 37.63 44.76 40.36
CA TRP A 382 38.25 45.68 41.31
C TRP A 382 38.71 46.95 40.64
N LEU A 383 39.14 46.86 39.39
CA LEU A 383 39.55 48.04 38.65
C LEU A 383 38.40 49.00 38.45
N MET A 384 37.18 48.49 38.38
CA MET A 384 36.04 49.29 37.95
C MET A 384 34.84 49.04 38.87
N GLY A 385 35.07 49.21 40.17
CA GLY A 385 34.00 49.40 41.12
C GLY A 385 33.21 48.17 41.52
N PHE A 386 33.76 46.98 41.36
CA PHE A 386 33.10 45.76 41.78
C PHE A 386 33.99 45.00 42.76
N PHE A 387 33.35 44.33 43.72
CA PHE A 387 34.09 43.45 44.60
C PHE A 387 34.67 42.30 43.79
N PRO A 388 35.96 41.99 43.94
CA PRO A 388 36.59 40.94 43.14
C PRO A 388 35.87 39.61 43.17
N ILE A 389 35.63 39.07 44.37
CA ILE A 389 35.05 37.74 44.49
C ILE A 389 33.67 37.70 43.86
N GLU A 390 32.81 38.65 44.21
CA GLU A 390 31.49 38.68 43.61
C GLU A 390 31.52 39.05 42.13
N SER A 391 32.63 39.60 41.64
CA SER A 391 32.81 39.83 40.22
C SER A 391 33.64 38.74 39.57
N ALA A 392 34.06 37.74 40.31
CA ALA A 392 34.69 36.56 39.75
C ALA A 392 33.76 35.36 39.74
N ILE A 393 32.94 35.21 40.78
CA ILE A 393 31.91 34.17 40.77
C ILE A 393 30.96 34.39 39.61
N THR A 394 30.46 35.61 39.49
CA THR A 394 29.77 36.02 38.28
C THR A 394 30.79 36.59 37.30
N ALA A 395 30.55 36.35 36.02
CA ALA A 395 31.29 36.93 34.91
C ALA A 395 32.70 36.36 34.75
N GLY A 396 33.16 35.60 35.72
CA GLY A 396 34.41 34.88 35.54
C GLY A 396 34.23 33.38 35.57
N LEU A 397 33.34 32.93 36.46
CA LEU A 397 33.04 31.52 36.60
C LEU A 397 31.71 31.16 35.95
N CYS A 398 30.70 32.00 36.11
CA CYS A 398 29.43 31.78 35.45
C CYS A 398 29.53 31.87 33.94
N MET A 399 30.63 32.41 33.42
CA MET A 399 30.91 32.33 31.99
C MET A 399 31.49 30.97 31.62
N ALA A 400 32.40 30.45 32.45
CA ALA A 400 33.11 29.22 32.10
C ALA A 400 32.20 27.99 32.18
N ASN A 401 31.25 28.00 33.11
CA ASN A 401 30.46 26.82 33.40
C ASN A 401 29.51 26.51 32.24
N ARG A 402 28.73 25.44 32.40
CA ARG A 402 27.91 24.89 31.33
C ARG A 402 26.49 25.40 31.49
N GLY A 403 26.18 26.50 30.81
CA GLY A 403 24.82 27.01 30.68
C GLY A 403 24.17 27.41 31.99
N GLY A 404 22.84 27.49 31.94
CA GLY A 404 22.08 27.86 33.12
C GLY A 404 22.26 26.87 34.25
N SER A 405 22.38 25.59 33.92
CA SER A 405 22.71 24.61 34.93
C SER A 405 24.05 24.92 35.57
N GLY A 406 25.03 25.33 34.75
CA GLY A 406 26.31 25.73 35.29
C GLY A 406 26.20 26.90 36.24
N ASP A 407 25.41 27.91 35.87
CA ASP A 407 25.26 29.06 36.75
C ASP A 407 24.62 28.66 38.07
N LEU A 408 23.58 27.83 38.02
CA LEU A 408 22.93 27.40 39.24
C LEU A 408 23.90 26.63 40.12
N GLU A 409 24.67 25.72 39.52
CA GLU A 409 25.63 24.94 40.29
C GLU A 409 26.66 25.84 40.96
N VAL A 410 27.27 26.74 40.19
CA VAL A 410 28.34 27.58 40.70
C VAL A 410 27.82 28.49 41.81
N LEU A 411 26.69 29.16 41.56
CA LEU A 411 26.14 30.06 42.57
C LEU A 411 25.76 29.31 43.83
N SER A 412 25.19 28.11 43.68
CA SER A 412 24.81 27.32 44.84
C SER A 412 26.02 26.93 45.66
N ALA A 413 27.12 26.58 44.99
CA ALA A 413 28.33 26.23 45.73
C ALA A 413 28.91 27.43 46.47
N CYS A 414 28.62 28.63 46.00
CA CYS A 414 29.06 29.85 46.69
C CYS A 414 28.07 30.34 47.72
N ASN A 415 26.88 29.74 47.78
CA ASN A 415 25.79 30.21 48.63
C ASN A 415 25.45 31.67 48.31
N ARG A 416 25.51 32.03 47.03
CA ARG A 416 25.18 33.36 46.55
C ARG A 416 24.19 33.21 45.40
N MET A 417 22.91 33.12 45.73
CA MET A 417 21.87 33.13 44.71
C MET A 417 21.28 34.51 44.48
N ASN A 418 21.79 35.52 45.19
CA ASN A 418 21.36 36.89 44.92
C ASN A 418 21.80 37.35 43.56
N LEU A 419 22.79 36.69 42.97
CA LEU A 419 23.41 37.14 41.72
C LEU A 419 22.97 36.33 40.51
N ILE A 420 21.86 35.58 40.63
CA ILE A 420 21.43 34.75 39.50
C ILE A 420 21.11 35.61 38.28
N SER A 421 20.64 36.83 38.49
CA SER A 421 20.41 37.74 37.37
C SER A 421 21.71 38.08 36.68
N TYR A 422 22.73 38.45 37.46
CA TYR A 422 24.04 38.74 36.88
C TYR A 422 24.63 37.50 36.23
N ALA A 423 24.42 36.34 36.84
CA ALA A 423 24.93 35.11 36.26
C ALA A 423 24.29 34.83 34.91
N GLN A 424 22.99 35.05 34.78
CA GLN A 424 22.33 34.81 33.51
C GLN A 424 22.72 35.84 32.47
N ILE A 425 22.86 37.10 32.88
CA ILE A 425 23.36 38.11 31.95
C ILE A 425 24.72 37.70 31.43
N SER A 426 25.62 37.33 32.34
CA SER A 426 26.95 36.89 31.95
C SER A 426 26.88 35.71 31.00
N SER A 427 26.12 34.68 31.36
CA SER A 427 26.12 33.46 30.58
C SER A 427 25.58 33.70 29.18
N ARG A 428 24.41 34.32 29.05
CA ARG A 428 23.81 34.49 27.73
C ARG A 428 24.53 35.53 26.89
N LEU A 429 24.79 36.71 27.46
CA LEU A 429 25.49 37.74 26.69
C LEU A 429 26.90 37.29 26.32
N GLY A 430 27.60 36.64 27.25
CA GLY A 430 28.89 36.09 26.91
C GLY A 430 28.82 35.00 25.88
N GLY A 431 27.74 34.20 25.88
CA GLY A 431 27.57 33.23 24.82
C GLY A 431 27.44 33.90 23.47
N GLY A 432 26.65 34.97 23.39
CA GLY A 432 26.53 35.69 22.14
C GLY A 432 27.84 36.32 21.70
N ILE A 433 28.54 36.96 22.65
CA ILE A 433 29.81 37.60 22.33
C ILE A 433 30.84 36.56 21.89
N VAL A 434 30.86 35.40 22.55
CA VAL A 434 31.79 34.34 22.20
C VAL A 434 31.44 33.77 20.83
N LEU A 435 30.16 33.69 20.49
CA LEU A 435 29.78 33.26 19.16
C LEU A 435 30.30 34.22 18.10
N VAL A 436 30.20 35.53 18.38
CA VAL A 436 30.75 36.53 17.46
C VAL A 436 32.27 36.38 17.36
N ILE A 437 32.93 36.22 18.50
CA ILE A 437 34.38 36.07 18.53
C ILE A 437 34.78 34.83 17.75
N ALA A 438 33.99 33.77 17.81
CA ALA A 438 34.26 32.58 17.03
C ALA A 438 34.12 32.85 15.56
N SER A 439 33.01 33.46 15.14
CA SER A 439 32.82 33.78 13.73
C SER A 439 33.94 34.65 13.19
N ILE A 440 34.60 35.40 14.06
CA ILE A 440 35.78 36.15 13.62
C ILE A 440 37.02 35.25 13.58
N VAL A 441 37.31 34.57 14.69
CA VAL A 441 38.62 33.95 14.88
C VAL A 441 38.76 32.68 14.07
N PHE A 442 37.67 32.00 13.76
CA PHE A 442 37.76 30.83 12.88
C PHE A 442 38.32 31.21 11.53
N GLY A 443 37.79 32.27 10.93
CA GLY A 443 38.37 32.78 9.71
C GLY A 443 39.74 33.39 9.91
N MET A 444 39.95 34.10 11.02
CA MET A 444 41.18 34.86 11.17
C MET A 444 42.38 33.93 11.36
N MET A 445 42.24 32.88 12.17
CA MET A 445 43.29 31.87 12.25
C MET A 445 43.34 30.99 11.01
N ILE A 446 42.19 30.73 10.39
CA ILE A 446 42.15 29.83 9.23
C ILE A 446 41.42 30.49 8.07
N SER B 16 -8.87 55.94 39.30
CA SER B 16 -10.23 55.45 39.30
C SER B 16 -10.28 53.96 39.59
N ASP B 17 -11.50 53.40 39.62
CA ASP B 17 -11.65 51.96 39.82
C ASP B 17 -10.99 51.18 38.69
N LEU B 18 -10.97 51.74 37.49
CA LEU B 18 -10.38 51.06 36.34
C LEU B 18 -8.86 50.94 36.45
N LEU B 19 -8.23 51.60 37.41
CA LEU B 19 -6.81 51.44 37.69
C LEU B 19 -6.70 51.19 39.19
N GLY B 20 -6.77 49.93 39.59
CA GLY B 20 -6.79 49.56 40.99
C GLY B 20 -7.69 48.38 41.24
N PHE B 21 -8.59 48.10 40.29
CA PHE B 21 -9.36 46.86 40.31
C PHE B 21 -8.41 45.67 40.18
N LYS B 22 -8.61 44.67 41.03
CA LYS B 22 -7.67 43.57 41.15
C LYS B 22 -8.18 42.33 40.43
N ILE B 23 -7.36 41.77 39.56
CA ILE B 23 -7.59 40.47 38.95
C ILE B 23 -6.53 39.51 39.46
N PHE B 24 -6.98 38.47 40.17
CA PHE B 24 -6.09 37.46 40.75
C PHE B 24 -5.01 38.12 41.59
N GLY B 25 -5.39 39.14 42.35
CA GLY B 25 -4.43 39.86 43.13
C GLY B 25 -3.46 40.71 42.33
N MET B 26 -3.80 41.04 41.09
CA MET B 26 -2.95 41.89 40.28
C MET B 26 -3.69 43.16 39.89
N PRO B 27 -3.03 44.31 39.92
CA PRO B 27 -3.68 45.53 39.42
C PRO B 27 -4.01 45.40 37.95
N LEU B 28 -5.07 46.09 37.53
CA LEU B 28 -5.54 45.96 36.16
C LEU B 28 -4.49 46.25 35.09
N PRO B 29 -3.66 47.29 35.18
CA PRO B 29 -2.64 47.47 34.14
C PRO B 29 -1.63 46.33 34.06
N LEU B 30 -1.25 45.77 35.21
CA LEU B 30 -0.34 44.63 35.19
C LEU B 30 -0.98 43.43 34.50
N TYR B 31 -2.25 43.17 34.80
CA TYR B 31 -2.90 42.06 34.12
C TYR B 31 -3.11 42.37 32.64
N ALA B 32 -3.26 43.65 32.29
CA ALA B 32 -3.32 44.02 30.88
C ALA B 32 -2.00 43.68 30.19
N PHE B 33 -0.89 43.94 30.87
CA PHE B 33 0.41 43.53 30.33
C PHE B 33 0.47 42.03 30.12
N ALA B 34 0.00 41.26 31.10
CA ALA B 34 0.02 39.81 30.97
C ALA B 34 -0.86 39.34 29.83
N LEU B 35 -2.04 39.94 29.68
CA LEU B 35 -2.94 39.57 28.60
C LEU B 35 -2.35 39.95 27.24
N ILE B 36 -1.63 41.07 27.18
CA ILE B 36 -0.93 41.42 25.95
C ILE B 36 0.11 40.37 25.62
N THR B 37 0.82 39.86 26.64
CA THR B 37 1.76 38.78 26.39
C THR B 37 1.08 37.56 25.81
N LEU B 38 -0.06 37.17 26.41
CA LEU B 38 -0.78 36.01 25.91
C LEU B 38 -1.25 36.22 24.48
N LEU B 39 -1.78 37.40 24.16
CA LEU B 39 -2.25 37.66 22.82
C LEU B 39 -1.10 37.67 21.82
N LEU B 40 0.05 38.18 22.22
CA LEU B 40 1.22 38.13 21.36
C LEU B 40 1.62 36.69 21.06
N SER B 41 1.61 35.85 22.10
CA SER B 41 1.93 34.44 21.89
C SER B 41 0.94 33.78 20.95
N HIS B 42 -0.35 34.09 21.12
CA HIS B 42 -1.37 33.51 20.25
C HIS B 42 -1.19 33.97 18.81
N PHE B 43 -0.91 35.26 18.63
CA PHE B 43 -0.78 35.81 17.27
C PHE B 43 0.43 35.23 16.56
N TYR B 44 1.59 35.26 17.21
CA TYR B 44 2.79 34.76 16.55
C TYR B 44 2.89 33.25 16.57
N ASN B 45 1.99 32.57 17.28
CA ASN B 45 1.97 31.12 17.37
C ASN B 45 3.30 30.57 17.87
N ALA B 46 3.91 31.29 18.81
CA ALA B 46 5.12 30.86 19.47
C ALA B 46 4.80 30.59 20.93
N LEU B 47 5.04 29.37 21.38
CA LEU B 47 4.68 28.99 22.73
C LEU B 47 5.46 27.74 23.15
N PRO B 48 6.17 27.78 24.26
CA PRO B 48 6.89 26.60 24.73
C PRO B 48 5.92 25.60 25.34
N THR B 49 5.77 24.45 24.70
CA THR B 49 4.79 23.45 25.13
C THR B 49 5.37 22.63 26.27
N ASP B 50 5.53 23.28 27.41
CA ASP B 50 6.00 22.62 28.62
C ASP B 50 5.36 23.33 29.81
N ILE B 51 5.92 23.10 31.00
CA ILE B 51 5.31 23.65 32.22
C ILE B 51 5.27 25.16 32.19
N VAL B 52 6.34 25.80 31.72
CA VAL B 52 6.40 27.25 31.82
C VAL B 52 5.36 27.90 30.91
N GLY B 53 5.29 27.49 29.65
CA GLY B 53 4.29 28.04 28.76
C GLY B 53 2.88 27.64 29.15
N GLY B 54 2.71 26.40 29.59
CA GLY B 54 1.40 25.96 30.03
C GLY B 54 0.87 26.79 31.18
N PHE B 55 1.70 27.00 32.20
CA PHE B 55 1.31 27.88 33.29
C PHE B 55 1.09 29.30 32.79
N ALA B 56 1.92 29.76 31.85
CA ALA B 56 1.81 31.13 31.38
C ALA B 56 0.46 31.41 30.75
N ILE B 57 -0.07 30.47 29.98
CA ILE B 57 -1.39 30.72 29.40
C ILE B 57 -2.52 30.35 30.35
N MET B 58 -2.35 29.30 31.16
CA MET B 58 -3.46 28.86 32.00
C MET B 58 -3.70 29.80 33.16
N PHE B 59 -2.65 30.40 33.72
CA PHE B 59 -2.87 31.46 34.72
C PHE B 59 -3.64 32.62 34.14
N ILE B 60 -3.31 33.05 32.92
CA ILE B 60 -3.98 34.22 32.35
C ILE B 60 -5.46 33.94 32.15
N ILE B 61 -5.76 32.81 31.48
CA ILE B 61 -7.16 32.48 31.20
C ILE B 61 -7.92 32.27 32.51
N GLY B 62 -7.33 31.51 33.42
CA GLY B 62 -7.99 31.25 34.69
C GLY B 62 -8.21 32.51 35.49
N ALA B 63 -7.23 33.42 35.50
CA ALA B 63 -7.36 34.64 36.27
C ALA B 63 -8.54 35.47 35.76
N ILE B 64 -8.57 35.74 34.45
CA ILE B 64 -9.64 36.61 33.96
C ILE B 64 -11.00 35.94 34.15
N PHE B 65 -11.11 34.66 33.81
CA PHE B 65 -12.45 34.09 33.84
C PHE B 65 -12.89 33.69 35.24
N GLY B 66 -11.96 33.51 36.17
CA GLY B 66 -12.34 33.27 37.54
C GLY B 66 -12.73 34.56 38.22
N GLU B 67 -12.12 35.68 37.82
CA GLU B 67 -12.60 36.95 38.32
C GLU B 67 -13.99 37.26 37.79
N ILE B 68 -14.25 36.90 36.53
CA ILE B 68 -15.59 37.06 35.99
C ILE B 68 -16.58 36.18 36.74
N GLY B 69 -16.21 34.93 36.97
CA GLY B 69 -17.12 34.01 37.65
C GLY B 69 -17.37 34.38 39.09
N LYS B 70 -16.36 34.93 39.77
CA LYS B 70 -16.51 35.27 41.18
C LYS B 70 -17.38 36.51 41.37
N ARG B 71 -17.22 37.50 40.50
CA ARG B 71 -17.95 38.75 40.64
C ARG B 71 -19.24 38.74 39.83
N LEU B 72 -20.05 37.70 40.05
CA LEU B 72 -21.35 37.58 39.39
C LEU B 72 -22.36 37.27 40.48
N PRO B 73 -23.51 37.94 40.49
CA PRO B 73 -24.38 37.92 41.68
C PRO B 73 -24.87 36.55 42.12
N ILE B 74 -25.54 35.83 41.24
CA ILE B 74 -26.11 34.54 41.62
C ILE B 74 -25.15 33.40 41.31
N PHE B 75 -24.27 33.56 40.33
CA PHE B 75 -23.38 32.48 39.92
C PHE B 75 -22.46 32.06 41.05
N ASN B 76 -21.75 33.04 41.65
CA ASN B 76 -20.69 32.69 42.60
C ASN B 76 -21.27 32.05 43.86
N LYS B 77 -22.42 32.51 44.32
CA LYS B 77 -22.96 32.02 45.58
C LYS B 77 -23.50 30.60 45.44
N TYR B 78 -24.04 30.25 44.28
CA TYR B 78 -24.78 29.01 44.13
C TYR B 78 -24.09 28.03 43.19
N ILE B 79 -23.81 28.43 41.95
CA ILE B 79 -23.31 27.48 40.96
C ILE B 79 -21.91 27.01 41.29
N GLY B 80 -21.10 27.84 41.93
CA GLY B 80 -19.77 27.41 42.31
C GLY B 80 -18.73 28.50 42.17
N GLY B 81 -18.96 29.46 41.31
CA GLY B 81 -18.05 30.58 41.18
C GLY B 81 -16.92 30.34 40.22
N ALA B 82 -15.72 30.76 40.61
CA ALA B 82 -14.56 30.76 39.72
C ALA B 82 -14.25 29.41 39.09
N PRO B 83 -14.22 28.28 39.81
CA PRO B 83 -13.89 27.01 39.13
C PRO B 83 -14.88 26.64 38.04
N VAL B 84 -16.18 26.78 38.31
CA VAL B 84 -17.19 26.37 37.35
C VAL B 84 -17.11 27.23 36.09
N MET B 85 -17.06 28.55 36.28
CA MET B 85 -16.95 29.45 35.14
C MET B 85 -15.68 29.18 34.35
N ILE B 86 -14.57 28.96 35.05
CA ILE B 86 -13.30 28.76 34.36
C ILE B 86 -13.35 27.53 33.48
N PHE B 87 -13.79 26.40 34.03
CA PHE B 87 -13.72 25.20 33.20
C PHE B 87 -14.80 25.19 32.14
N LEU B 88 -15.96 25.81 32.39
CA LEU B 88 -16.96 25.93 31.35
C LEU B 88 -16.42 26.77 30.19
N VAL B 89 -15.79 27.90 30.49
CA VAL B 89 -15.30 28.77 29.44
C VAL B 89 -14.17 28.10 28.67
N ALA B 90 -13.28 27.40 29.36
CA ALA B 90 -12.21 26.69 28.66
C ALA B 90 -12.77 25.61 27.75
N ALA B 91 -13.79 24.88 28.22
CA ALA B 91 -14.42 23.88 27.38
C ALA B 91 -15.06 24.51 26.17
N TYR B 92 -15.69 25.67 26.33
CA TYR B 92 -16.27 26.35 25.18
C TYR B 92 -15.20 26.80 24.20
N PHE B 93 -14.08 27.28 24.72
CA PHE B 93 -12.97 27.69 23.85
C PHE B 93 -12.47 26.52 23.02
N VAL B 94 -12.36 25.34 23.64
CA VAL B 94 -11.98 24.16 22.88
C VAL B 94 -13.04 23.80 21.85
N TYR B 95 -14.31 23.84 22.25
CA TYR B 95 -15.39 23.39 21.37
C TYR B 95 -15.52 24.29 20.15
N ALA B 96 -15.35 25.60 20.33
CA ALA B 96 -15.45 26.53 19.21
C ALA B 96 -14.13 26.68 18.46
N GLY B 97 -13.10 25.93 18.84
CA GLY B 97 -11.85 25.98 18.13
C GLY B 97 -11.15 27.33 18.21
N ILE B 98 -11.21 27.97 19.38
CA ILE B 98 -10.56 29.26 19.53
C ILE B 98 -9.07 29.08 19.80
N PHE B 99 -8.71 28.15 20.68
CA PHE B 99 -7.31 27.84 20.91
C PHE B 99 -6.62 27.36 19.65
N THR B 100 -5.50 28.00 19.32
CA THR B 100 -4.58 27.44 18.36
C THR B 100 -4.07 26.11 18.88
N GLN B 101 -3.71 25.22 17.96
CA GLN B 101 -3.34 23.86 18.34
C GLN B 101 -2.21 23.82 19.36
N LYS B 102 -1.33 24.82 19.34
CA LYS B 102 -0.20 24.80 20.27
C LYS B 102 -0.64 24.99 21.72
N GLU B 103 -1.63 25.85 21.98
CA GLU B 103 -2.13 25.97 23.34
C GLU B 103 -2.78 24.69 23.82
N ILE B 104 -3.54 24.02 22.95
CA ILE B 104 -4.10 22.73 23.31
C ILE B 104 -3.00 21.73 23.65
N ASP B 105 -1.94 21.72 22.85
CA ASP B 105 -0.83 20.82 23.16
C ASP B 105 -0.18 21.19 24.48
N ALA B 106 -0.03 22.48 24.77
CA ALA B 106 0.59 22.89 26.02
C ALA B 106 -0.23 22.46 27.23
N ILE B 107 -1.55 22.65 27.14
CA ILE B 107 -2.41 22.29 28.27
C ILE B 107 -2.47 20.78 28.44
N SER B 108 -2.62 20.04 27.34
CA SER B 108 -2.59 18.58 27.43
C SER B 108 -1.24 18.09 27.92
N ASN B 109 -0.17 18.82 27.64
CA ASN B 109 1.14 18.43 28.13
C ASN B 109 1.22 18.61 29.64
N VAL B 110 0.76 19.75 30.14
CA VAL B 110 0.94 20.03 31.56
C VAL B 110 -0.18 19.38 32.36
N MET B 111 -1.06 18.64 31.70
CA MET B 111 -1.98 17.81 32.48
C MET B 111 -1.86 16.31 32.27
N ASP B 112 -1.30 15.84 31.16
CA ASP B 112 -1.19 14.41 30.94
C ASP B 112 0.26 13.94 30.90
N LYS B 113 1.08 14.49 30.02
CA LYS B 113 2.47 14.02 29.93
C LYS B 113 3.27 14.45 31.14
N SER B 114 3.19 15.73 31.51
CA SER B 114 3.78 16.13 32.78
C SER B 114 2.98 15.59 33.95
N ASN B 115 1.68 15.39 33.75
CA ASN B 115 0.81 14.82 34.78
C ASN B 115 0.83 15.65 36.05
N PHE B 116 0.82 16.98 35.89
CA PHE B 116 0.67 17.88 37.02
C PHE B 116 -0.64 17.63 37.77
N LEU B 117 -1.63 17.05 37.09
CA LEU B 117 -2.90 16.72 37.73
C LEU B 117 -2.70 15.77 38.90
N ASN B 118 -1.89 14.72 38.71
CA ASN B 118 -1.68 13.78 39.79
C ASN B 118 -0.95 14.42 40.96
N LEU B 119 0.00 15.32 40.68
CA LEU B 119 0.65 16.06 41.75
C LEU B 119 -0.36 16.90 42.52
N PHE B 120 -1.27 17.55 41.80
CA PHE B 120 -2.27 18.39 42.46
C PHE B 120 -3.17 17.55 43.34
N ILE B 121 -3.65 16.42 42.83
CA ILE B 121 -4.55 15.59 43.61
C ILE B 121 -3.84 14.99 44.81
N ALA B 122 -2.58 14.58 44.64
CA ALA B 122 -1.83 14.05 45.75
C ALA B 122 -1.65 15.10 46.84
N VAL B 123 -1.34 16.34 46.43
CA VAL B 123 -1.17 17.40 47.40
C VAL B 123 -2.47 17.66 48.14
N LEU B 124 -3.60 17.70 47.42
CA LEU B 124 -4.87 17.92 48.09
C LEU B 124 -5.19 16.80 49.07
N ILE B 125 -4.99 15.56 48.67
CA ILE B 125 -5.33 14.43 49.54
C ILE B 125 -4.49 14.47 50.80
N THR B 126 -3.17 14.64 50.64
CA THR B 126 -2.32 14.61 51.82
C THR B 126 -2.56 15.83 52.71
N GLY B 127 -2.76 17.01 52.12
CA GLY B 127 -3.04 18.18 52.92
C GLY B 127 -4.34 18.09 53.66
N ALA B 128 -5.35 17.45 53.04
CA ALA B 128 -6.63 17.30 53.72
C ALA B 128 -6.53 16.32 54.87
N ILE B 129 -5.93 15.16 54.63
CA ILE B 129 -5.99 14.11 55.65
C ILE B 129 -4.96 14.34 56.75
N LEU B 130 -3.71 14.66 56.37
CA LEU B 130 -2.66 14.83 57.36
C LEU B 130 -2.92 16.01 58.29
N SER B 131 -3.71 16.99 57.86
CA SER B 131 -3.92 18.17 58.69
C SER B 131 -4.83 17.91 59.88
N VAL B 132 -5.64 16.86 59.83
CA VAL B 132 -6.54 16.55 60.95
C VAL B 132 -5.71 16.23 62.18
N ASN B 133 -6.11 16.78 63.31
CA ASN B 133 -5.44 16.49 64.57
C ASN B 133 -5.53 15.00 64.88
N ARG B 134 -4.40 14.44 65.33
CA ARG B 134 -4.32 13.00 65.55
C ARG B 134 -5.35 12.53 66.57
N ARG B 135 -5.48 13.26 67.67
CA ARG B 135 -6.50 12.93 68.66
C ARG B 135 -7.89 13.01 68.06
N LEU B 136 -8.14 14.05 67.26
CA LEU B 136 -9.44 14.18 66.60
C LEU B 136 -9.70 13.03 65.66
N LEU B 137 -8.69 12.61 64.90
CA LEU B 137 -8.87 11.50 63.97
C LEU B 137 -9.17 10.21 64.73
N LEU B 138 -8.43 9.94 65.81
CA LEU B 138 -8.65 8.71 66.56
C LEU B 138 -10.01 8.71 67.23
N LYS B 139 -10.43 9.85 67.78
CA LYS B 139 -11.76 9.93 68.39
C LYS B 139 -12.85 9.78 67.34
N SER B 140 -12.67 10.40 66.18
CA SER B 140 -13.69 10.32 65.13
C SER B 140 -13.78 8.93 64.54
N LEU B 141 -12.69 8.17 64.56
CA LEU B 141 -12.75 6.79 64.10
C LEU B 141 -13.59 5.92 65.02
N LEU B 142 -13.89 6.39 66.23
CA LEU B 142 -14.71 5.61 67.15
C LEU B 142 -16.17 5.61 66.73
N GLY B 143 -16.79 6.79 66.74
CA GLY B 143 -18.21 6.85 66.46
C GLY B 143 -18.65 7.81 65.39
N TYR B 144 -17.81 8.79 65.05
CA TYR B 144 -18.23 9.80 64.08
C TYR B 144 -18.16 9.25 62.66
N ILE B 145 -17.04 8.64 62.28
CA ILE B 145 -16.86 8.05 60.96
C ILE B 145 -17.97 7.03 60.66
N PRO B 146 -18.40 6.20 61.62
CA PRO B 146 -19.59 5.37 61.35
C PRO B 146 -20.80 6.17 60.91
N THR B 147 -21.04 7.36 61.48
CA THR B 147 -22.14 8.18 61.01
C THR B 147 -21.92 8.62 59.57
N ILE B 148 -20.67 8.95 59.22
CA ILE B 148 -20.36 9.29 57.83
C ILE B 148 -20.72 8.14 56.91
N LEU B 149 -20.29 6.94 57.25
CA LEU B 149 -20.49 5.81 56.35
C LEU B 149 -21.96 5.41 56.28
N MET B 150 -22.69 5.53 57.39
CA MET B 150 -24.12 5.23 57.35
C MET B 150 -24.87 6.31 56.58
N GLY B 151 -24.42 7.55 56.62
CA GLY B 151 -24.97 8.55 55.73
C GLY B 151 -24.72 8.20 54.27
N ILE B 152 -23.52 7.69 53.98
CA ILE B 152 -23.22 7.25 52.61
C ILE B 152 -24.20 6.16 52.18
N VAL B 153 -24.41 5.16 53.03
CA VAL B 153 -25.23 4.03 52.62
C VAL B 153 -26.71 4.43 52.53
N GLY B 154 -27.15 5.33 53.41
CA GLY B 154 -28.52 5.82 53.32
C GLY B 154 -28.77 6.62 52.07
N ALA B 155 -27.84 7.52 51.73
CA ALA B 155 -27.95 8.24 50.47
C ALA B 155 -27.93 7.28 49.30
N SER B 156 -27.11 6.23 49.38
CA SER B 156 -27.03 5.26 48.30
C SER B 156 -28.35 4.53 48.10
N ILE B 157 -28.98 4.07 49.18
CA ILE B 157 -30.22 3.31 49.03
C ILE B 157 -31.35 4.23 48.56
N PHE B 158 -31.42 5.46 49.07
CA PHE B 158 -32.46 6.35 48.58
C PHE B 158 -32.26 6.68 47.11
N GLY B 159 -31.00 6.90 46.72
CA GLY B 159 -30.72 7.16 45.32
C GLY B 159 -31.05 5.98 44.44
N ILE B 160 -30.80 4.77 44.92
CA ILE B 160 -31.09 3.60 44.09
C ILE B 160 -32.60 3.43 43.96
N ALA B 161 -33.36 3.74 45.02
CA ALA B 161 -34.80 3.65 44.94
C ALA B 161 -35.35 4.64 43.93
N ILE B 162 -34.93 5.91 44.03
CA ILE B 162 -35.45 6.90 43.09
C ILE B 162 -34.94 6.62 41.68
N GLY B 163 -33.78 5.98 41.54
CA GLY B 163 -33.31 5.61 40.23
C GLY B 163 -34.17 4.54 39.57
N LEU B 164 -34.52 3.51 40.34
CA LEU B 164 -35.46 2.51 39.83
C LEU B 164 -36.82 3.12 39.56
N VAL B 165 -37.18 4.20 40.26
CA VAL B 165 -38.41 4.91 39.90
C VAL B 165 -38.32 5.47 38.49
N PHE B 166 -37.19 6.09 38.15
CA PHE B 166 -37.01 6.69 36.84
C PHE B 166 -36.41 5.73 35.82
N GLY B 167 -36.15 4.49 36.20
CA GLY B 167 -35.60 3.53 35.25
C GLY B 167 -34.12 3.67 34.99
N ILE B 168 -33.43 4.57 35.69
CA ILE B 168 -31.98 4.66 35.56
C ILE B 168 -31.36 3.38 36.13
N PRO B 169 -30.40 2.77 35.44
CA PRO B 169 -29.84 1.50 35.95
C PRO B 169 -29.13 1.68 37.27
N VAL B 170 -28.99 0.55 37.98
CA VAL B 170 -28.38 0.55 39.31
C VAL B 170 -26.95 1.06 39.25
N ASP B 171 -26.16 0.54 38.31
CA ASP B 171 -24.76 0.92 38.24
C ASP B 171 -24.59 2.40 37.94
N ARG B 172 -25.40 2.94 37.02
CA ARG B 172 -25.26 4.35 36.67
C ARG B 172 -25.60 5.24 37.86
N ILE B 173 -26.64 4.89 38.62
CA ILE B 173 -26.98 5.65 39.82
C ILE B 173 -25.84 5.59 40.82
N MET B 174 -25.27 4.40 41.01
CA MET B 174 -24.26 4.26 42.05
C MET B 174 -22.95 4.95 41.69
N MET B 175 -22.54 4.92 40.42
CA MET B 175 -21.26 5.52 40.09
C MET B 175 -21.36 6.99 39.71
N LEU B 176 -22.44 7.43 39.07
CA LEU B 176 -22.47 8.76 38.50
C LEU B 176 -23.21 9.78 39.34
N TYR B 177 -24.00 9.35 40.32
CA TYR B 177 -24.77 10.29 41.13
C TYR B 177 -24.38 10.26 42.59
N VAL B 178 -24.40 9.09 43.23
CA VAL B 178 -24.21 9.03 44.69
C VAL B 178 -22.77 9.36 45.05
N LEU B 179 -21.81 8.81 44.32
CA LEU B 179 -20.41 9.08 44.65
C LEU B 179 -20.03 10.53 44.41
N PRO B 180 -20.29 11.14 43.24
CA PRO B 180 -19.90 12.55 43.08
C PRO B 180 -20.57 13.49 44.04
N ILE B 181 -21.80 13.21 44.44
CA ILE B 181 -22.47 14.06 45.41
C ILE B 181 -21.77 14.01 46.76
N MET B 182 -21.43 12.81 47.21
CA MET B 182 -20.71 12.63 48.47
C MET B 182 -19.22 12.86 48.30
N GLY B 183 -18.84 13.98 47.69
CA GLY B 183 -17.43 14.19 47.44
C GLY B 183 -16.88 15.44 48.08
N GLY B 184 -15.65 15.79 47.72
CA GLY B 184 -15.06 17.04 48.16
C GLY B 184 -15.19 18.09 47.08
N GLY B 185 -16.05 17.83 46.11
CA GLY B 185 -16.28 18.76 45.03
C GLY B 185 -15.42 18.47 43.81
N ASN B 186 -15.37 19.47 42.93
CA ASN B 186 -14.58 19.32 41.71
C ASN B 186 -13.09 19.33 41.99
N GLY B 187 -12.68 19.93 43.10
CA GLY B 187 -11.27 19.95 43.44
C GLY B 187 -10.73 18.56 43.71
N ALA B 188 -11.19 17.96 44.80
CA ALA B 188 -10.79 16.61 45.19
C ALA B 188 -12.06 15.83 45.49
N GLY B 189 -12.56 15.10 44.51
CA GLY B 189 -13.80 14.38 44.69
C GLY B 189 -14.64 14.28 43.44
N ALA B 190 -14.27 14.98 42.37
CA ALA B 190 -14.97 14.80 41.11
C ALA B 190 -13.95 14.56 39.99
N VAL B 191 -12.76 15.11 40.15
CA VAL B 191 -11.64 14.81 39.27
C VAL B 191 -11.02 13.46 39.62
N PRO B 192 -10.63 13.20 40.89
CA PRO B 192 -10.09 11.87 41.19
C PRO B 192 -11.09 10.76 40.95
N LEU B 193 -12.38 11.02 41.15
CA LEU B 193 -13.38 10.03 40.82
C LEU B 193 -13.37 9.72 39.33
N SER B 194 -13.24 10.75 38.49
CA SER B 194 -13.16 10.53 37.06
C SER B 194 -11.92 9.72 36.70
N GLU B 195 -10.79 10.02 37.33
CA GLU B 195 -9.57 9.27 37.05
C GLU B 195 -9.72 7.81 37.45
N ILE B 196 -10.32 7.55 38.62
CA ILE B 196 -10.54 6.18 39.06
C ILE B 196 -11.48 5.46 38.11
N TYR B 197 -12.51 6.17 37.65
CA TYR B 197 -13.45 5.60 36.70
C TYR B 197 -12.76 5.21 35.39
N HIS B 198 -11.88 6.07 34.90
CA HIS B 198 -11.18 5.76 33.66
C HIS B 198 -10.20 4.62 33.83
N SER B 199 -9.51 4.54 34.97
CA SER B 199 -8.51 3.50 35.15
C SER B 199 -9.16 2.15 35.41
N VAL B 200 -10.21 2.11 36.24
CA VAL B 200 -10.80 0.84 36.64
C VAL B 200 -11.72 0.31 35.56
N THR B 201 -12.74 1.07 35.20
CA THR B 201 -13.71 0.60 34.22
C THR B 201 -13.10 0.58 32.82
N GLY B 202 -12.43 1.65 32.43
CA GLY B 202 -11.74 1.71 31.18
C GLY B 202 -12.38 2.59 30.12
N ARG B 203 -13.63 3.00 30.29
CA ARG B 203 -14.25 3.82 29.26
C ARG B 203 -13.86 5.28 29.47
N SER B 204 -14.45 6.18 28.69
CA SER B 204 -14.02 7.56 28.66
C SER B 204 -14.33 8.29 29.96
N ARG B 205 -13.39 9.11 30.41
CA ARG B 205 -13.58 9.88 31.64
C ARG B 205 -14.24 11.22 31.40
N GLU B 206 -14.28 11.69 30.15
CA GLU B 206 -14.97 12.93 29.85
C GLU B 206 -16.44 12.82 30.20
N GLU B 207 -17.06 11.70 29.83
CA GLU B 207 -18.45 11.47 30.14
C GLU B 207 -18.70 11.55 31.64
N TYR B 208 -17.87 10.86 32.41
CA TYR B 208 -18.09 10.79 33.86
C TYR B 208 -18.00 12.16 34.49
N TYR B 209 -16.90 12.89 34.26
CA TYR B 209 -16.73 14.17 34.92
C TYR B 209 -17.79 15.16 34.45
N SER B 210 -18.07 15.18 33.14
CA SER B 210 -19.04 16.13 32.62
C SER B 210 -20.42 15.89 33.22
N THR B 211 -20.85 14.63 33.31
CA THR B 211 -22.16 14.39 33.89
C THR B 211 -22.14 14.39 35.41
N ALA B 212 -20.97 14.39 36.03
CA ALA B 212 -20.91 14.41 37.49
C ALA B 212 -20.91 15.81 38.06
N ILE B 213 -20.28 16.76 37.36
CA ILE B 213 -20.16 18.10 37.93
C ILE B 213 -21.55 18.77 38.04
N ALA B 214 -22.43 18.49 37.08
CA ALA B 214 -23.77 19.06 37.13
C ALA B 214 -24.54 18.54 38.34
N ILE B 215 -24.52 17.21 38.54
CA ILE B 215 -25.19 16.62 39.69
C ILE B 215 -24.59 17.17 40.98
N LEU B 216 -23.27 17.35 41.00
CA LEU B 216 -22.60 17.86 42.19
C LEU B 216 -23.09 19.26 42.54
N THR B 217 -23.17 20.15 41.56
CA THR B 217 -23.63 21.50 41.84
C THR B 217 -25.08 21.52 42.26
N ILE B 218 -25.91 20.70 41.62
CA ILE B 218 -27.33 20.63 41.99
C ILE B 218 -27.47 20.17 43.44
N ALA B 219 -26.70 19.15 43.82
CA ALA B 219 -26.72 18.68 45.19
C ALA B 219 -26.24 19.76 46.15
N ASN B 220 -25.27 20.57 45.74
CA ASN B 220 -24.83 21.67 46.59
C ASN B 220 -25.97 22.65 46.84
N ILE B 221 -26.73 22.99 45.80
CA ILE B 221 -27.88 23.88 45.97
C ILE B 221 -28.87 23.27 46.95
N PHE B 222 -29.17 22.00 46.78
CA PHE B 222 -30.15 21.37 47.65
C PHE B 222 -29.66 21.27 49.08
N ALA B 223 -28.35 21.09 49.27
CA ALA B 223 -27.79 21.11 50.61
C ALA B 223 -27.97 22.47 51.26
N ILE B 224 -27.75 23.53 50.48
CA ILE B 224 -27.94 24.88 51.01
C ILE B 224 -29.37 25.07 51.46
N VAL B 225 -30.34 24.63 50.66
CA VAL B 225 -31.74 24.80 51.02
C VAL B 225 -32.09 23.95 52.25
N PHE B 226 -31.70 22.68 52.23
CA PHE B 226 -32.03 21.78 53.33
C PHE B 226 -31.36 22.20 54.62
N ALA B 227 -30.30 23.00 54.57
CA ALA B 227 -29.73 23.55 55.79
C ALA B 227 -30.77 24.38 56.54
N ALA B 228 -31.38 25.35 55.85
CA ALA B 228 -32.41 26.17 56.47
C ALA B 228 -33.63 25.34 56.84
N VAL B 229 -33.96 24.35 56.00
CA VAL B 229 -35.11 23.49 56.31
C VAL B 229 -34.87 22.75 57.63
N LEU B 230 -33.67 22.19 57.80
CA LEU B 230 -33.35 21.47 59.02
C LEU B 230 -33.27 22.40 60.21
N ASP B 231 -32.81 23.64 60.01
CA ASP B 231 -32.82 24.61 61.09
C ASP B 231 -34.24 24.86 61.58
N ILE B 232 -35.17 25.04 60.64
CA ILE B 232 -36.56 25.27 61.02
C ILE B 232 -37.13 24.05 61.74
N ILE B 233 -36.82 22.85 61.24
CA ILE B 233 -37.30 21.63 61.88
C ILE B 233 -36.78 21.54 63.32
N GLY B 234 -35.50 21.81 63.50
CA GLY B 234 -34.94 21.80 64.84
C GLY B 234 -35.55 22.85 65.75
N LYS B 235 -35.95 23.98 65.18
CA LYS B 235 -36.68 24.97 65.96
C LYS B 235 -38.03 24.43 66.40
N LYS B 236 -38.75 23.75 65.51
CA LYS B 236 -40.09 23.27 65.84
C LYS B 236 -40.06 22.18 66.91
N HIS B 237 -39.26 21.15 66.70
CA HIS B 237 -39.21 19.99 67.58
C HIS B 237 -37.87 19.93 68.28
N THR B 238 -37.85 19.47 69.52
CA THR B 238 -36.66 19.59 70.35
C THR B 238 -36.00 18.26 70.68
N TRP B 239 -36.75 17.17 70.81
CA TRP B 239 -36.16 15.91 71.26
C TRP B 239 -35.10 15.43 70.27
N LEU B 240 -35.31 15.64 68.98
CA LEU B 240 -34.33 15.33 67.97
C LEU B 240 -33.47 16.54 67.62
N SER B 241 -33.52 17.59 68.41
CA SER B 241 -32.77 18.80 68.14
C SER B 241 -31.77 19.07 69.26
N GLY B 242 -30.70 19.79 68.89
CA GLY B 242 -29.75 20.29 69.86
C GLY B 242 -29.56 21.77 69.67
N GLU B 243 -28.89 22.44 70.62
CA GLU B 243 -28.57 23.84 70.45
C GLU B 243 -27.11 23.98 70.00
N GLY B 244 -26.86 23.50 68.79
CA GLY B 244 -25.55 23.63 68.19
C GLY B 244 -24.45 22.83 68.85
N GLU B 245 -24.78 21.68 69.43
CA GLU B 245 -23.78 20.79 70.03
C GLU B 245 -23.95 19.41 69.41
N LEU B 246 -22.89 18.89 68.79
CA LEU B 246 -22.99 17.62 68.09
C LEU B 246 -23.22 16.47 69.06
N VAL B 247 -22.42 16.37 70.09
CA VAL B 247 -22.48 15.22 70.99
C VAL B 247 -23.56 15.47 72.03
N ARG B 248 -24.16 14.38 72.51
CA ARG B 248 -25.27 14.44 73.45
C ARG B 248 -24.83 13.92 74.81
N LYS B 249 -25.26 14.61 75.87
CA LYS B 249 -25.04 14.27 77.29
C LYS B 249 -23.59 13.92 77.59
N ALA B 250 -22.64 14.42 76.79
CA ALA B 250 -21.22 14.19 77.02
C ALA B 250 -20.55 15.53 77.31
N SER B 251 -19.83 15.60 78.43
CA SER B 251 -19.20 16.85 78.82
C SER B 251 -18.07 17.23 77.87
N PHE B 252 -17.22 16.27 77.52
CA PHE B 252 -15.99 16.47 76.76
C PHE B 252 -15.13 17.53 77.44
N LYS B 253 -15.05 17.50 78.79
CA LYS B 253 -14.66 18.61 79.68
C LYS B 253 -13.42 19.33 79.12
N VAL B 254 -12.29 18.66 78.98
CA VAL B 254 -11.06 19.31 78.53
C VAL B 254 -10.43 18.49 77.43
N GLU B 255 -10.14 19.14 76.30
CA GLU B 255 -9.33 18.57 75.23
C GLU B 255 -8.04 19.38 75.12
N GLU B 256 -6.91 18.70 75.11
CA GLU B 256 -5.60 19.34 75.04
C GLU B 256 -5.05 19.19 73.62
N ASP B 257 -4.75 20.32 72.99
CA ASP B 257 -4.24 20.35 71.62
C ASP B 257 -2.82 20.87 71.63
N GLU B 258 -1.93 20.16 70.95
CA GLU B 258 -0.53 20.56 70.89
C GLU B 258 -0.38 21.86 70.12
N LYS B 259 0.45 22.75 70.64
CA LYS B 259 0.71 24.02 69.97
C LYS B 259 1.69 23.83 68.82
N THR B 260 1.60 24.71 67.83
CA THR B 260 2.50 24.73 66.69
C THR B 260 3.49 25.86 66.87
N GLY B 261 4.78 25.53 66.87
CA GLY B 261 5.79 26.54 67.12
C GLY B 261 5.84 27.60 66.04
N GLN B 262 6.13 27.19 64.80
CA GLN B 262 6.24 28.13 63.69
C GLN B 262 6.23 27.36 62.38
N ILE B 263 5.82 28.01 61.30
CA ILE B 263 5.78 27.37 59.99
C ILE B 263 6.79 28.03 59.08
N THR B 264 8.00 27.49 59.04
CA THR B 264 8.99 27.98 58.10
C THR B 264 8.72 27.42 56.72
N HIS B 265 9.48 27.89 55.74
CA HIS B 265 9.35 27.36 54.39
C HIS B 265 9.77 25.90 54.33
N ARG B 266 10.63 25.47 55.25
CA ARG B 266 11.12 24.10 55.21
C ARG B 266 10.00 23.10 55.41
N GLU B 267 9.07 23.40 56.33
CA GLU B 267 7.99 22.47 56.60
C GLU B 267 6.99 22.43 55.45
N THR B 268 6.77 23.57 54.79
CA THR B 268 5.94 23.57 53.60
C THR B 268 6.55 22.68 52.52
N ALA B 269 7.87 22.73 52.36
CA ALA B 269 8.53 21.83 51.43
C ALA B 269 8.38 20.38 51.87
N VAL B 270 8.47 20.12 53.17
CA VAL B 270 8.21 18.78 53.69
C VAL B 270 6.81 18.34 53.31
N GLY B 271 5.90 19.30 53.13
CA GLY B 271 4.59 18.97 52.59
C GLY B 271 4.66 18.32 51.22
N LEU B 272 5.51 18.84 50.34
CA LEU B 272 5.70 18.20 49.03
C LEU B 272 6.31 16.82 49.16
N VAL B 273 7.30 16.67 50.05
CA VAL B 273 7.97 15.39 50.18
C VAL B 273 6.98 14.31 50.59
N LEU B 274 6.19 14.58 51.62
CA LEU B 274 5.19 13.61 52.04
C LEU B 274 4.10 13.44 50.99
N SER B 275 3.82 14.48 50.21
CA SER B 275 2.79 14.37 49.20
C SER B 275 3.18 13.37 48.11
N THR B 276 4.38 13.52 47.56
CA THR B 276 4.80 12.61 46.51
C THR B 276 5.24 11.26 47.06
N THR B 277 5.86 11.22 48.24
CA THR B 277 6.28 9.95 48.81
C THR B 277 5.10 9.05 49.10
N CYS B 278 4.04 9.60 49.70
CA CYS B 278 2.84 8.81 49.92
C CYS B 278 2.25 8.37 48.59
N PHE B 279 2.25 9.25 47.59
CA PHE B 279 1.79 8.87 46.27
C PHE B 279 2.66 7.77 45.69
N LEU B 280 3.98 7.88 45.85
CA LEU B 280 4.86 6.86 45.30
C LEU B 280 4.61 5.50 45.95
N LEU B 281 4.47 5.49 47.27
CA LEU B 281 4.21 4.22 47.96
C LEU B 281 2.85 3.66 47.55
N ALA B 282 1.85 4.52 47.40
CA ALA B 282 0.54 4.04 46.96
C ALA B 282 0.62 3.47 45.57
N TYR B 283 1.37 4.11 44.67
CA TYR B 283 1.51 3.58 43.32
C TYR B 283 2.21 2.23 43.33
N VAL B 284 3.28 2.11 44.12
CA VAL B 284 3.99 0.84 44.20
C VAL B 284 3.08 -0.26 44.72
N VAL B 285 2.33 0.04 45.79
CA VAL B 285 1.42 -0.97 46.34
C VAL B 285 0.39 -1.38 45.31
N ALA B 286 -0.32 -0.41 44.74
CA ALA B 286 -1.44 -0.72 43.88
C ALA B 286 -1.02 -1.21 42.50
N LYS B 287 0.25 -1.13 42.13
CA LYS B 287 0.69 -1.68 40.87
C LYS B 287 1.51 -2.95 40.99
N LYS B 288 2.13 -3.20 42.13
CA LYS B 288 2.94 -4.40 42.22
C LYS B 288 2.62 -5.25 43.44
N ILE B 289 2.29 -4.65 44.57
CA ILE B 289 2.23 -5.41 45.82
C ILE B 289 0.86 -6.04 45.98
N LEU B 290 -0.18 -5.22 46.04
CA LEU B 290 -1.56 -5.68 46.22
C LEU B 290 -2.42 -5.12 45.11
N PRO B 291 -2.29 -5.65 43.88
CA PRO B 291 -3.14 -5.15 42.79
C PRO B 291 -4.63 -5.39 43.03
N SER B 292 -4.99 -6.42 43.78
CA SER B 292 -6.40 -6.70 44.06
C SER B 292 -6.49 -7.36 45.42
N ILE B 293 -7.04 -6.65 46.40
CA ILE B 293 -7.12 -7.20 47.75
C ILE B 293 -8.10 -8.37 47.80
N GLY B 294 -9.19 -8.29 47.02
CA GLY B 294 -10.06 -9.42 46.85
C GLY B 294 -10.00 -9.89 45.40
N GLY B 295 -11.14 -10.00 44.76
CA GLY B 295 -11.19 -10.12 43.32
C GLY B 295 -11.28 -8.78 42.63
N VAL B 296 -11.16 -7.69 43.38
CA VAL B 296 -11.40 -6.34 42.89
C VAL B 296 -10.10 -5.54 42.98
N ALA B 297 -9.78 -4.84 41.90
CA ALA B 297 -8.61 -3.97 41.87
C ALA B 297 -8.87 -2.71 42.66
N ILE B 298 -7.82 -2.19 43.29
CA ILE B 298 -7.89 -0.96 44.07
C ILE B 298 -7.00 0.06 43.40
N HIS B 299 -7.59 1.20 43.01
CA HIS B 299 -6.80 2.26 42.41
C HIS B 299 -5.90 2.91 43.44
N TYR B 300 -4.76 3.42 42.99
CA TYR B 300 -3.75 3.90 43.93
C TYR B 300 -4.18 5.15 44.67
N PHE B 301 -5.24 5.83 44.24
CA PHE B 301 -5.75 6.95 45.02
C PHE B 301 -6.33 6.48 46.35
N ALA B 302 -7.08 5.37 46.32
CA ALA B 302 -7.58 4.80 47.56
C ALA B 302 -6.43 4.38 48.46
N TRP B 303 -5.38 3.80 47.87
CA TRP B 303 -4.23 3.42 48.67
C TRP B 303 -3.53 4.64 49.24
N MET B 304 -3.50 5.75 48.50
CA MET B 304 -2.93 6.97 49.04
C MET B 304 -3.74 7.47 50.24
N VAL B 305 -5.06 7.41 50.14
CA VAL B 305 -5.89 7.83 51.26
C VAL B 305 -5.59 6.97 52.48
N LEU B 306 -5.56 5.65 52.30
CA LEU B 306 -5.31 4.76 53.42
C LEU B 306 -3.90 4.98 54.00
N ILE B 307 -2.91 5.17 53.13
CA ILE B 307 -1.54 5.34 53.58
C ILE B 307 -1.39 6.63 54.37
N VAL B 308 -1.97 7.72 53.87
CA VAL B 308 -1.84 8.99 54.56
C VAL B 308 -2.58 8.95 55.90
N ALA B 309 -3.75 8.30 55.93
CA ALA B 309 -4.45 8.15 57.20
C ALA B 309 -3.63 7.35 58.19
N ALA B 310 -3.01 6.26 57.73
CA ALA B 310 -2.17 5.46 58.61
C ALA B 310 -0.98 6.26 59.11
N LEU B 311 -0.37 7.05 58.23
CA LEU B 311 0.76 7.88 58.63
C LEU B 311 0.35 8.89 59.68
N ASN B 312 -0.83 9.49 59.50
CA ASN B 312 -1.34 10.44 60.49
C ASN B 312 -1.57 9.75 61.83
N ALA B 313 -2.13 8.54 61.81
CA ALA B 313 -2.42 7.83 63.05
C ALA B 313 -1.12 7.42 63.75
N SER B 314 -0.11 7.05 62.98
CA SER B 314 1.16 6.64 63.56
C SER B 314 1.88 7.77 64.29
N GLY B 315 1.55 9.02 63.97
CA GLY B 315 2.15 10.12 64.67
C GLY B 315 3.60 10.38 64.38
N LEU B 316 4.09 9.91 63.22
CA LEU B 316 5.47 10.22 62.85
C LEU B 316 5.65 11.70 62.57
N CYS B 317 4.64 12.34 61.98
CA CYS B 317 4.74 13.74 61.62
C CYS B 317 4.57 14.61 62.86
N SER B 318 5.50 15.53 63.06
CA SER B 318 5.39 16.48 64.15
C SER B 318 4.20 17.42 63.90
N PRO B 319 3.65 18.02 64.95
CA PRO B 319 2.55 18.97 64.73
C PRO B 319 2.93 20.14 63.85
N GLU B 320 4.21 20.51 63.82
CA GLU B 320 4.66 21.55 62.90
C GLU B 320 4.52 21.11 61.46
N ILE B 321 4.86 19.85 61.16
CA ILE B 321 4.77 19.35 59.79
C ILE B 321 3.31 19.23 59.37
N LYS B 322 2.44 18.79 60.28
CA LYS B 322 1.02 18.67 59.98
C LYS B 322 0.46 19.99 59.45
N ALA B 323 0.70 21.07 60.19
CA ALA B 323 0.28 22.39 59.71
C ALA B 323 1.06 22.80 58.47
N GLY B 324 2.28 22.28 58.30
CA GLY B 324 3.03 22.58 57.10
C GLY B 324 2.35 22.07 55.85
N ALA B 325 1.92 20.81 55.87
CA ALA B 325 1.23 20.25 54.71
C ALA B 325 -0.11 20.94 54.48
N LYS B 326 -0.79 21.32 55.56
CA LYS B 326 -2.04 22.06 55.41
C LYS B 326 -1.81 23.40 54.73
N ARG B 327 -0.72 24.07 55.09
CA ARG B 327 -0.40 25.34 54.44
C ARG B 327 -0.15 25.16 52.96
N LEU B 328 0.58 24.11 52.60
CA LEU B 328 0.86 23.85 51.19
C LEU B 328 -0.42 23.53 50.43
N SER B 329 -1.30 22.73 51.03
CA SER B 329 -2.56 22.41 50.37
C SER B 329 -3.40 23.65 50.15
N ASP B 330 -3.37 24.59 51.10
CA ASP B 330 -4.11 25.83 50.94
C ASP B 330 -3.58 26.62 49.74
N PHE B 331 -2.28 26.60 49.52
CA PHE B 331 -1.72 27.28 48.35
C PHE B 331 -2.20 26.61 47.07
N PHE B 332 -2.19 25.28 47.03
CA PHE B 332 -2.66 24.58 45.84
C PHE B 332 -4.15 24.76 45.64
N SER B 333 -4.92 24.69 46.72
CA SER B 333 -6.38 24.65 46.59
C SER B 333 -7.00 26.02 46.37
N LYS B 334 -6.27 27.10 46.66
CA LYS B 334 -6.82 28.43 46.52
C LYS B 334 -6.15 29.27 45.45
N GLN B 335 -4.86 29.09 45.23
CA GLN B 335 -4.14 29.85 44.21
C GLN B 335 -3.94 29.07 42.93
N LEU B 336 -3.51 27.82 43.04
CA LEU B 336 -3.24 26.99 41.87
C LEU B 336 -4.46 26.22 41.41
N LEU B 337 -5.62 26.46 42.01
CA LEU B 337 -6.83 25.73 41.59
C LEU B 337 -7.31 26.21 40.23
N TRP B 338 -7.15 27.50 39.93
CA TRP B 338 -7.66 28.03 38.67
C TRP B 338 -6.91 27.46 37.48
N VAL B 339 -5.60 27.27 37.62
CA VAL B 339 -4.82 26.59 36.59
C VAL B 339 -5.36 25.20 36.34
N LEU B 340 -5.55 24.43 37.42
CA LEU B 340 -6.10 23.10 37.28
C LEU B 340 -7.47 23.13 36.62
N MET B 341 -8.26 24.15 36.91
CA MET B 341 -9.61 24.19 36.35
C MET B 341 -9.56 24.48 34.86
N VAL B 342 -8.64 25.34 34.42
CA VAL B 342 -8.46 25.52 32.97
C VAL B 342 -8.07 24.20 32.33
N GLY B 343 -7.13 23.49 32.94
CA GLY B 343 -6.72 22.21 32.41
C GLY B 343 -7.86 21.22 32.35
N VAL B 344 -8.70 21.21 33.38
CA VAL B 344 -9.82 20.27 33.44
C VAL B 344 -10.86 20.62 32.39
N GLY B 345 -11.09 21.92 32.19
CA GLY B 345 -12.00 22.34 31.14
C GLY B 345 -11.54 21.89 29.77
N VAL B 346 -10.22 21.95 29.53
CA VAL B 346 -9.72 21.52 28.23
C VAL B 346 -9.78 20.00 28.10
N CYS B 347 -9.26 19.28 29.08
CA CYS B 347 -9.01 17.85 28.92
C CYS B 347 -10.16 16.95 29.37
N TYR B 348 -11.12 17.47 30.12
CA TYR B 348 -12.14 16.61 30.72
C TYR B 348 -13.56 16.94 30.29
N THR B 349 -13.88 18.21 30.09
CA THR B 349 -15.27 18.60 29.95
C THR B 349 -15.78 18.32 28.54
N ASP B 350 -17.06 17.94 28.47
CA ASP B 350 -17.79 17.79 27.21
C ASP B 350 -19.12 18.50 27.38
N LEU B 351 -19.25 19.68 26.77
CA LEU B 351 -20.37 20.57 27.07
C LEU B 351 -21.71 19.93 26.76
N GLN B 352 -21.78 19.12 25.71
CA GLN B 352 -23.03 18.46 25.36
C GLN B 352 -23.52 17.57 26.49
N GLU B 353 -22.60 16.86 27.14
CA GLU B 353 -22.98 16.02 28.26
C GLU B 353 -23.49 16.85 29.43
N ILE B 354 -22.86 17.99 29.69
CA ILE B 354 -23.32 18.85 30.78
C ILE B 354 -24.72 19.36 30.51
N ILE B 355 -24.98 19.79 29.28
CA ILE B 355 -26.32 20.27 28.93
C ILE B 355 -27.33 19.14 29.05
N ASN B 356 -26.96 17.94 28.59
CA ASN B 356 -27.85 16.79 28.75
C ASN B 356 -28.04 16.41 30.21
N ALA B 357 -27.10 16.75 31.08
CA ALA B 357 -27.21 16.38 32.48
C ALA B 357 -28.24 17.21 33.23
N ILE B 358 -28.36 18.50 32.92
CA ILE B 358 -29.32 19.36 33.60
C ILE B 358 -30.71 19.02 33.06
N THR B 359 -31.51 18.36 33.88
CA THR B 359 -32.88 18.01 33.52
C THR B 359 -33.66 17.79 34.79
N PHE B 360 -34.97 17.67 34.66
CA PHE B 360 -35.82 17.52 35.84
C PHE B 360 -35.53 16.21 36.56
N ALA B 361 -35.28 15.14 35.81
CA ALA B 361 -34.98 13.85 36.42
C ALA B 361 -33.75 13.92 37.29
N ASN B 362 -32.68 14.55 36.79
CA ASN B 362 -31.46 14.66 37.58
C ASN B 362 -31.62 15.60 38.77
N VAL B 363 -32.37 16.70 38.62
CA VAL B 363 -32.50 17.63 39.74
C VAL B 363 -33.44 17.09 40.81
N VAL B 364 -34.26 16.09 40.50
CA VAL B 364 -34.99 15.43 41.57
C VAL B 364 -34.21 14.25 42.14
N ILE B 365 -33.42 13.56 41.33
CA ILE B 365 -32.58 12.48 41.83
C ILE B 365 -31.57 13.02 42.83
N ALA B 366 -30.96 14.16 42.53
CA ALA B 366 -30.00 14.74 43.46
C ALA B 366 -30.65 15.10 44.79
N ALA B 367 -31.85 15.68 44.75
CA ALA B 367 -32.54 16.04 45.98
C ALA B 367 -32.89 14.80 46.79
N ILE B 368 -33.34 13.73 46.14
CA ILE B 368 -33.63 12.50 46.86
C ILE B 368 -32.36 11.94 47.49
N ILE B 369 -31.24 12.01 46.76
CA ILE B 369 -29.98 11.49 47.29
C ILE B 369 -29.56 12.29 48.53
N VAL B 370 -29.70 13.61 48.48
CA VAL B 370 -29.31 14.42 49.63
C VAL B 370 -30.24 14.15 50.80
N ILE B 371 -31.53 13.94 50.54
CA ILE B 371 -32.44 13.55 51.61
C ILE B 371 -32.01 12.24 52.25
N GLY B 372 -31.63 11.27 51.41
CA GLY B 372 -31.15 10.01 51.94
C GLY B 372 -29.92 10.17 52.80
N ALA B 373 -29.00 11.04 52.37
CA ALA B 373 -27.82 11.34 53.18
C ALA B 373 -28.24 11.92 54.53
N VAL B 374 -29.21 12.82 54.52
CA VAL B 374 -29.65 13.47 55.76
C VAL B 374 -30.22 12.44 56.72
N LEU B 375 -31.12 11.60 56.24
CA LEU B 375 -31.73 10.60 57.13
C LEU B 375 -30.72 9.56 57.62
N GLY B 376 -29.84 9.09 56.73
CA GLY B 376 -28.82 8.15 57.18
C GLY B 376 -27.91 8.75 58.23
N ALA B 377 -27.50 10.00 58.01
CA ALA B 377 -26.66 10.67 58.99
C ALA B 377 -27.38 10.84 60.32
N ALA B 378 -28.66 11.22 60.28
CA ALA B 378 -29.40 11.43 61.52
C ALA B 378 -29.58 10.14 62.29
N ILE B 379 -29.94 9.05 61.61
CA ILE B 379 -30.14 7.80 62.31
C ILE B 379 -28.82 7.27 62.86
N GLY B 380 -27.73 7.45 62.12
CA GLY B 380 -26.43 7.04 62.64
C GLY B 380 -26.03 7.85 63.85
N GLY B 381 -26.21 9.17 63.78
CA GLY B 381 -25.86 10.02 64.91
C GLY B 381 -26.66 9.71 66.14
N TRP B 382 -27.93 9.37 65.97
CA TRP B 382 -28.70 8.96 67.15
C TRP B 382 -28.22 7.63 67.67
N LEU B 383 -27.82 6.71 66.79
CA LEU B 383 -27.31 5.43 67.24
C LEU B 383 -25.96 5.55 67.94
N MET B 384 -25.19 6.60 67.66
CA MET B 384 -23.92 6.83 68.33
C MET B 384 -23.92 8.11 69.16
N GLY B 385 -25.05 8.42 69.78
CA GLY B 385 -25.08 9.40 70.84
C GLY B 385 -24.94 10.84 70.45
N PHE B 386 -25.16 11.17 69.19
CA PHE B 386 -25.20 12.57 68.78
C PHE B 386 -26.64 13.06 68.69
N PHE B 387 -26.79 14.37 68.77
CA PHE B 387 -28.07 15.00 68.43
C PHE B 387 -28.31 14.82 66.94
N PRO B 388 -29.42 14.20 66.52
CA PRO B 388 -29.57 13.88 65.10
C PRO B 388 -29.58 15.07 64.18
N ILE B 389 -30.10 16.22 64.62
CA ILE B 389 -30.25 17.35 63.70
C ILE B 389 -28.88 17.95 63.35
N GLU B 390 -27.98 18.07 64.34
CA GLU B 390 -26.62 18.45 64.01
C GLU B 390 -25.85 17.30 63.38
N SER B 391 -26.13 16.07 63.81
CA SER B 391 -25.51 14.92 63.18
C SER B 391 -25.84 14.88 61.70
N ALA B 392 -27.10 15.14 61.35
CA ALA B 392 -27.49 15.15 59.94
C ALA B 392 -26.68 16.18 59.17
N ILE B 393 -26.65 17.41 59.66
CA ILE B 393 -25.95 18.48 58.94
C ILE B 393 -24.48 18.13 58.78
N THR B 394 -23.81 17.79 59.88
CA THR B 394 -22.37 17.61 59.86
C THR B 394 -21.97 16.37 59.06
N ALA B 395 -22.74 15.30 59.15
CA ALA B 395 -22.32 14.06 58.51
C ALA B 395 -22.75 13.99 57.05
N GLY B 396 -23.97 14.42 56.73
CA GLY B 396 -24.41 14.35 55.36
C GLY B 396 -24.33 15.67 54.61
N LEU B 397 -24.83 16.74 55.21
CA LEU B 397 -24.89 18.01 54.48
C LEU B 397 -23.49 18.58 54.25
N CYS B 398 -22.61 18.48 55.25
CA CYS B 398 -21.23 18.86 55.02
C CYS B 398 -20.56 17.94 54.01
N MET B 399 -20.99 16.67 53.97
CA MET B 399 -20.47 15.75 52.96
C MET B 399 -21.02 16.09 51.58
N ALA B 400 -22.31 16.39 51.49
CA ALA B 400 -22.92 16.74 50.20
C ALA B 400 -22.69 18.23 49.90
N ASN B 401 -21.45 18.53 49.55
CA ASN B 401 -21.05 19.89 49.20
C ASN B 401 -19.91 19.84 48.21
N ARG B 402 -19.40 21.02 47.86
CA ARG B 402 -18.18 21.15 47.08
C ARG B 402 -16.97 21.29 48.02
N GLY B 403 -16.88 20.34 48.94
CA GLY B 403 -15.74 20.27 49.84
C GLY B 403 -15.64 21.51 50.72
N GLY B 404 -14.44 22.09 50.75
CA GLY B 404 -14.18 23.20 51.65
C GLY B 404 -15.03 24.42 51.35
N SER B 405 -15.35 24.65 50.08
CA SER B 405 -16.14 25.82 49.72
C SER B 405 -17.53 25.78 50.33
N GLY B 406 -18.16 24.61 50.36
CA GLY B 406 -19.53 24.50 50.79
C GLY B 406 -19.77 24.37 52.27
N ASP B 407 -18.74 24.04 53.05
CA ASP B 407 -18.94 23.85 54.49
C ASP B 407 -19.33 25.16 55.16
N LEU B 408 -18.57 26.23 54.90
CA LEU B 408 -18.87 27.51 55.53
C LEU B 408 -20.22 28.05 55.05
N GLU B 409 -20.53 27.85 53.77
CA GLU B 409 -21.81 28.31 53.25
C GLU B 409 -22.97 27.59 53.90
N VAL B 410 -22.87 26.28 54.04
CA VAL B 410 -23.95 25.50 54.66
C VAL B 410 -24.09 25.88 56.13
N LEU B 411 -22.97 25.91 56.85
CA LEU B 411 -23.04 26.22 58.28
C LEU B 411 -23.36 27.69 58.54
N SER B 412 -23.29 28.54 57.53
CA SER B 412 -23.79 29.90 57.65
C SER B 412 -25.25 30.01 57.28
N ALA B 413 -25.75 29.09 56.44
CA ALA B 413 -27.19 29.02 56.21
C ALA B 413 -27.92 28.70 57.50
N CYS B 414 -27.41 27.74 58.26
CA CYS B 414 -27.84 27.57 59.64
C CYS B 414 -27.09 28.55 60.53
N ASN B 415 -27.57 28.71 61.76
CA ASN B 415 -26.85 29.51 62.73
C ASN B 415 -25.93 28.66 63.60
N ARG B 416 -25.10 27.84 62.96
CA ARG B 416 -24.19 26.94 63.66
C ARG B 416 -22.79 27.15 63.12
N MET B 417 -21.90 27.65 63.97
CA MET B 417 -20.49 27.76 63.64
C MET B 417 -19.59 26.94 64.54
N ASN B 418 -20.07 26.50 65.70
CA ASN B 418 -19.27 25.69 66.61
C ASN B 418 -18.95 24.32 66.05
N LEU B 419 -19.62 23.90 64.98
CA LEU B 419 -19.42 22.60 64.38
C LEU B 419 -18.49 22.65 63.17
N ILE B 420 -17.77 23.75 62.99
CA ILE B 420 -16.92 23.90 61.82
C ILE B 420 -15.81 22.86 61.84
N SER B 421 -15.32 22.48 63.02
CA SER B 421 -14.28 21.46 63.10
C SER B 421 -14.79 20.12 62.56
N TYR B 422 -15.99 19.72 62.98
CA TYR B 422 -16.57 18.49 62.46
C TYR B 422 -16.89 18.61 60.99
N ALA B 423 -17.27 19.79 60.53
CA ALA B 423 -17.50 19.99 59.11
C ALA B 423 -16.22 19.79 58.31
N GLN B 424 -15.10 20.31 58.81
CA GLN B 424 -13.82 20.07 58.17
C GLN B 424 -13.50 18.59 58.16
N ILE B 425 -13.70 17.90 59.29
CA ILE B 425 -13.43 16.47 59.33
C ILE B 425 -14.25 15.75 58.27
N SER B 426 -15.55 16.06 58.22
CA SER B 426 -16.43 15.46 57.23
C SER B 426 -15.90 15.68 55.82
N SER B 427 -15.83 16.94 55.39
CA SER B 427 -15.43 17.25 54.03
C SER B 427 -14.08 16.60 53.69
N ARG B 428 -13.03 16.98 54.43
CA ARG B 428 -11.69 16.50 54.10
C ARG B 428 -11.60 14.99 54.12
N LEU B 429 -11.87 14.37 55.28
CA LEU B 429 -11.54 12.96 55.40
C LEU B 429 -12.55 12.07 54.70
N GLY B 430 -13.85 12.45 54.70
CA GLY B 430 -14.80 11.75 53.89
C GLY B 430 -14.51 11.87 52.40
N GLY B 431 -13.80 12.93 52.00
CA GLY B 431 -13.35 13.00 50.62
C GLY B 431 -12.38 11.89 50.25
N GLY B 432 -11.75 11.26 51.23
CA GLY B 432 -10.90 10.12 50.97
C GLY B 432 -11.62 8.81 51.20
N ILE B 433 -12.50 8.81 52.20
CA ILE B 433 -13.33 7.62 52.44
C ILE B 433 -14.15 7.31 51.20
N VAL B 434 -14.72 8.34 50.58
CA VAL B 434 -15.52 8.15 49.39
C VAL B 434 -14.65 7.75 48.21
N LEU B 435 -13.40 8.21 48.17
CA LEU B 435 -12.49 7.74 47.13
C LEU B 435 -12.27 6.24 47.25
N VAL B 436 -12.04 5.75 48.47
CA VAL B 436 -11.85 4.32 48.69
C VAL B 436 -13.11 3.56 48.31
N ILE B 437 -14.26 4.02 48.79
CA ILE B 437 -15.53 3.35 48.52
C ILE B 437 -15.82 3.35 47.03
N ALA B 438 -15.44 4.42 46.34
CA ALA B 438 -15.74 4.53 44.92
C ALA B 438 -14.83 3.63 44.10
N SER B 439 -13.57 3.47 44.52
CA SER B 439 -12.73 2.47 43.87
C SER B 439 -13.34 1.08 44.02
N ILE B 440 -13.80 0.77 45.24
CA ILE B 440 -14.46 -0.51 45.50
C ILE B 440 -15.68 -0.68 44.59
N VAL B 441 -16.50 0.36 44.48
CA VAL B 441 -17.75 0.26 43.75
C VAL B 441 -17.49 0.15 42.25
N PHE B 442 -16.55 0.94 41.72
CA PHE B 442 -16.22 0.84 40.31
C PHE B 442 -15.72 -0.55 39.97
N GLY B 443 -14.88 -1.14 40.83
CA GLY B 443 -14.45 -2.50 40.60
C GLY B 443 -15.60 -3.50 40.69
N MET B 444 -16.47 -3.32 41.67
CA MET B 444 -17.48 -4.33 41.99
C MET B 444 -18.62 -4.33 40.98
N MET B 445 -19.26 -3.18 40.77
CA MET B 445 -20.36 -3.10 39.81
C MET B 445 -19.87 -3.42 38.40
N ILE B 446 -18.71 -2.92 38.02
CA ILE B 446 -18.12 -3.25 36.73
C ILE B 446 -16.64 -3.60 36.92
N LYS C 27 15.95 -51.64 -35.73
CA LYS C 27 16.50 -52.97 -35.52
C LYS C 27 15.39 -53.97 -35.20
N CYS C 28 14.93 -53.95 -33.94
CA CYS C 28 13.88 -54.85 -33.48
C CYS C 28 12.63 -54.05 -33.18
N THR C 29 11.53 -54.41 -33.82
CA THR C 29 10.25 -53.80 -33.53
C THR C 29 9.59 -54.60 -32.41
N VAL C 30 8.60 -53.99 -31.74
CA VAL C 30 7.77 -54.73 -30.80
C VAL C 30 7.13 -55.93 -31.51
N SER C 31 7.01 -57.04 -30.78
CA SER C 31 6.74 -58.35 -31.38
C SER C 31 5.27 -58.44 -31.82
N HIS C 32 4.96 -57.64 -32.83
CA HIS C 32 3.72 -57.77 -33.59
C HIS C 32 3.97 -58.38 -34.96
N GLU C 33 4.85 -59.39 -35.02
CA GLU C 33 5.20 -60.13 -36.22
C GLU C 33 5.96 -59.27 -37.22
N VAL C 34 6.54 -58.17 -36.75
CA VAL C 34 7.09 -57.13 -37.61
C VAL C 34 8.50 -56.80 -37.13
N ALA C 35 9.43 -56.68 -38.09
CA ALA C 35 10.78 -56.21 -37.84
C ALA C 35 11.07 -55.04 -38.76
N ASP C 36 11.69 -54.00 -38.21
CA ASP C 36 11.99 -52.77 -38.96
C ASP C 36 13.45 -52.43 -38.77
N CYS C 37 14.15 -52.18 -39.87
CA CYS C 37 15.54 -51.74 -39.83
C CYS C 37 15.71 -50.58 -40.79
N SER C 38 16.12 -49.43 -40.26
CA SER C 38 16.39 -48.24 -41.06
C SER C 38 17.67 -47.59 -40.58
N HIS C 39 18.54 -47.23 -41.51
CA HIS C 39 19.79 -46.51 -41.28
C HIS C 39 20.78 -47.28 -40.43
N LEU C 40 20.51 -48.56 -40.13
CA LEU C 40 21.44 -49.34 -39.33
C LEU C 40 22.69 -49.67 -40.14
N LYS C 41 22.56 -49.81 -41.46
CA LYS C 41 23.68 -49.92 -42.39
C LYS C 41 24.55 -51.13 -42.09
N LEU C 42 23.90 -52.28 -41.91
CA LEU C 42 24.57 -53.51 -41.54
C LEU C 42 24.49 -54.53 -42.67
N THR C 43 25.57 -55.25 -42.88
CA THR C 43 25.67 -56.24 -43.96
C THR C 43 25.39 -57.66 -43.49
N GLN C 44 24.96 -57.83 -42.24
CA GLN C 44 24.61 -59.15 -41.72
C GLN C 44 23.40 -58.98 -40.83
N VAL C 45 22.29 -59.61 -41.22
CA VAL C 45 21.02 -59.35 -40.54
C VAL C 45 21.07 -59.87 -39.12
N PRO C 46 20.35 -59.25 -38.17
CA PRO C 46 20.31 -59.79 -36.80
C PRO C 46 19.34 -60.96 -36.73
N ASP C 47 19.87 -62.15 -36.46
CA ASP C 47 19.07 -63.36 -36.38
C ASP C 47 18.30 -63.46 -35.07
N ASP C 48 18.54 -62.55 -34.12
CA ASP C 48 17.82 -62.56 -32.85
C ASP C 48 16.33 -62.30 -33.02
N LEU C 49 15.92 -61.85 -34.20
CA LEU C 49 14.52 -61.64 -34.49
C LEU C 49 13.73 -62.92 -34.27
N PRO C 50 12.52 -62.84 -33.71
CA PRO C 50 11.78 -64.06 -33.36
C PRO C 50 11.51 -64.94 -34.58
N THR C 51 11.44 -66.24 -34.31
CA THR C 51 11.22 -67.21 -35.38
C THR C 51 9.88 -66.97 -36.07
N ASN C 52 8.87 -66.56 -35.32
CA ASN C 52 7.51 -66.48 -35.86
C ASN C 52 7.22 -65.21 -36.65
N ILE C 53 8.04 -64.15 -36.51
CA ILE C 53 7.71 -62.90 -37.19
C ILE C 53 7.84 -63.08 -38.70
N THR C 54 7.15 -62.20 -39.45
CA THR C 54 7.01 -62.39 -40.88
C THR C 54 7.16 -61.10 -41.68
N VAL C 55 7.61 -60.01 -41.06
CA VAL C 55 7.75 -58.72 -41.72
C VAL C 55 9.15 -58.19 -41.47
N LEU C 56 9.80 -57.72 -42.54
CA LEU C 56 11.15 -57.20 -42.41
C LEU C 56 11.41 -56.12 -43.47
N ASN C 57 11.93 -54.98 -43.02
CA ASN C 57 12.42 -53.94 -43.90
C ASN C 57 13.88 -53.69 -43.58
N LEU C 58 14.66 -53.39 -44.62
CA LEU C 58 16.09 -53.16 -44.50
C LEU C 58 16.50 -51.92 -45.27
N THR C 59 15.68 -50.88 -45.23
CA THR C 59 15.98 -49.66 -45.94
C THR C 59 17.15 -48.92 -45.30
N HIS C 60 17.83 -48.11 -46.11
CA HIS C 60 18.94 -47.25 -45.68
C HIS C 60 20.09 -48.09 -45.12
N ASN C 61 20.26 -49.29 -45.67
CA ASN C 61 21.29 -50.20 -45.22
C ASN C 61 21.93 -50.86 -46.43
N GLN C 62 23.15 -51.34 -46.24
CA GLN C 62 23.93 -51.97 -47.30
C GLN C 62 24.34 -53.38 -46.89
N LEU C 63 24.30 -54.30 -47.84
CA LEU C 63 24.54 -55.70 -47.59
C LEU C 63 25.03 -56.36 -48.88
N ARG C 64 25.85 -57.39 -48.74
CA ARG C 64 26.43 -58.07 -49.89
C ARG C 64 25.63 -59.30 -50.32
N ARG C 65 25.51 -60.29 -49.44
CA ARG C 65 24.86 -61.55 -49.77
C ARG C 65 23.92 -61.96 -48.65
N LEU C 66 22.77 -62.51 -49.05
CA LEU C 66 21.70 -62.80 -48.12
C LEU C 66 22.01 -64.10 -47.38
N PRO C 67 22.24 -64.06 -46.06
CA PRO C 67 22.44 -65.32 -45.34
C PRO C 67 21.12 -66.01 -45.07
N ALA C 68 20.85 -67.07 -45.82
CA ALA C 68 19.55 -67.73 -45.73
C ALA C 68 19.37 -68.42 -44.39
N ALA C 69 20.47 -68.75 -43.71
CA ALA C 69 20.38 -69.44 -42.42
C ALA C 69 19.69 -68.58 -41.37
N ASN C 70 20.07 -67.30 -41.28
CA ASN C 70 19.36 -66.39 -40.38
C ASN C 70 17.92 -66.22 -40.82
N PHE C 71 17.69 -66.10 -42.12
CA PHE C 71 16.33 -66.07 -42.66
C PHE C 71 15.61 -67.41 -42.48
N THR C 72 16.35 -68.51 -42.31
CA THR C 72 15.71 -69.79 -42.12
C THR C 72 15.06 -69.89 -40.75
N ARG C 73 15.62 -69.21 -39.75
CA ARG C 73 15.01 -69.21 -38.42
C ARG C 73 13.60 -68.65 -38.46
N TYR C 74 13.43 -67.47 -39.03
CA TYR C 74 12.12 -66.93 -39.36
C TYR C 74 11.82 -67.09 -40.86
N SER C 75 11.69 -68.36 -41.24
CA SER C 75 11.42 -68.72 -42.64
C SER C 75 10.11 -68.13 -43.14
N GLN C 76 9.16 -67.89 -42.26
CA GLN C 76 7.94 -67.19 -42.64
C GLN C 76 8.25 -65.71 -42.73
N LEU C 77 8.15 -65.13 -43.93
CA LEU C 77 8.44 -63.71 -44.11
C LEU C 77 7.58 -63.21 -45.27
N THR C 78 6.41 -62.64 -44.93
CA THR C 78 5.54 -62.08 -45.95
C THR C 78 6.16 -60.86 -46.60
N SER C 79 6.83 -60.03 -45.81
CA SER C 79 7.36 -58.75 -46.28
C SER C 79 8.88 -58.75 -46.13
N LEU C 80 9.57 -58.60 -47.26
CA LEU C 80 11.01 -58.39 -47.27
C LEU C 80 11.29 -57.13 -48.07
N ASP C 81 11.78 -56.10 -47.39
CA ASP C 81 12.07 -54.81 -48.00
C ASP C 81 13.54 -54.47 -47.79
N VAL C 82 14.20 -54.07 -48.87
CA VAL C 82 15.57 -53.58 -48.84
C VAL C 82 15.63 -52.27 -49.59
N GLY C 83 16.28 -51.27 -48.99
CA GLY C 83 16.48 -49.99 -49.63
C GLY C 83 17.93 -49.58 -49.56
N PHE C 84 18.37 -48.82 -50.57
CA PHE C 84 19.68 -48.18 -50.58
C PHE C 84 20.80 -49.22 -50.48
N ASN C 85 20.69 -50.28 -51.27
CA ASN C 85 21.70 -51.34 -51.30
C ASN C 85 21.86 -51.87 -52.71
N THR C 86 23.08 -52.30 -53.03
CA THR C 86 23.40 -52.87 -54.33
C THR C 86 23.79 -54.33 -54.15
N ILE C 87 23.06 -55.21 -54.84
CA ILE C 87 23.34 -56.64 -54.86
C ILE C 87 23.24 -57.12 -56.30
N SER C 88 24.16 -57.98 -56.71
CA SER C 88 24.16 -58.48 -58.09
C SER C 88 22.86 -59.22 -58.41
N LYS C 89 22.47 -60.16 -57.55
CA LYS C 89 21.25 -60.90 -57.76
C LYS C 89 20.83 -61.52 -56.44
N LEU C 90 19.52 -61.68 -56.27
CA LEU C 90 19.01 -62.34 -55.07
C LEU C 90 19.27 -63.84 -55.16
N GLU C 91 19.38 -64.46 -54.01
CA GLU C 91 19.61 -65.90 -53.94
C GLU C 91 18.30 -66.64 -54.23
N PRO C 92 18.24 -67.47 -55.26
CA PRO C 92 17.02 -68.27 -55.48
C PRO C 92 16.73 -69.21 -54.32
N GLU C 93 17.78 -69.69 -53.64
CA GLU C 93 17.60 -70.56 -52.48
C GLU C 93 16.84 -69.83 -51.37
N LEU C 94 17.06 -68.52 -51.23
CA LEU C 94 16.25 -67.73 -50.32
C LEU C 94 14.79 -67.76 -50.72
N CYS C 95 14.50 -67.59 -52.01
CA CYS C 95 13.13 -67.66 -52.47
C CYS C 95 12.62 -69.10 -52.45
N GLN C 96 13.51 -70.07 -52.65
CA GLN C 96 13.13 -71.46 -52.40
C GLN C 96 12.83 -71.68 -50.93
N LYS C 97 13.62 -71.07 -50.05
CA LYS C 97 13.29 -71.09 -48.63
C LYS C 97 11.98 -70.37 -48.37
N LEU C 98 11.70 -69.32 -49.13
CA LEU C 98 10.60 -68.40 -48.85
C LEU C 98 9.71 -68.25 -50.08
N PRO C 99 8.86 -69.25 -50.36
CA PRO C 99 7.74 -68.99 -51.28
C PRO C 99 6.73 -68.05 -50.67
N MET C 100 6.65 -68.01 -49.34
CA MET C 100 5.65 -67.23 -48.62
C MET C 100 5.84 -65.73 -48.77
N LEU C 101 6.96 -65.27 -49.32
CA LEU C 101 7.19 -63.85 -49.53
C LEU C 101 6.07 -63.26 -50.38
N LYS C 102 5.55 -62.10 -49.96
CA LYS C 102 4.43 -61.46 -50.62
C LYS C 102 4.80 -60.19 -51.35
N VAL C 103 5.67 -59.35 -50.78
CA VAL C 103 6.04 -58.06 -51.36
C VAL C 103 7.56 -57.99 -51.44
N LEU C 104 8.06 -57.52 -52.58
CA LEU C 104 9.49 -57.31 -52.79
C LEU C 104 9.73 -55.88 -53.25
N ASN C 105 10.57 -55.17 -52.53
CA ASN C 105 10.90 -53.77 -52.82
C ASN C 105 12.39 -53.64 -53.09
N LEU C 106 12.75 -53.02 -54.20
CA LEU C 106 14.13 -52.78 -54.58
C LEU C 106 14.36 -51.28 -54.70
N GLN C 107 15.47 -50.81 -54.13
CA GLN C 107 15.80 -49.40 -54.12
C GLN C 107 17.30 -49.23 -54.31
N HIS C 108 17.68 -48.57 -55.42
CA HIS C 108 19.08 -48.33 -55.78
C HIS C 108 19.88 -49.63 -55.95
N ASN C 109 19.38 -50.53 -56.79
CA ASN C 109 20.15 -51.67 -57.26
C ASN C 109 20.03 -51.75 -58.78
N GLU C 110 21.17 -51.77 -59.46
CA GLU C 110 21.22 -51.47 -60.89
C GLU C 110 21.26 -52.71 -61.78
N LEU C 111 20.89 -53.88 -61.27
CA LEU C 111 20.88 -55.07 -62.09
C LEU C 111 19.86 -54.94 -63.22
N SER C 112 20.22 -55.44 -64.40
CA SER C 112 19.39 -55.28 -65.60
C SER C 112 18.57 -56.53 -65.93
N GLN C 113 19.04 -57.72 -65.56
CA GLN C 113 18.33 -58.96 -65.88
C GLN C 113 18.33 -59.86 -64.66
N LEU C 114 17.17 -60.42 -64.35
CA LEU C 114 17.01 -61.37 -63.25
C LEU C 114 16.44 -62.68 -63.78
N SER C 115 16.95 -63.80 -63.26
CA SER C 115 16.44 -65.10 -63.62
C SER C 115 14.99 -65.25 -63.21
N ASP C 116 14.20 -65.91 -64.07
CA ASP C 116 12.78 -66.08 -63.82
C ASP C 116 12.46 -67.12 -62.75
N LYS C 117 13.43 -67.96 -62.36
CA LYS C 117 13.18 -68.96 -61.33
C LYS C 117 12.83 -68.30 -60.00
N THR C 118 13.45 -67.15 -59.71
CA THR C 118 13.14 -66.42 -58.48
C THR C 118 11.67 -66.02 -58.44
N PHE C 119 11.13 -65.55 -59.56
CA PHE C 119 9.72 -65.20 -59.61
C PHE C 119 8.85 -66.45 -59.49
N ALA C 120 9.24 -67.53 -60.15
CA ALA C 120 8.43 -68.76 -60.12
C ALA C 120 8.35 -69.33 -58.71
N PHE C 121 9.50 -69.43 -58.01
CA PHE C 121 9.50 -70.03 -56.68
C PHE C 121 8.66 -69.20 -55.70
N CYS C 122 8.79 -67.88 -55.75
CA CYS C 122 8.00 -66.99 -54.89
C CYS C 122 6.63 -66.77 -55.53
N THR C 123 5.81 -67.82 -55.46
CA THR C 123 4.45 -67.75 -55.98
C THR C 123 3.63 -66.69 -55.24
N ASN C 124 3.78 -66.64 -53.92
CA ASN C 124 2.98 -65.72 -53.11
C ASN C 124 3.40 -64.27 -53.30
N LEU C 125 4.53 -64.01 -53.95
CA LEU C 125 4.94 -62.65 -54.23
C LEU C 125 3.92 -61.95 -55.10
N THR C 126 3.26 -60.94 -54.53
CA THR C 126 2.22 -60.22 -55.24
C THR C 126 2.51 -58.73 -55.41
N GLU C 127 3.65 -58.26 -54.95
CA GLU C 127 4.04 -56.87 -55.13
C GLU C 127 5.53 -56.79 -55.40
N LEU C 128 5.88 -56.23 -56.55
CA LEU C 128 7.27 -56.07 -56.97
C LEU C 128 7.53 -54.60 -57.21
N HIS C 129 8.65 -54.10 -56.70
CA HIS C 129 8.95 -52.67 -56.75
C HIS C 129 10.32 -52.43 -57.37
N LEU C 130 10.35 -51.59 -58.40
CA LEU C 130 11.59 -51.24 -59.10
C LEU C 130 11.75 -49.72 -59.07
N MET C 131 12.62 -49.23 -58.19
CA MET C 131 12.96 -47.81 -58.14
C MET C 131 14.47 -47.67 -58.17
N SER C 132 14.97 -46.77 -59.02
CA SER C 132 16.39 -46.46 -59.11
C SER C 132 17.20 -47.67 -59.55
N ASN C 133 16.80 -48.28 -60.65
CA ASN C 133 17.38 -49.55 -61.06
C ASN C 133 17.92 -49.55 -62.48
N SER C 134 17.38 -48.70 -63.36
CA SER C 134 17.83 -48.60 -64.76
C SER C 134 17.77 -49.96 -65.45
N ILE C 135 16.72 -50.72 -65.16
CA ILE C 135 16.59 -52.07 -65.68
C ILE C 135 16.30 -52.01 -67.18
N GLN C 136 16.72 -53.06 -67.90
CA GLN C 136 16.55 -53.09 -69.36
C GLN C 136 16.02 -54.41 -69.92
N LYS C 137 15.95 -55.50 -69.16
CA LYS C 137 15.58 -56.79 -69.72
C LYS C 137 14.85 -57.63 -68.69
N ILE C 138 13.82 -58.34 -69.13
CA ILE C 138 13.11 -59.31 -68.31
C ILE C 138 12.92 -60.57 -69.14
N LYS C 139 12.81 -61.70 -68.45
CA LYS C 139 12.57 -62.97 -69.11
C LYS C 139 11.20 -62.96 -69.78
N ASN C 140 11.07 -63.74 -70.86
CA ASN C 140 9.80 -63.79 -71.59
C ASN C 140 8.70 -64.42 -70.75
N ASN C 141 9.03 -65.41 -69.92
CA ASN C 141 8.06 -66.11 -69.09
C ASN C 141 8.54 -66.16 -67.65
N PRO C 142 8.52 -65.01 -66.95
CA PRO C 142 8.83 -65.04 -65.52
C PRO C 142 7.62 -65.34 -64.66
N PHE C 143 6.43 -65.35 -65.26
CA PHE C 143 5.16 -65.20 -64.56
C PHE C 143 4.24 -66.38 -64.80
N VAL C 144 4.82 -67.57 -65.00
CA VAL C 144 4.02 -68.74 -65.35
C VAL C 144 3.03 -69.08 -64.23
N LYS C 145 3.44 -68.92 -62.98
CA LYS C 145 2.54 -69.06 -61.86
C LYS C 145 2.55 -67.86 -60.91
N GLN C 146 3.61 -67.04 -60.92
CA GLN C 146 3.55 -65.75 -60.26
C GLN C 146 3.14 -64.68 -61.27
N LYS C 147 1.95 -64.88 -61.83
CA LYS C 147 1.21 -63.82 -62.48
C LYS C 147 0.30 -63.10 -61.51
N ASN C 148 0.38 -63.48 -60.22
CA ASN C 148 -0.57 -62.99 -59.23
C ASN C 148 -0.36 -61.52 -58.90
N LEU C 149 0.85 -61.00 -59.12
CA LEU C 149 1.20 -59.67 -58.63
C LEU C 149 0.28 -58.60 -59.21
N ILE C 150 -0.34 -57.84 -58.31
CA ILE C 150 -1.37 -56.87 -58.71
C ILE C 150 -0.74 -55.67 -59.39
N THR C 151 0.42 -55.23 -58.90
CA THR C 151 1.05 -54.00 -59.37
C THR C 151 2.49 -54.26 -59.79
N LEU C 152 2.85 -53.75 -60.97
CA LEU C 152 4.23 -53.74 -61.44
C LEU C 152 4.63 -52.30 -61.74
N ASP C 153 5.78 -51.88 -61.22
CA ASP C 153 6.25 -50.52 -61.38
C ASP C 153 7.62 -50.49 -62.03
N LEU C 154 7.79 -49.60 -63.00
CA LEU C 154 9.09 -49.33 -63.60
C LEU C 154 9.32 -47.83 -63.54
N SER C 155 10.19 -47.40 -62.63
CA SER C 155 10.46 -45.99 -62.45
C SER C 155 11.96 -45.81 -62.23
N HIS C 156 12.44 -44.63 -62.59
CA HIS C 156 13.86 -44.29 -62.64
C HIS C 156 14.64 -45.22 -63.57
N ASN C 157 13.97 -45.72 -64.60
CA ASN C 157 14.57 -46.66 -65.53
C ASN C 157 14.32 -46.19 -66.95
N GLY C 158 15.28 -46.43 -67.83
CA GLY C 158 15.18 -45.95 -69.19
C GLY C 158 14.79 -47.02 -70.18
N LEU C 159 13.59 -46.91 -70.74
CA LEU C 159 13.10 -47.87 -71.72
C LEU C 159 12.46 -47.11 -72.88
N SER C 160 12.31 -47.81 -73.99
CA SER C 160 11.56 -47.28 -75.13
C SER C 160 10.47 -48.21 -75.62
N SER C 161 10.49 -49.49 -75.22
CA SER C 161 9.44 -50.44 -75.54
C SER C 161 8.97 -51.11 -74.27
N THR C 162 7.73 -51.61 -74.30
CA THR C 162 7.14 -52.28 -73.16
C THR C 162 7.21 -53.80 -73.28
N LYS C 163 8.21 -54.32 -73.98
CA LYS C 163 8.36 -55.77 -74.09
C LYS C 163 8.63 -56.38 -72.73
N LEU C 164 7.66 -57.15 -72.23
CA LEU C 164 7.82 -57.85 -70.97
C LEU C 164 7.75 -59.35 -71.20
N GLY C 165 6.68 -59.80 -71.85
CA GLY C 165 6.50 -61.19 -72.20
C GLY C 165 6.03 -61.38 -73.61
N THR C 166 6.62 -62.33 -74.33
CA THR C 166 6.26 -62.58 -75.72
C THR C 166 4.91 -63.28 -75.87
N GLN C 167 4.30 -63.73 -74.78
CA GLN C 167 3.05 -64.48 -74.84
C GLN C 167 2.06 -63.92 -73.82
N VAL C 168 0.78 -64.21 -74.04
CA VAL C 168 -0.26 -63.72 -73.16
C VAL C 168 -0.16 -64.42 -71.80
N GLN C 169 -0.16 -63.62 -70.75
CA GLN C 169 -0.11 -64.08 -69.36
C GLN C 169 -0.44 -62.88 -68.50
N LEU C 170 -0.22 -63.03 -67.18
CA LEU C 170 -0.18 -61.88 -66.27
C LEU C 170 -1.51 -61.16 -66.21
N GLU C 171 -2.59 -61.93 -66.32
CA GLU C 171 -3.93 -61.37 -66.29
C GLU C 171 -4.24 -60.73 -64.94
N ASN C 172 -3.73 -61.32 -63.86
CA ASN C 172 -4.05 -60.82 -62.53
C ASN C 172 -3.39 -59.46 -62.28
N LEU C 173 -2.34 -59.14 -63.02
CA LEU C 173 -1.72 -57.83 -62.90
C LEU C 173 -2.72 -56.74 -63.26
N GLN C 174 -2.84 -55.74 -62.39
CA GLN C 174 -3.87 -54.71 -62.57
C GLN C 174 -3.32 -53.29 -62.59
N GLU C 175 -2.12 -53.07 -62.07
CA GLU C 175 -1.51 -51.74 -62.11
C GLU C 175 -0.12 -51.85 -62.71
N LEU C 176 0.09 -51.19 -63.84
CA LEU C 176 1.37 -51.17 -64.53
C LEU C 176 1.88 -49.74 -64.55
N LEU C 177 3.07 -49.52 -63.99
CA LEU C 177 3.62 -48.18 -63.82
C LEU C 177 4.85 -48.03 -64.71
N LEU C 178 4.83 -47.01 -65.58
CA LEU C 178 5.96 -46.71 -66.45
C LEU C 178 6.44 -45.27 -66.28
N SER C 179 6.22 -44.67 -65.11
CA SER C 179 6.68 -43.31 -64.89
C SER C 179 8.21 -43.28 -64.85
N ASN C 180 8.76 -42.07 -65.06
CA ASN C 180 10.21 -41.85 -65.07
C ASN C 180 10.90 -42.73 -66.11
N ASN C 181 10.37 -42.72 -67.33
CA ASN C 181 10.88 -43.54 -68.41
C ASN C 181 11.02 -42.70 -69.68
N LYS C 182 11.90 -43.14 -70.55
CA LYS C 182 12.25 -42.40 -71.76
C LYS C 182 11.55 -42.93 -73.01
N ILE C 183 10.51 -43.74 -72.85
CA ILE C 183 9.74 -44.21 -74.00
C ILE C 183 9.14 -43.02 -74.73
N GLN C 184 9.12 -43.11 -76.07
CA GLN C 184 8.62 -42.02 -76.89
C GLN C 184 7.50 -42.42 -77.84
N ALA C 185 7.26 -43.71 -78.05
CA ALA C 185 6.16 -44.18 -78.88
C ALA C 185 5.64 -45.50 -78.34
N LEU C 186 4.37 -45.78 -78.63
CA LEU C 186 3.72 -47.00 -78.19
C LEU C 186 3.46 -47.90 -79.37
N LYS C 187 3.87 -49.17 -79.25
CA LYS C 187 3.74 -50.15 -80.31
C LYS C 187 2.78 -51.24 -79.88
N SER C 188 1.89 -51.64 -80.81
CA SER C 188 0.89 -52.65 -80.49
C SER C 188 1.52 -53.99 -80.16
N GLU C 189 2.60 -54.35 -80.88
CA GLU C 189 3.23 -55.65 -80.68
C GLU C 189 3.82 -55.78 -79.28
N GLU C 190 4.27 -54.67 -78.70
CA GLU C 190 4.83 -54.71 -77.35
C GLU C 190 3.79 -55.10 -76.31
N LEU C 191 2.52 -54.79 -76.57
CA LEU C 191 1.45 -55.04 -75.62
C LEU C 191 0.76 -56.39 -75.81
N ASP C 192 1.43 -57.34 -76.49
CA ASP C 192 0.83 -58.64 -76.73
C ASP C 192 0.55 -59.39 -75.44
N ILE C 193 1.43 -59.25 -74.45
CA ILE C 193 1.24 -59.91 -73.17
C ILE C 193 -0.06 -59.48 -72.50
N PHE C 194 -0.42 -58.20 -72.63
CA PHE C 194 -1.65 -57.70 -72.03
C PHE C 194 -2.86 -57.82 -72.95
N ALA C 195 -2.75 -58.55 -74.06
CA ALA C 195 -3.91 -58.75 -74.92
C ALA C 195 -5.01 -59.49 -74.18
N ASN C 196 -4.64 -60.52 -73.42
CA ASN C 196 -5.59 -61.20 -72.54
C ASN C 196 -5.61 -60.61 -71.14
N SER C 197 -4.52 -59.97 -70.72
CA SER C 197 -4.44 -59.43 -69.38
C SER C 197 -5.28 -58.17 -69.23
N SER C 198 -6.01 -58.09 -68.13
CA SER C 198 -6.86 -56.94 -67.83
C SER C 198 -6.20 -56.13 -66.72
N LEU C 199 -6.18 -54.81 -66.89
CA LEU C 199 -5.48 -53.90 -65.99
C LEU C 199 -6.48 -52.88 -65.44
N LYS C 200 -6.47 -52.67 -64.12
CA LYS C 200 -7.27 -51.57 -63.59
C LYS C 200 -6.77 -50.22 -64.11
N LYS C 201 -5.45 -50.03 -64.15
CA LYS C 201 -4.92 -48.77 -64.65
C LYS C 201 -3.52 -48.98 -65.20
N LEU C 202 -3.22 -48.28 -66.29
CA LEU C 202 -1.92 -48.27 -66.93
C LEU C 202 -1.31 -46.89 -66.76
N GLU C 203 -0.08 -46.83 -66.29
CA GLU C 203 0.58 -45.57 -65.95
C GLU C 203 1.62 -45.25 -67.01
N LEU C 204 1.41 -44.17 -67.75
CA LEU C 204 2.39 -43.68 -68.71
C LEU C 204 2.76 -42.22 -68.46
N SER C 205 2.49 -41.72 -67.27
CA SER C 205 2.81 -40.33 -66.94
C SER C 205 4.31 -40.12 -66.86
N SER C 206 4.72 -38.86 -67.05
CA SER C 206 6.10 -38.39 -66.98
C SER C 206 6.96 -38.99 -68.10
N ASN C 207 6.35 -39.52 -69.15
CA ASN C 207 7.08 -40.14 -70.25
C ASN C 207 6.48 -39.64 -71.55
N GLN C 208 7.18 -38.75 -72.23
CA GLN C 208 6.63 -38.09 -73.41
C GLN C 208 6.48 -39.09 -74.55
N ILE C 209 5.26 -39.22 -75.06
CA ILE C 209 4.95 -40.10 -76.17
C ILE C 209 4.46 -39.23 -77.32
N LYS C 210 5.23 -39.22 -78.41
CA LYS C 210 4.92 -38.40 -79.57
C LYS C 210 4.09 -39.11 -80.63
N GLU C 211 3.87 -40.42 -80.49
CA GLU C 211 3.14 -41.16 -81.50
C GLU C 211 2.60 -42.44 -80.89
N PHE C 212 1.37 -42.80 -81.27
CA PHE C 212 0.74 -44.04 -80.84
C PHE C 212 0.42 -44.87 -82.08
N SER C 213 1.08 -46.01 -82.21
CA SER C 213 0.81 -46.90 -83.33
C SER C 213 -0.62 -47.43 -83.22
N PRO C 214 -1.38 -47.44 -84.33
CA PRO C 214 -2.77 -47.93 -84.26
C PRO C 214 -2.83 -49.39 -83.82
N GLY C 215 -3.90 -49.72 -83.11
CA GLY C 215 -4.09 -51.06 -82.59
C GLY C 215 -3.40 -51.34 -81.28
N CYS C 216 -2.70 -50.36 -80.71
CA CYS C 216 -2.04 -50.56 -79.42
C CYS C 216 -3.07 -50.78 -78.32
N PHE C 217 -4.16 -50.03 -78.33
CA PHE C 217 -5.20 -50.18 -77.32
C PHE C 217 -6.24 -51.23 -77.68
N HIS C 218 -6.14 -51.84 -78.87
CA HIS C 218 -6.97 -53.00 -79.19
C HIS C 218 -6.24 -54.32 -79.00
N ALA C 219 -4.91 -54.33 -79.15
CA ALA C 219 -4.12 -55.51 -78.82
C ALA C 219 -3.78 -55.48 -77.34
N ILE C 220 -4.79 -55.31 -76.49
CA ILE C 220 -4.60 -55.22 -75.06
C ILE C 220 -5.93 -55.51 -74.41
N GLY C 221 -5.89 -56.01 -73.18
CA GLY C 221 -7.11 -56.39 -72.48
C GLY C 221 -7.92 -55.22 -71.99
N ARG C 222 -8.74 -55.45 -70.97
CA ARG C 222 -9.63 -54.42 -70.44
C ARG C 222 -8.81 -53.49 -69.57
N LEU C 223 -8.38 -52.37 -70.14
CA LEU C 223 -7.64 -51.35 -69.40
C LEU C 223 -8.67 -50.41 -68.79
N PHE C 224 -9.03 -50.66 -67.54
CA PHE C 224 -10.02 -49.81 -66.87
C PHE C 224 -9.49 -48.39 -66.67
N GLY C 225 -8.17 -48.23 -66.60
CA GLY C 225 -7.58 -46.93 -66.39
C GLY C 225 -6.38 -46.70 -67.29
N LEU C 226 -6.06 -45.42 -67.47
CA LEU C 226 -4.93 -45.02 -68.29
C LEU C 226 -4.52 -43.62 -67.87
N PHE C 227 -3.26 -43.46 -67.50
CA PHE C 227 -2.77 -42.21 -66.91
C PHE C 227 -1.72 -41.60 -67.83
N LEU C 228 -2.01 -40.40 -68.34
CA LEU C 228 -1.09 -39.66 -69.20
C LEU C 228 -0.92 -38.28 -68.59
N ASN C 229 -0.02 -38.16 -67.62
CA ASN C 229 0.18 -36.92 -66.90
C ASN C 229 1.58 -36.39 -67.13
N ASN C 230 1.70 -35.07 -67.21
CA ASN C 230 2.98 -34.40 -67.44
C ASN C 230 3.65 -34.90 -68.72
N VAL C 231 2.84 -35.12 -69.75
CA VAL C 231 3.32 -35.63 -71.03
C VAL C 231 2.75 -34.77 -72.15
N GLN C 232 3.61 -34.44 -73.11
CA GLN C 232 3.25 -33.54 -74.21
C GLN C 232 2.33 -34.27 -75.18
N LEU C 233 1.04 -33.93 -75.13
CA LEU C 233 0.08 -34.44 -76.11
C LEU C 233 -0.51 -33.33 -76.96
N GLY C 234 -1.12 -32.32 -76.36
CA GLY C 234 -1.74 -31.25 -77.10
C GLY C 234 -3.01 -31.68 -77.79
N PRO C 235 -3.77 -30.70 -78.31
CA PRO C 235 -5.05 -31.02 -78.95
C PRO C 235 -4.92 -31.93 -80.17
N SER C 236 -3.85 -31.78 -80.94
CA SER C 236 -3.72 -32.54 -82.18
C SER C 236 -3.53 -34.02 -81.91
N LEU C 237 -2.59 -34.37 -81.03
CA LEU C 237 -2.30 -35.77 -80.76
C LEU C 237 -3.45 -36.43 -80.02
N THR C 238 -3.99 -35.75 -79.00
CA THR C 238 -5.09 -36.31 -78.22
C THR C 238 -6.28 -36.66 -79.10
N GLU C 239 -6.50 -35.87 -80.15
CA GLU C 239 -7.56 -36.19 -81.11
C GLU C 239 -7.32 -37.55 -81.76
N LYS C 240 -6.07 -37.85 -82.10
CA LYS C 240 -5.74 -39.19 -82.57
C LYS C 240 -5.91 -40.21 -81.46
N LEU C 241 -5.51 -39.87 -80.23
CA LEU C 241 -5.74 -40.76 -79.10
C LEU C 241 -7.22 -41.02 -78.87
N CYS C 242 -8.08 -40.05 -79.22
CA CYS C 242 -9.52 -40.27 -79.10
C CYS C 242 -9.97 -41.44 -79.97
N LEU C 243 -9.44 -41.52 -81.19
CA LEU C 243 -9.73 -42.68 -82.04
C LEU C 243 -9.14 -43.96 -81.45
N GLU C 244 -7.95 -43.88 -80.88
CA GLU C 244 -7.23 -45.05 -80.41
C GLU C 244 -7.94 -45.75 -79.26
N LEU C 245 -8.84 -45.07 -78.56
CA LEU C 245 -9.54 -45.64 -77.41
C LEU C 245 -10.95 -46.11 -77.75
N ALA C 246 -11.31 -46.14 -79.03
CA ALA C 246 -12.64 -46.61 -79.41
C ALA C 246 -12.78 -48.10 -79.13
N ASN C 247 -13.97 -48.51 -78.69
CA ASN C 247 -14.27 -49.90 -78.36
C ASN C 247 -13.30 -50.47 -77.33
N THR C 248 -12.94 -49.66 -76.33
CA THR C 248 -12.04 -50.07 -75.27
C THR C 248 -12.73 -49.92 -73.93
N SER C 249 -12.49 -50.87 -73.03
CA SER C 249 -13.10 -50.87 -71.71
C SER C 249 -12.33 -49.93 -70.78
N ILE C 250 -12.40 -48.64 -71.10
CA ILE C 250 -11.72 -47.60 -70.35
C ILE C 250 -12.73 -46.89 -69.45
N ARG C 251 -12.35 -46.71 -68.18
CA ARG C 251 -13.16 -45.98 -67.22
C ARG C 251 -12.41 -44.85 -66.54
N ASN C 252 -11.12 -45.02 -66.27
CA ASN C 252 -10.31 -44.05 -65.54
C ASN C 252 -9.30 -43.43 -66.51
N LEU C 253 -9.73 -42.41 -67.24
CA LEU C 253 -8.84 -41.67 -68.13
C LEU C 253 -8.49 -40.35 -67.46
N SER C 254 -7.22 -40.19 -67.10
CA SER C 254 -6.76 -38.95 -66.49
C SER C 254 -5.60 -38.41 -67.29
N LEU C 255 -5.60 -37.11 -67.52
CA LEU C 255 -4.49 -36.49 -68.21
C LEU C 255 -4.34 -35.05 -67.72
N SER C 256 -3.14 -34.70 -67.29
CA SER C 256 -2.84 -33.37 -66.79
C SER C 256 -1.54 -32.89 -67.41
N ASN C 257 -1.42 -31.56 -67.53
CA ASN C 257 -0.26 -30.93 -68.16
C ASN C 257 -0.05 -31.45 -69.57
N SER C 258 -1.14 -31.76 -70.25
CA SER C 258 -1.13 -32.18 -71.64
C SER C 258 -1.03 -31.02 -72.60
N GLN C 259 -0.92 -29.79 -72.10
CA GLN C 259 -0.89 -28.58 -72.91
C GLN C 259 -2.13 -28.47 -73.79
N LEU C 260 -3.26 -28.95 -73.28
CA LEU C 260 -4.51 -28.87 -74.00
C LEU C 260 -5.03 -27.44 -73.96
N SER C 261 -4.64 -26.64 -74.95
CA SER C 261 -5.02 -25.23 -74.95
C SER C 261 -6.53 -25.06 -75.07
N THR C 262 -7.13 -25.72 -76.06
CA THR C 262 -8.56 -25.64 -76.28
C THR C 262 -9.07 -27.03 -76.61
N THR C 263 -10.38 -27.14 -76.82
CA THR C 263 -11.02 -28.39 -77.22
C THR C 263 -12.03 -28.10 -78.31
N SER C 264 -12.21 -29.09 -79.18
CA SER C 264 -13.19 -29.01 -80.26
C SER C 264 -14.15 -30.19 -80.14
N ASN C 265 -15.05 -30.30 -81.12
CA ASN C 265 -16.00 -31.41 -81.11
C ASN C 265 -15.31 -32.71 -81.47
N THR C 266 -14.33 -32.67 -82.36
CA THR C 266 -13.56 -33.85 -82.72
C THR C 266 -12.48 -34.19 -81.72
N THR C 267 -12.26 -33.33 -80.72
CA THR C 267 -11.25 -33.63 -79.69
C THR C 267 -11.60 -34.90 -78.93
N PHE C 268 -12.88 -35.10 -78.63
CA PHE C 268 -13.37 -36.29 -77.96
C PHE C 268 -14.47 -36.94 -78.79
N LEU C 269 -14.20 -37.09 -80.08
CA LEU C 269 -15.18 -37.67 -81.00
C LEU C 269 -15.30 -39.17 -80.80
N GLY C 270 -14.20 -39.90 -81.00
CA GLY C 270 -14.24 -41.36 -80.97
C GLY C 270 -14.50 -41.96 -79.61
N LEU C 271 -14.47 -41.14 -78.55
CA LEU C 271 -14.77 -41.65 -77.21
C LEU C 271 -16.21 -42.12 -77.06
N LYS C 272 -17.08 -41.80 -78.03
CA LYS C 272 -18.46 -42.27 -77.98
C LYS C 272 -18.55 -43.79 -78.00
N TRP C 273 -17.52 -44.49 -78.47
CA TRP C 273 -17.52 -45.94 -78.55
C TRP C 273 -16.97 -46.59 -77.28
N THR C 274 -17.01 -45.89 -76.16
CA THR C 274 -16.67 -46.45 -74.86
C THR C 274 -17.51 -45.78 -73.79
N ASN C 275 -17.50 -46.36 -72.59
CA ASN C 275 -18.26 -45.83 -71.47
C ASN C 275 -17.26 -45.42 -70.39
N LEU C 276 -16.77 -44.19 -70.51
CA LEU C 276 -15.87 -43.65 -69.50
C LEU C 276 -16.64 -43.33 -68.23
N THR C 277 -15.93 -43.30 -67.11
CA THR C 277 -16.53 -42.98 -65.82
C THR C 277 -16.02 -41.66 -65.25
N MET C 278 -14.71 -41.48 -65.18
CA MET C 278 -14.13 -40.25 -64.71
C MET C 278 -13.22 -39.67 -65.79
N LEU C 279 -12.96 -38.38 -65.70
CA LEU C 279 -12.08 -37.69 -66.63
C LEU C 279 -11.37 -36.58 -65.88
N ASP C 280 -10.06 -36.45 -66.13
CA ASP C 280 -9.24 -35.45 -65.46
C ASP C 280 -8.60 -34.58 -66.52
N LEU C 281 -8.75 -33.27 -66.37
CA LEU C 281 -8.11 -32.29 -67.25
C LEU C 281 -7.45 -31.20 -66.43
N SER C 282 -6.99 -31.54 -65.23
CA SER C 282 -6.41 -30.57 -64.32
C SER C 282 -5.10 -30.02 -64.86
N TYR C 283 -4.82 -28.76 -64.52
CA TYR C 283 -3.56 -28.08 -64.80
C TYR C 283 -3.23 -28.00 -66.28
N ASN C 284 -4.17 -28.31 -67.15
CA ASN C 284 -3.90 -28.30 -68.58
C ASN C 284 -4.04 -26.93 -69.19
N ASN C 285 -4.15 -25.89 -68.35
CA ASN C 285 -4.31 -24.47 -68.72
C ASN C 285 -5.21 -24.30 -69.94
N LEU C 286 -6.31 -25.05 -69.96
CA LEU C 286 -7.23 -25.00 -71.09
C LEU C 286 -7.87 -23.62 -71.17
N ASN C 287 -8.06 -23.15 -72.41
CA ASN C 287 -8.54 -21.79 -72.64
C ASN C 287 -10.01 -21.74 -73.03
N VAL C 288 -10.41 -22.47 -74.07
CA VAL C 288 -11.76 -22.39 -74.61
C VAL C 288 -12.29 -23.79 -74.85
N VAL C 289 -13.50 -24.07 -74.39
CA VAL C 289 -14.21 -25.31 -74.66
C VAL C 289 -15.25 -25.02 -75.72
N GLY C 290 -15.17 -25.73 -76.85
CA GLY C 290 -16.15 -25.56 -77.89
C GLY C 290 -17.52 -26.06 -77.48
N ASN C 291 -18.54 -25.61 -78.21
CA ASN C 291 -19.90 -26.07 -77.98
C ASN C 291 -19.98 -27.58 -78.12
N ASP C 292 -20.67 -28.22 -77.17
CA ASP C 292 -20.93 -29.67 -77.22
C ASP C 292 -19.66 -30.49 -77.27
N SER C 293 -18.57 -30.00 -76.66
CA SER C 293 -17.30 -30.71 -76.73
C SER C 293 -17.31 -32.02 -75.95
N PHE C 294 -18.33 -32.27 -75.13
CA PHE C 294 -18.37 -33.45 -74.29
C PHE C 294 -19.59 -34.31 -74.55
N ALA C 295 -20.30 -34.09 -75.65
CA ALA C 295 -21.52 -34.83 -75.94
C ALA C 295 -21.27 -36.32 -76.19
N TRP C 296 -20.03 -36.71 -76.46
CA TRP C 296 -19.69 -38.10 -76.69
C TRP C 296 -19.39 -38.85 -75.40
N LEU C 297 -19.81 -38.31 -74.27
CA LEU C 297 -19.62 -38.94 -72.96
C LEU C 297 -20.99 -39.02 -72.30
N PRO C 298 -21.81 -39.99 -72.70
CA PRO C 298 -23.18 -40.06 -72.17
C PRO C 298 -23.23 -40.23 -70.66
N GLN C 299 -22.24 -40.93 -70.09
CA GLN C 299 -22.11 -41.03 -68.64
C GLN C 299 -20.68 -40.70 -68.26
N LEU C 300 -20.52 -39.83 -67.27
CA LEU C 300 -19.20 -39.51 -66.73
C LEU C 300 -19.41 -39.09 -65.28
N GLU C 301 -19.22 -40.03 -64.36
CA GLU C 301 -19.56 -39.79 -62.96
C GLU C 301 -18.72 -38.67 -62.37
N TYR C 302 -17.42 -38.67 -62.66
CA TYR C 302 -16.50 -37.68 -62.14
C TYR C 302 -15.86 -36.91 -63.28
N PHE C 303 -15.57 -35.64 -63.03
CA PHE C 303 -15.00 -34.78 -64.04
C PHE C 303 -14.17 -33.70 -63.35
N PHE C 304 -12.92 -33.56 -63.76
CA PHE C 304 -11.98 -32.67 -63.11
C PHE C 304 -11.56 -31.57 -64.06
N LEU C 305 -11.77 -30.32 -63.66
CA LEU C 305 -11.37 -29.15 -64.44
C LEU C 305 -10.88 -28.13 -63.43
N GLU C 306 -9.59 -28.15 -63.13
CA GLU C 306 -9.04 -27.20 -62.18
C GLU C 306 -7.71 -26.69 -62.69
N TYR C 307 -7.37 -25.46 -62.29
CA TYR C 307 -6.14 -24.79 -62.71
C TYR C 307 -6.05 -24.74 -64.23
N ASN C 308 -7.10 -24.22 -64.85
CA ASN C 308 -7.14 -24.08 -66.30
C ASN C 308 -7.54 -22.65 -66.64
N ASN C 309 -6.84 -22.05 -67.60
CA ASN C 309 -6.99 -20.63 -67.91
C ASN C 309 -8.19 -20.39 -68.83
N ILE C 310 -9.35 -20.83 -68.37
CA ILE C 310 -10.58 -20.70 -69.14
C ILE C 310 -11.07 -19.26 -69.08
N GLN C 311 -11.56 -18.76 -70.22
CA GLN C 311 -12.00 -17.38 -70.33
C GLN C 311 -13.49 -17.20 -70.48
N HIS C 312 -14.19 -18.15 -71.09
CA HIS C 312 -15.62 -17.98 -71.33
C HIS C 312 -16.27 -19.33 -71.56
N LEU C 313 -17.42 -19.55 -70.94
CA LEU C 313 -18.22 -20.75 -71.13
C LEU C 313 -19.43 -20.42 -71.99
N PHE C 314 -19.56 -21.13 -73.10
CA PHE C 314 -20.74 -21.02 -73.94
C PHE C 314 -21.85 -21.86 -73.31
N SER C 315 -23.10 -21.54 -73.70
CA SER C 315 -24.24 -22.27 -73.16
C SER C 315 -24.12 -23.76 -73.45
N HIS C 316 -23.89 -24.11 -74.71
CA HIS C 316 -23.78 -25.50 -75.13
C HIS C 316 -22.40 -26.08 -74.92
N SER C 317 -21.52 -25.38 -74.19
CA SER C 317 -20.18 -25.89 -73.95
C SER C 317 -20.20 -27.15 -73.10
N LEU C 318 -21.17 -27.27 -72.19
CA LEU C 318 -21.25 -28.42 -71.29
C LEU C 318 -22.43 -29.33 -71.62
N HIS C 319 -22.94 -29.26 -72.84
CA HIS C 319 -24.09 -30.07 -73.21
C HIS C 319 -23.74 -31.55 -73.23
N GLY C 320 -24.68 -32.38 -72.81
CA GLY C 320 -24.54 -33.83 -72.92
C GLY C 320 -23.97 -34.53 -71.71
N LEU C 321 -23.92 -33.88 -70.55
CA LEU C 321 -23.36 -34.49 -69.34
C LEU C 321 -24.51 -35.03 -68.48
N PHE C 322 -25.14 -36.08 -69.00
CA PHE C 322 -26.34 -36.61 -68.36
C PHE C 322 -26.07 -37.16 -66.98
N ASN C 323 -25.00 -37.94 -66.84
CA ASN C 323 -24.73 -38.69 -65.61
C ASN C 323 -23.40 -38.24 -65.04
N VAL C 324 -23.43 -37.19 -64.23
CA VAL C 324 -22.25 -36.69 -63.53
C VAL C 324 -22.60 -36.53 -62.07
N ARG C 325 -21.73 -37.05 -61.19
CA ARG C 325 -21.93 -36.85 -59.76
C ARG C 325 -21.07 -35.74 -59.19
N TYR C 326 -19.85 -35.59 -59.68
CA TYR C 326 -18.89 -34.66 -59.09
C TYR C 326 -18.23 -33.87 -60.20
N LEU C 327 -18.37 -32.56 -60.15
CA LEU C 327 -17.70 -31.65 -61.08
C LEU C 327 -16.92 -30.62 -60.29
N ASN C 328 -15.63 -30.50 -60.59
CA ASN C 328 -14.74 -29.60 -59.87
C ASN C 328 -14.29 -28.50 -60.80
N LEU C 329 -14.36 -27.25 -60.32
CA LEU C 329 -13.94 -26.09 -61.09
C LEU C 329 -13.04 -25.18 -60.27
N LYS C 330 -12.23 -25.76 -59.39
CA LYS C 330 -11.38 -24.98 -58.51
C LYS C 330 -10.33 -24.23 -59.31
N ARG C 331 -10.43 -22.90 -59.30
CA ARG C 331 -9.51 -22.04 -60.04
C ARG C 331 -9.43 -22.45 -61.50
N SER C 332 -10.57 -22.80 -62.08
CA SER C 332 -10.65 -23.22 -63.46
C SER C 332 -10.93 -22.08 -64.41
N PHE C 333 -10.61 -20.85 -64.02
CA PHE C 333 -10.94 -19.69 -64.83
C PHE C 333 -9.77 -18.71 -64.84
N THR C 334 -9.79 -17.85 -65.85
CA THR C 334 -8.75 -16.85 -65.99
C THR C 334 -8.81 -15.83 -64.86
N LYS C 335 -7.65 -15.49 -64.31
CA LYS C 335 -7.59 -14.46 -63.29
C LYS C 335 -8.03 -13.12 -63.87
N GLN C 336 -8.79 -12.37 -63.07
CA GLN C 336 -9.26 -11.07 -63.52
C GLN C 336 -8.09 -10.12 -63.74
N SER C 337 -8.11 -9.43 -64.87
CA SER C 337 -7.12 -8.40 -65.19
C SER C 337 -7.88 -7.19 -65.72
N ILE C 338 -8.02 -6.16 -64.86
CA ILE C 338 -8.76 -4.96 -65.25
C ILE C 338 -8.10 -4.28 -66.43
N SER C 339 -6.76 -4.28 -66.46
CA SER C 339 -6.04 -3.72 -67.59
C SER C 339 -6.42 -4.42 -68.89
N LEU C 340 -6.54 -5.75 -68.85
CA LEU C 340 -6.99 -6.51 -70.00
C LEU C 340 -8.50 -6.60 -70.09
N ALA C 341 -9.23 -6.20 -69.05
CA ALA C 341 -10.68 -6.35 -68.97
C ALA C 341 -11.08 -7.80 -69.27
N SER C 342 -10.40 -8.72 -68.57
CA SER C 342 -10.53 -10.14 -68.89
C SER C 342 -11.97 -10.62 -68.74
N LEU C 343 -12.57 -10.38 -67.58
CA LEU C 343 -13.96 -10.71 -67.26
C LEU C 343 -14.28 -12.15 -67.64
N PRO C 344 -13.77 -13.15 -66.92
CA PRO C 344 -14.15 -14.53 -67.23
C PRO C 344 -15.63 -14.71 -66.99
N LYS C 345 -16.40 -14.88 -68.06
CA LYS C 345 -17.85 -14.78 -68.00
C LYS C 345 -18.50 -16.12 -68.24
N ILE C 346 -19.61 -16.34 -67.55
CA ILE C 346 -20.38 -17.57 -67.63
C ILE C 346 -21.71 -17.25 -68.28
N ASP C 347 -21.98 -17.87 -69.42
CA ASP C 347 -23.31 -17.81 -70.00
C ASP C 347 -24.28 -18.57 -69.12
N ASP C 348 -25.47 -18.01 -68.92
CA ASP C 348 -26.45 -18.68 -68.08
C ASP C 348 -26.98 -19.92 -68.77
N PHE C 349 -27.59 -20.80 -67.97
CA PHE C 349 -28.04 -22.12 -68.37
C PHE C 349 -26.91 -23.01 -68.88
N SER C 350 -25.65 -22.62 -68.67
CA SER C 350 -24.54 -23.47 -69.09
C SER C 350 -24.46 -24.74 -68.28
N PHE C 351 -25.07 -24.76 -67.09
CA PHE C 351 -25.12 -25.96 -66.26
C PHE C 351 -26.44 -26.70 -66.38
N GLN C 352 -27.35 -26.25 -67.25
CA GLN C 352 -28.70 -26.80 -67.28
C GLN C 352 -28.74 -28.24 -67.71
N TRP C 353 -27.66 -28.76 -68.31
CA TRP C 353 -27.62 -30.15 -68.74
C TRP C 353 -27.08 -31.08 -67.66
N LEU C 354 -26.64 -30.55 -66.53
CA LEU C 354 -26.09 -31.37 -65.45
C LEU C 354 -27.25 -31.87 -64.58
N LYS C 355 -28.11 -32.68 -65.21
CA LYS C 355 -29.33 -33.13 -64.56
C LYS C 355 -29.08 -34.07 -63.39
N CYS C 356 -27.86 -34.57 -63.22
CA CYS C 356 -27.55 -35.52 -62.16
C CYS C 356 -26.46 -34.99 -61.23
N LEU C 357 -25.97 -33.78 -61.45
CA LEU C 357 -24.85 -33.27 -60.68
C LEU C 357 -25.22 -33.07 -59.22
N GLU C 358 -24.31 -33.45 -58.33
CA GLU C 358 -24.51 -33.35 -56.90
C GLU C 358 -23.47 -32.49 -56.19
N HIS C 359 -22.25 -32.43 -56.73
CA HIS C 359 -21.12 -31.80 -56.03
C HIS C 359 -20.41 -30.90 -57.03
N LEU C 360 -20.60 -29.60 -56.88
CA LEU C 360 -19.95 -28.61 -57.74
C LEU C 360 -19.06 -27.74 -56.88
N ASN C 361 -17.79 -27.63 -57.26
CA ASN C 361 -16.80 -26.89 -56.51
C ASN C 361 -16.29 -25.73 -57.36
N MET C 362 -16.22 -24.54 -56.75
CA MET C 362 -15.74 -23.35 -57.45
C MET C 362 -14.80 -22.55 -56.57
N GLU C 363 -13.90 -23.24 -55.87
CA GLU C 363 -12.97 -22.53 -55.00
C GLU C 363 -12.01 -21.67 -55.80
N ASP C 364 -11.65 -20.52 -55.22
CA ASP C 364 -10.63 -19.62 -55.73
C ASP C 364 -10.86 -19.28 -57.20
N ASN C 365 -11.97 -18.61 -57.46
CA ASN C 365 -12.37 -18.24 -58.81
C ASN C 365 -12.61 -16.74 -58.87
N ASP C 366 -12.74 -16.22 -60.09
CA ASP C 366 -12.92 -14.79 -60.31
C ASP C 366 -14.15 -14.54 -61.18
N ILE C 367 -15.26 -15.20 -60.84
CA ILE C 367 -16.52 -14.89 -61.54
C ILE C 367 -16.95 -13.47 -61.19
N PRO C 368 -17.30 -12.63 -62.17
CA PRO C 368 -17.64 -11.24 -61.83
C PRO C 368 -18.86 -11.11 -60.94
N GLY C 369 -19.83 -12.00 -61.07
CA GLY C 369 -21.04 -11.89 -60.27
C GLY C 369 -22.01 -12.96 -60.68
N ILE C 370 -23.09 -13.07 -59.92
CA ILE C 370 -24.06 -14.14 -60.11
C ILE C 370 -25.13 -13.66 -61.09
N LYS C 371 -25.22 -14.32 -62.24
CA LYS C 371 -26.32 -14.10 -63.15
C LYS C 371 -27.59 -14.77 -62.61
N SER C 372 -28.73 -14.34 -63.15
CA SER C 372 -30.01 -14.82 -62.63
C SER C 372 -30.24 -16.30 -62.90
N ASN C 373 -29.50 -16.91 -63.82
CA ASN C 373 -29.81 -18.27 -64.25
C ASN C 373 -28.53 -19.10 -64.40
N MET C 374 -27.60 -18.97 -63.46
CA MET C 374 -26.38 -19.77 -63.53
C MET C 374 -26.68 -21.24 -63.30
N PHE C 375 -27.43 -21.56 -62.25
CA PHE C 375 -27.65 -22.94 -61.83
C PHE C 375 -29.04 -23.44 -62.19
N THR C 376 -29.73 -22.76 -63.10
CA THR C 376 -31.03 -23.23 -63.55
C THR C 376 -30.90 -24.60 -64.21
N GLY C 377 -31.78 -25.51 -63.83
CA GLY C 377 -31.78 -26.86 -64.35
C GLY C 377 -31.15 -27.89 -63.44
N LEU C 378 -30.37 -27.47 -62.45
CA LEU C 378 -29.80 -28.41 -61.50
C LEU C 378 -30.91 -29.03 -60.66
N ILE C 379 -30.88 -30.35 -60.49
CA ILE C 379 -31.93 -31.08 -59.81
C ILE C 379 -31.39 -31.84 -58.60
N ASN C 380 -30.31 -32.58 -58.78
CA ASN C 380 -29.74 -33.38 -57.71
C ASN C 380 -28.62 -32.67 -56.97
N LEU C 381 -28.49 -31.36 -57.14
CA LEU C 381 -27.38 -30.63 -56.53
C LEU C 381 -27.46 -30.70 -55.01
N LYS C 382 -26.40 -31.21 -54.40
CA LYS C 382 -26.33 -31.45 -52.97
C LYS C 382 -25.38 -30.50 -52.26
N TYR C 383 -24.14 -30.44 -52.73
CA TYR C 383 -23.08 -29.65 -52.09
C TYR C 383 -22.52 -28.69 -53.14
N LEU C 384 -22.70 -27.40 -52.90
CA LEU C 384 -22.16 -26.36 -53.77
C LEU C 384 -21.27 -25.46 -52.94
N SER C 385 -20.02 -25.32 -53.37
CA SER C 385 -19.05 -24.47 -52.69
C SER C 385 -18.71 -23.30 -53.60
N LEU C 386 -18.92 -22.09 -53.11
CA LEU C 386 -18.57 -20.88 -53.84
C LEU C 386 -17.49 -20.10 -53.10
N SER C 387 -16.66 -20.81 -52.35
CA SER C 387 -15.61 -20.17 -51.58
C SER C 387 -14.64 -19.42 -52.48
N ASN C 388 -14.56 -18.10 -52.29
CA ASN C 388 -13.64 -17.25 -53.03
C ASN C 388 -13.85 -17.37 -54.54
N SER C 389 -15.11 -17.48 -54.94
CA SER C 389 -15.42 -17.66 -56.35
C SER C 389 -15.73 -16.36 -57.08
N PHE C 390 -16.16 -15.33 -56.37
CA PHE C 390 -16.58 -14.08 -56.99
C PHE C 390 -15.62 -12.96 -56.61
N THR C 391 -15.06 -12.31 -57.63
CA THR C 391 -14.22 -11.14 -57.38
C THR C 391 -15.04 -9.97 -56.86
N SER C 392 -16.34 -9.92 -57.18
CA SER C 392 -17.18 -8.81 -56.75
C SER C 392 -18.57 -9.36 -56.46
N LEU C 393 -18.81 -9.69 -55.19
CA LEU C 393 -20.13 -10.04 -54.69
C LEU C 393 -20.33 -9.21 -53.44
N ARG C 394 -20.79 -7.96 -53.62
CA ARG C 394 -20.89 -7.07 -52.48
C ARG C 394 -22.06 -7.45 -51.58
N THR C 395 -23.21 -7.75 -52.17
CA THR C 395 -24.39 -8.00 -51.35
C THR C 395 -25.26 -9.07 -51.98
N LEU C 396 -26.08 -9.69 -51.13
CA LEU C 396 -27.03 -10.71 -51.55
C LEU C 396 -28.42 -10.11 -51.55
N THR C 397 -29.12 -10.22 -52.68
CA THR C 397 -30.37 -9.54 -52.89
C THR C 397 -31.54 -10.51 -52.75
N ASN C 398 -32.75 -10.02 -53.06
CA ASN C 398 -33.95 -10.85 -52.99
C ASN C 398 -33.83 -12.09 -53.87
N GLU C 399 -33.24 -11.94 -55.05
CA GLU C 399 -33.25 -12.98 -56.07
C GLU C 399 -31.85 -13.41 -56.49
N THR C 400 -30.84 -13.10 -55.67
CA THR C 400 -29.47 -13.46 -56.04
C THR C 400 -29.26 -14.97 -56.09
N PHE C 401 -30.14 -15.76 -55.47
CA PHE C 401 -30.07 -17.20 -55.53
C PHE C 401 -31.33 -17.82 -56.12
N VAL C 402 -32.07 -17.07 -56.93
CA VAL C 402 -33.30 -17.59 -57.51
C VAL C 402 -33.03 -18.72 -58.48
N SER C 403 -31.81 -18.80 -59.04
CA SER C 403 -31.48 -19.89 -59.94
C SER C 403 -31.37 -21.23 -59.24
N LEU C 404 -31.36 -21.23 -57.91
CA LEU C 404 -31.19 -22.45 -57.12
C LEU C 404 -32.50 -22.94 -56.53
N ALA C 405 -33.64 -22.41 -56.98
CA ALA C 405 -34.92 -22.68 -56.34
C ALA C 405 -35.37 -24.13 -56.45
N HIS C 406 -34.73 -24.93 -57.29
CA HIS C 406 -35.17 -26.30 -57.54
C HIS C 406 -34.05 -27.30 -57.31
N SER C 407 -33.33 -27.17 -56.19
CA SER C 407 -32.27 -28.10 -55.89
C SER C 407 -32.14 -28.27 -54.38
N PRO C 408 -32.14 -29.50 -53.87
CA PRO C 408 -31.96 -29.70 -52.43
C PRO C 408 -30.53 -29.43 -52.00
N LEU C 409 -30.12 -28.17 -52.07
CA LEU C 409 -28.75 -27.81 -51.76
C LEU C 409 -28.53 -27.86 -50.26
N HIS C 410 -28.00 -28.98 -49.77
CA HIS C 410 -27.84 -29.16 -48.33
C HIS C 410 -26.76 -28.23 -47.77
N ILE C 411 -25.63 -28.12 -48.46
CA ILE C 411 -24.49 -27.36 -47.98
C ILE C 411 -24.14 -26.30 -49.01
N LEU C 412 -24.11 -25.04 -48.58
CA LEU C 412 -23.68 -23.93 -49.42
C LEU C 412 -22.55 -23.20 -48.72
N ASN C 413 -21.53 -22.82 -49.48
CA ASN C 413 -20.26 -22.36 -48.93
C ASN C 413 -19.92 -21.02 -49.55
N LEU C 414 -19.99 -19.94 -48.77
CA LEU C 414 -19.75 -18.60 -49.26
C LEU C 414 -18.59 -17.93 -48.55
N THR C 415 -17.57 -18.71 -48.20
CA THR C 415 -16.42 -18.17 -47.50
C THR C 415 -15.56 -17.33 -48.43
N LYS C 416 -15.02 -16.23 -47.90
CA LYS C 416 -14.02 -15.41 -48.59
C LYS C 416 -14.59 -14.77 -49.87
N ASN C 417 -15.69 -14.04 -49.73
CA ASN C 417 -16.30 -13.41 -50.89
C ASN C 417 -16.64 -11.94 -50.65
N LYS C 418 -16.09 -11.34 -49.59
CA LYS C 418 -16.34 -9.96 -49.17
C LYS C 418 -17.80 -9.56 -49.37
N ILE C 419 -18.67 -10.32 -48.72
CA ILE C 419 -20.12 -10.09 -48.80
C ILE C 419 -20.46 -8.98 -47.83
N SER C 420 -20.73 -7.78 -48.34
CA SER C 420 -20.87 -6.61 -47.48
C SER C 420 -22.13 -6.68 -46.64
N LYS C 421 -23.27 -6.97 -47.27
CA LYS C 421 -24.54 -6.95 -46.54
C LYS C 421 -25.46 -8.01 -47.12
N ILE C 422 -26.35 -8.52 -46.27
CA ILE C 422 -27.34 -9.51 -46.67
C ILE C 422 -28.71 -8.87 -46.59
N GLU C 423 -29.37 -8.74 -47.74
CA GLU C 423 -30.74 -8.28 -47.74
C GLU C 423 -31.67 -9.38 -47.24
N SER C 424 -32.83 -8.97 -46.75
CA SER C 424 -33.78 -9.95 -46.21
C SER C 424 -34.32 -10.83 -47.33
N ASP C 425 -34.72 -12.05 -46.95
CA ASP C 425 -35.24 -13.06 -47.86
C ASP C 425 -34.25 -13.44 -48.95
N ALA C 426 -32.96 -13.24 -48.72
CA ALA C 426 -31.97 -13.56 -49.73
C ALA C 426 -31.83 -15.07 -49.91
N PHE C 427 -32.03 -15.84 -48.85
CA PHE C 427 -31.94 -17.30 -48.91
C PHE C 427 -33.31 -17.96 -48.92
N SER C 428 -34.36 -17.24 -49.32
CA SER C 428 -35.69 -17.82 -49.36
C SER C 428 -35.75 -19.02 -50.28
N TRP C 429 -34.99 -18.99 -51.38
CA TRP C 429 -35.02 -20.07 -52.36
C TRP C 429 -34.43 -21.36 -51.81
N LEU C 430 -33.59 -21.29 -50.79
CA LEU C 430 -32.93 -22.47 -50.24
C LEU C 430 -33.87 -23.10 -49.22
N GLY C 431 -34.57 -24.16 -49.62
CA GLY C 431 -35.53 -24.79 -48.75
C GLY C 431 -34.93 -25.93 -47.94
N HIS C 432 -34.13 -26.75 -48.59
CA HIS C 432 -33.54 -27.92 -47.96
C HIS C 432 -32.15 -27.65 -47.40
N LEU C 433 -31.70 -26.41 -47.43
CA LEU C 433 -30.36 -26.08 -46.97
C LEU C 433 -30.22 -26.40 -45.49
N GLU C 434 -29.06 -26.97 -45.12
CA GLU C 434 -28.83 -27.32 -43.73
C GLU C 434 -27.50 -26.82 -43.17
N VAL C 435 -26.49 -26.58 -44.00
CA VAL C 435 -25.22 -26.04 -43.55
C VAL C 435 -24.89 -24.84 -44.43
N LEU C 436 -24.91 -23.65 -43.85
CA LEU C 436 -24.57 -22.43 -44.56
C LEU C 436 -23.34 -21.80 -43.91
N ASP C 437 -22.34 -21.49 -44.72
CA ASP C 437 -21.07 -20.97 -44.24
C ASP C 437 -20.88 -19.57 -44.81
N LEU C 438 -21.36 -18.58 -44.08
CA LEU C 438 -21.10 -17.18 -44.42
C LEU C 438 -19.87 -16.65 -43.70
N GLY C 439 -19.13 -17.53 -43.03
CA GLY C 439 -17.97 -17.09 -42.29
C GLY C 439 -16.87 -16.57 -43.18
N LEU C 440 -16.01 -15.73 -42.58
CA LEU C 440 -14.84 -15.18 -43.24
C LEU C 440 -15.23 -14.36 -44.46
N ASN C 441 -16.04 -13.33 -44.22
CA ASN C 441 -16.48 -12.39 -45.22
C ASN C 441 -16.34 -10.99 -44.63
N GLU C 442 -16.93 -10.00 -45.29
CA GLU C 442 -16.94 -8.63 -44.78
C GLU C 442 -18.38 -8.27 -44.50
N ILE C 443 -18.94 -8.75 -43.40
CA ILE C 443 -20.34 -8.53 -43.09
C ILE C 443 -20.47 -7.52 -41.98
N GLY C 444 -21.09 -6.39 -42.30
CA GLY C 444 -21.52 -5.42 -41.31
C GLY C 444 -22.98 -5.15 -41.50
N GLN C 445 -23.81 -5.54 -40.52
CA GLN C 445 -25.23 -5.59 -40.74
C GLN C 445 -25.92 -5.80 -39.41
N GLU C 446 -27.12 -5.21 -39.28
CA GLU C 446 -28.01 -5.53 -38.19
C GLU C 446 -28.82 -6.76 -38.58
N LEU C 447 -28.70 -7.83 -37.80
CA LEU C 447 -29.40 -9.06 -38.14
C LEU C 447 -30.87 -8.95 -37.77
N THR C 448 -31.68 -8.45 -38.71
CA THR C 448 -33.09 -8.19 -38.42
C THR C 448 -33.90 -9.47 -38.24
N GLY C 449 -33.35 -10.63 -38.57
CA GLY C 449 -34.05 -11.89 -38.44
C GLY C 449 -34.79 -12.30 -39.69
N GLN C 450 -35.35 -11.32 -40.41
CA GLN C 450 -36.02 -11.60 -41.67
C GLN C 450 -35.06 -12.10 -42.73
N GLU C 451 -33.76 -11.94 -42.51
CA GLU C 451 -32.77 -12.39 -43.49
C GLU C 451 -32.78 -13.89 -43.67
N TRP C 452 -33.36 -14.64 -42.72
CA TRP C 452 -33.25 -16.09 -42.71
C TRP C 452 -34.59 -16.76 -42.98
N ARG C 453 -35.54 -16.03 -43.57
CA ARG C 453 -36.94 -16.43 -43.52
C ARG C 453 -37.19 -17.77 -44.22
N GLY C 454 -36.61 -17.94 -45.41
CA GLY C 454 -36.93 -19.13 -46.19
C GLY C 454 -36.42 -20.41 -45.58
N LEU C 455 -35.48 -20.33 -44.64
CA LEU C 455 -34.78 -21.53 -44.21
C LEU C 455 -35.69 -22.37 -43.32
N GLU C 456 -35.53 -23.69 -43.40
CA GLU C 456 -36.41 -24.57 -42.65
C GLU C 456 -35.63 -25.60 -41.83
N ASN C 457 -34.48 -26.05 -42.35
CA ASN C 457 -33.82 -27.21 -41.78
C ASN C 457 -32.33 -26.99 -41.51
N ILE C 458 -31.89 -25.73 -41.43
CA ILE C 458 -30.46 -25.49 -41.21
C ILE C 458 -30.05 -25.96 -39.83
N PHE C 459 -28.94 -26.70 -39.80
CA PHE C 459 -28.37 -27.17 -38.55
C PHE C 459 -27.20 -26.32 -38.10
N GLU C 460 -26.40 -25.81 -39.02
CA GLU C 460 -25.19 -25.07 -38.70
C GLU C 460 -25.16 -23.77 -39.49
N ILE C 461 -24.79 -22.68 -38.80
CA ILE C 461 -24.54 -21.40 -39.44
C ILE C 461 -23.16 -20.93 -39.00
N TYR C 462 -22.27 -20.72 -39.96
CA TYR C 462 -20.95 -20.18 -39.68
C TYR C 462 -20.92 -18.71 -40.06
N LEU C 463 -20.75 -17.84 -39.07
CA LEU C 463 -20.61 -16.42 -39.32
C LEU C 463 -19.28 -15.89 -38.80
N SER C 464 -18.32 -16.77 -38.53
CA SER C 464 -17.08 -16.37 -37.90
C SER C 464 -16.24 -15.48 -38.81
N TYR C 465 -15.42 -14.65 -38.18
CA TYR C 465 -14.46 -13.78 -38.86
C TYR C 465 -15.17 -12.80 -39.81
N ASN C 466 -15.98 -11.92 -39.21
CA ASN C 466 -16.69 -10.89 -39.96
C ASN C 466 -16.48 -9.53 -39.32
N LYS C 467 -17.16 -8.50 -39.82
CA LYS C 467 -16.93 -7.17 -39.27
C LYS C 467 -17.75 -6.93 -38.01
N TYR C 468 -19.08 -6.92 -38.14
CA TYR C 468 -19.93 -6.70 -36.98
C TYR C 468 -21.36 -7.08 -37.29
N LEU C 469 -22.04 -7.61 -36.28
CA LEU C 469 -23.46 -7.88 -36.32
C LEU C 469 -24.16 -7.13 -35.20
N GLN C 470 -25.29 -6.52 -35.50
CA GLN C 470 -26.13 -5.88 -34.50
C GLN C 470 -27.30 -6.81 -34.23
N LEU C 471 -27.32 -7.42 -33.06
CA LEU C 471 -28.33 -8.41 -32.75
C LEU C 471 -29.60 -7.74 -32.22
N THR C 472 -30.73 -8.40 -32.48
CA THR C 472 -32.03 -8.00 -31.98
C THR C 472 -32.65 -9.19 -31.27
N ARG C 473 -33.78 -8.95 -30.61
CA ARG C 473 -34.47 -10.05 -29.93
C ARG C 473 -34.95 -11.09 -30.91
N ASN C 474 -35.51 -10.65 -32.04
CA ASN C 474 -35.94 -11.55 -33.11
C ASN C 474 -34.91 -11.62 -34.23
N SER C 475 -33.68 -11.98 -33.89
CA SER C 475 -32.63 -12.10 -34.89
C SER C 475 -32.51 -13.51 -35.44
N PHE C 476 -32.92 -14.52 -34.66
CA PHE C 476 -32.86 -15.91 -35.11
C PHE C 476 -34.21 -16.60 -34.99
N ALA C 477 -35.28 -15.87 -34.74
CA ALA C 477 -36.59 -16.49 -34.55
C ALA C 477 -37.05 -17.24 -35.79
N LEU C 478 -36.61 -16.81 -36.98
CA LEU C 478 -37.04 -17.47 -38.20
C LEU C 478 -36.41 -18.84 -38.40
N VAL C 479 -35.37 -19.18 -37.64
CA VAL C 479 -34.67 -20.44 -37.82
C VAL C 479 -34.46 -21.20 -36.51
N PRO C 480 -35.53 -21.70 -35.88
CA PRO C 480 -35.35 -22.48 -34.65
C PRO C 480 -34.80 -23.88 -34.88
N SER C 481 -34.47 -24.25 -36.12
CA SER C 481 -33.92 -25.56 -36.44
C SER C 481 -32.43 -25.66 -36.17
N LEU C 482 -31.80 -24.56 -35.75
CA LEU C 482 -30.35 -24.49 -35.68
C LEU C 482 -29.79 -25.42 -34.62
N GLN C 483 -28.56 -25.89 -34.86
CA GLN C 483 -27.85 -26.75 -33.92
C GLN C 483 -26.45 -26.21 -33.66
N ARG C 484 -25.90 -25.46 -34.61
CA ARG C 484 -24.56 -24.91 -34.49
C ARG C 484 -24.58 -23.46 -34.94
N LEU C 485 -24.23 -22.55 -34.03
CA LEU C 485 -24.08 -21.14 -34.34
C LEU C 485 -22.66 -20.73 -33.99
N MET C 486 -21.85 -20.45 -35.00
CA MET C 486 -20.45 -20.12 -34.83
C MET C 486 -20.27 -18.63 -35.08
N LEU C 487 -20.10 -17.86 -34.01
CA LEU C 487 -19.86 -16.42 -34.10
C LEU C 487 -18.51 -16.14 -33.47
N ARG C 488 -17.45 -16.30 -34.25
CA ARG C 488 -16.10 -16.18 -33.77
C ARG C 488 -15.46 -14.95 -34.39
N ARG C 489 -15.00 -14.03 -33.54
CA ARG C 489 -14.44 -12.74 -33.97
C ARG C 489 -15.37 -12.04 -34.94
N VAL C 490 -16.55 -11.67 -34.44
CA VAL C 490 -17.55 -11.03 -35.27
C VAL C 490 -18.08 -9.74 -34.66
N ALA C 491 -17.62 -9.37 -33.47
CA ALA C 491 -17.95 -8.09 -32.83
C ALA C 491 -19.47 -7.93 -32.68
N LEU C 492 -20.04 -8.81 -31.86
CA LEU C 492 -21.47 -8.80 -31.64
C LEU C 492 -21.90 -7.52 -30.93
N LYS C 493 -22.80 -6.77 -31.56
CA LYS C 493 -23.39 -5.60 -30.94
C LYS C 493 -24.67 -5.98 -30.23
N ASN C 494 -24.93 -5.29 -29.11
CA ASN C 494 -26.21 -5.36 -28.42
C ASN C 494 -26.53 -6.78 -27.97
N VAL C 495 -25.50 -7.57 -27.67
CA VAL C 495 -25.72 -8.95 -27.23
C VAL C 495 -26.27 -9.01 -25.82
N ASP C 496 -26.19 -7.92 -25.06
CA ASP C 496 -26.72 -7.85 -23.71
C ASP C 496 -28.16 -7.38 -23.67
N SER C 497 -28.94 -7.63 -24.72
CA SER C 497 -30.35 -7.27 -24.70
C SER C 497 -31.11 -8.15 -23.71
N SER C 498 -32.15 -7.58 -23.10
CA SER C 498 -32.88 -8.28 -22.06
C SER C 498 -33.52 -9.58 -22.55
N PRO C 499 -34.26 -9.60 -23.66
CA PRO C 499 -34.57 -10.90 -24.27
C PRO C 499 -33.35 -11.39 -25.03
N SER C 500 -32.88 -12.58 -24.68
CA SER C 500 -31.69 -13.12 -25.32
C SER C 500 -31.94 -13.32 -26.81
N PRO C 501 -31.03 -12.87 -27.68
CA PRO C 501 -31.19 -13.16 -29.11
C PRO C 501 -31.13 -14.64 -29.41
N PHE C 502 -30.56 -15.45 -28.53
CA PHE C 502 -30.49 -16.89 -28.71
C PHE C 502 -31.69 -17.62 -28.13
N GLN C 503 -32.65 -16.90 -27.54
CA GLN C 503 -33.81 -17.54 -26.94
C GLN C 503 -34.62 -18.40 -27.90
N PRO C 504 -34.95 -17.96 -29.13
CA PRO C 504 -35.74 -18.84 -30.01
C PRO C 504 -35.06 -20.15 -30.33
N LEU C 505 -33.72 -20.15 -30.42
CA LEU C 505 -32.99 -21.39 -30.65
C LEU C 505 -33.20 -22.35 -29.49
N ARG C 506 -33.50 -23.60 -29.80
CA ARG C 506 -33.80 -24.57 -28.76
C ARG C 506 -32.91 -25.79 -28.85
N ASN C 507 -32.65 -26.26 -30.06
CA ASN C 507 -31.83 -27.45 -30.27
C ASN C 507 -30.38 -27.09 -30.52
N LEU C 508 -29.97 -25.87 -30.17
CA LEU C 508 -28.58 -25.48 -30.29
C LEU C 508 -27.71 -26.38 -29.44
N THR C 509 -26.66 -26.94 -30.03
CA THR C 509 -25.72 -27.78 -29.31
C THR C 509 -24.33 -27.17 -29.20
N ILE C 510 -23.92 -26.36 -30.17
CA ILE C 510 -22.61 -25.75 -30.19
C ILE C 510 -22.78 -24.25 -30.39
N LEU C 511 -22.35 -23.46 -29.41
CA LEU C 511 -22.36 -22.02 -29.51
C LEU C 511 -20.96 -21.49 -29.27
N ASP C 512 -20.49 -20.60 -30.14
CA ASP C 512 -19.15 -20.08 -30.07
C ASP C 512 -19.20 -18.56 -30.14
N LEU C 513 -18.71 -17.90 -29.09
CA LEU C 513 -18.62 -16.45 -29.05
C LEU C 513 -17.20 -16.02 -28.76
N SER C 514 -16.22 -16.77 -29.24
CA SER C 514 -14.84 -16.52 -28.89
C SER C 514 -14.30 -15.28 -29.59
N ASN C 515 -13.24 -14.72 -29.01
CA ASN C 515 -12.46 -13.65 -29.60
C ASN C 515 -13.24 -12.36 -29.80
N ASN C 516 -14.49 -12.33 -29.35
CA ASN C 516 -15.33 -11.18 -29.61
C ASN C 516 -15.09 -10.01 -28.66
N ASN C 517 -14.32 -10.22 -27.59
CA ASN C 517 -14.05 -9.18 -26.61
C ASN C 517 -15.35 -8.58 -26.07
N ILE C 518 -16.31 -9.45 -25.74
CA ILE C 518 -17.57 -8.99 -25.19
C ILE C 518 -17.34 -8.45 -23.79
N ALA C 519 -18.02 -7.35 -23.46
CA ALA C 519 -17.81 -6.67 -22.19
C ALA C 519 -18.79 -7.13 -21.11
N ASN C 520 -20.08 -7.05 -21.38
CA ASN C 520 -21.10 -7.40 -20.41
C ASN C 520 -22.14 -8.34 -21.01
N ILE C 521 -22.69 -9.19 -20.17
CA ILE C 521 -23.63 -10.23 -20.57
C ILE C 521 -24.78 -10.26 -19.59
N ASN C 522 -26.01 -10.30 -20.11
CA ASN C 522 -27.17 -10.43 -19.26
C ASN C 522 -27.35 -11.87 -18.79
N ASP C 523 -27.98 -12.03 -17.63
CA ASP C 523 -28.26 -13.36 -17.12
C ASP C 523 -29.15 -14.15 -18.06
N ASP C 524 -29.98 -13.45 -18.84
CA ASP C 524 -30.96 -14.10 -19.71
C ASP C 524 -30.36 -14.73 -20.95
N MET C 525 -29.05 -14.53 -21.19
CA MET C 525 -28.47 -14.90 -22.48
C MET C 525 -28.63 -16.37 -22.77
N LEU C 526 -28.37 -17.22 -21.78
CA LEU C 526 -28.45 -18.67 -21.95
C LEU C 526 -29.59 -19.18 -21.08
N GLU C 527 -30.81 -19.16 -21.62
CA GLU C 527 -31.97 -19.71 -20.95
C GLU C 527 -32.68 -20.65 -21.91
N GLY C 528 -33.12 -21.79 -21.39
CA GLY C 528 -33.82 -22.77 -22.19
C GLY C 528 -32.94 -23.56 -23.13
N LEU C 529 -31.64 -23.30 -23.16
CA LEU C 529 -30.72 -23.98 -24.06
C LEU C 529 -30.26 -25.30 -23.45
N GLU C 530 -31.25 -26.15 -23.16
CA GLU C 530 -30.97 -27.43 -22.52
C GLU C 530 -30.14 -28.36 -23.40
N LYS C 531 -30.15 -28.14 -24.71
CA LYS C 531 -29.39 -28.97 -25.63
C LYS C 531 -27.96 -28.48 -25.84
N LEU C 532 -27.57 -27.39 -25.17
CA LEU C 532 -26.26 -26.79 -25.40
C LEU C 532 -25.19 -27.69 -24.83
N GLU C 533 -24.42 -28.32 -25.73
CA GLU C 533 -23.37 -29.25 -25.32
C GLU C 533 -21.99 -28.59 -25.26
N ILE C 534 -21.67 -27.74 -26.24
CA ILE C 534 -20.37 -27.12 -26.33
C ILE C 534 -20.56 -25.61 -26.29
N LEU C 535 -19.87 -24.96 -25.35
CA LEU C 535 -19.86 -23.51 -25.25
C LEU C 535 -18.41 -23.03 -25.25
N ASP C 536 -18.16 -21.96 -25.99
CA ASP C 536 -16.82 -21.42 -26.14
C ASP C 536 -16.88 -19.92 -25.94
N LEU C 537 -16.11 -19.41 -24.98
CA LEU C 537 -16.12 -17.98 -24.68
C LEU C 537 -14.72 -17.43 -24.49
N GLN C 538 -13.73 -18.05 -25.11
CA GLN C 538 -12.36 -17.62 -24.90
C GLN C 538 -12.11 -16.25 -25.53
N HIS C 539 -11.12 -15.56 -24.98
CA HIS C 539 -10.72 -14.22 -25.44
C HIS C 539 -11.89 -13.25 -25.41
N ASN C 540 -12.55 -13.17 -24.26
CA ASN C 540 -13.63 -12.22 -24.02
C ASN C 540 -13.35 -11.48 -22.73
N ASN C 541 -13.79 -10.23 -22.64
CA ASN C 541 -13.51 -9.43 -21.46
C ASN C 541 -14.71 -9.51 -20.51
N LEU C 542 -14.80 -10.64 -19.81
CA LEU C 542 -15.86 -10.90 -18.86
C LEU C 542 -15.36 -10.89 -17.41
N ALA C 543 -14.28 -10.18 -17.14
CA ALA C 543 -13.73 -10.16 -15.79
C ALA C 543 -14.67 -9.47 -14.82
N ARG C 544 -15.33 -8.40 -15.27
CA ARG C 544 -16.18 -7.61 -14.38
C ARG C 544 -17.35 -8.44 -13.85
N LEU C 545 -17.96 -9.26 -14.71
CA LEU C 545 -19.21 -9.92 -14.36
C LEU C 545 -19.08 -10.93 -13.24
N TRP C 546 -17.86 -11.35 -12.88
CA TRP C 546 -17.67 -12.24 -11.76
C TRP C 546 -16.91 -11.61 -10.61
N LYS C 547 -16.49 -10.36 -10.74
CA LYS C 547 -15.92 -9.65 -9.61
C LYS C 547 -16.99 -9.46 -8.54
N HIS C 548 -16.59 -9.59 -7.28
CA HIS C 548 -17.56 -9.53 -6.19
C HIS C 548 -18.21 -8.14 -6.11
N ALA C 549 -17.43 -7.10 -6.28
CA ALA C 549 -17.94 -5.73 -6.20
C ALA C 549 -18.74 -5.32 -7.41
N ASN C 550 -19.04 -6.22 -8.34
CA ASN C 550 -19.84 -5.87 -9.49
C ASN C 550 -21.24 -5.47 -9.03
N PRO C 551 -21.76 -4.31 -9.47
CA PRO C 551 -23.13 -3.94 -9.11
C PRO C 551 -24.13 -5.00 -9.57
N GLY C 552 -25.12 -5.25 -8.72
CA GLY C 552 -26.08 -6.30 -8.98
C GLY C 552 -25.57 -7.69 -8.69
N GLY C 553 -24.39 -7.82 -8.11
CA GLY C 553 -23.82 -9.11 -7.81
C GLY C 553 -23.22 -9.76 -9.05
N PRO C 554 -22.55 -10.90 -8.86
CA PRO C 554 -22.02 -11.63 -10.01
C PRO C 554 -23.13 -12.11 -10.92
N ILE C 555 -22.82 -12.15 -12.21
CA ILE C 555 -23.79 -12.57 -13.22
C ILE C 555 -23.61 -14.06 -13.47
N TYR C 556 -24.67 -14.84 -13.25
CA TYR C 556 -24.63 -16.28 -13.43
C TYR C 556 -25.28 -16.64 -14.75
N PHE C 557 -24.52 -16.47 -15.83
CA PHE C 557 -25.02 -16.85 -17.14
C PHE C 557 -24.97 -18.35 -17.36
N LEU C 558 -24.24 -19.09 -16.55
CA LEU C 558 -24.17 -20.55 -16.63
C LEU C 558 -25.18 -21.14 -15.65
N LYS C 559 -26.45 -21.13 -16.05
CA LYS C 559 -27.50 -21.73 -15.24
C LYS C 559 -28.49 -22.43 -16.16
N GLY C 560 -28.95 -23.61 -15.72
CA GLY C 560 -29.82 -24.41 -16.55
C GLY C 560 -29.12 -25.19 -17.64
N LEU C 561 -27.79 -25.19 -17.66
CA LEU C 561 -27.02 -25.87 -18.71
C LEU C 561 -26.80 -27.32 -18.28
N SER C 562 -27.83 -28.14 -18.48
CA SER C 562 -27.78 -29.52 -18.03
C SER C 562 -26.81 -30.37 -18.84
N HIS C 563 -26.65 -30.09 -20.14
CA HIS C 563 -25.91 -30.97 -21.02
C HIS C 563 -24.55 -30.41 -21.45
N LEU C 564 -24.11 -29.30 -20.88
CA LEU C 564 -22.85 -28.69 -21.29
C LEU C 564 -21.68 -29.64 -21.07
N HIS C 565 -21.08 -30.10 -22.17
CA HIS C 565 -19.97 -31.04 -22.09
C HIS C 565 -18.62 -30.34 -22.03
N ILE C 566 -18.36 -29.43 -22.97
CA ILE C 566 -17.08 -28.76 -23.07
C ILE C 566 -17.33 -27.27 -22.89
N LEU C 567 -16.71 -26.69 -21.87
CA LEU C 567 -16.81 -25.26 -21.61
C LEU C 567 -15.42 -24.65 -21.62
N ASN C 568 -15.23 -23.62 -22.44
CA ASN C 568 -13.96 -22.95 -22.57
C ASN C 568 -14.11 -21.51 -22.12
N LEU C 569 -13.22 -21.06 -21.25
CA LEU C 569 -13.20 -19.68 -20.77
C LEU C 569 -11.78 -19.15 -20.73
N GLU C 570 -10.97 -19.55 -21.70
CA GLU C 570 -9.58 -19.13 -21.72
C GLU C 570 -9.46 -17.62 -21.90
N SER C 571 -8.48 -17.05 -21.21
CA SER C 571 -8.02 -15.68 -21.47
C SER C 571 -9.17 -14.68 -21.38
N ASN C 572 -9.74 -14.57 -20.19
CA ASN C 572 -10.86 -13.67 -19.96
C ASN C 572 -10.59 -12.61 -18.91
N GLY C 573 -9.42 -12.60 -18.29
CA GLY C 573 -9.17 -11.69 -17.21
C GLY C 573 -9.78 -12.09 -15.89
N PHE C 574 -10.26 -13.34 -15.78
CA PHE C 574 -10.90 -13.79 -14.57
C PHE C 574 -9.93 -13.78 -13.40
N ASP C 575 -10.41 -13.36 -12.24
CA ASP C 575 -9.63 -13.46 -11.02
C ASP C 575 -10.49 -13.87 -9.83
N GLU C 576 -11.75 -14.20 -10.04
CA GLU C 576 -12.64 -14.56 -8.94
C GLU C 576 -13.82 -15.34 -9.51
N ILE C 577 -13.99 -16.56 -9.07
CA ILE C 577 -15.11 -17.41 -9.48
C ILE C 577 -16.09 -17.48 -8.32
N PRO C 578 -17.34 -17.05 -8.49
CA PRO C 578 -18.36 -17.34 -7.47
C PRO C 578 -18.56 -18.84 -7.33
N VAL C 579 -18.78 -19.28 -6.09
CA VAL C 579 -18.78 -20.71 -5.80
C VAL C 579 -19.94 -21.44 -6.46
N GLU C 580 -20.96 -20.71 -6.92
CA GLU C 580 -22.20 -21.32 -7.38
C GLU C 580 -22.46 -21.10 -8.87
N VAL C 581 -21.42 -20.78 -9.64
CA VAL C 581 -21.61 -20.63 -11.07
C VAL C 581 -21.84 -21.98 -11.73
N PHE C 582 -21.21 -23.03 -11.22
CA PHE C 582 -21.26 -24.36 -11.82
C PHE C 582 -22.26 -25.28 -11.12
N LYS C 583 -23.35 -24.75 -10.58
CA LYS C 583 -24.35 -25.60 -9.95
C LYS C 583 -24.99 -26.55 -10.95
N ASP C 584 -25.32 -26.06 -12.14
CA ASP C 584 -26.06 -26.84 -13.11
C ASP C 584 -25.17 -27.64 -14.04
N LEU C 585 -23.85 -27.55 -13.88
CA LEU C 585 -22.91 -28.23 -14.77
C LEU C 585 -22.73 -29.68 -14.32
N PHE C 586 -23.80 -30.46 -14.49
CA PHE C 586 -23.84 -31.83 -14.00
C PHE C 586 -23.18 -32.83 -14.94
N GLU C 587 -22.91 -32.44 -16.18
CA GLU C 587 -22.26 -33.34 -17.14
C GLU C 587 -21.01 -32.72 -17.74
N LEU C 588 -20.47 -31.68 -17.12
CA LEU C 588 -19.31 -30.96 -17.64
C LEU C 588 -18.10 -31.88 -17.78
N LYS C 589 -17.72 -32.18 -19.01
CA LYS C 589 -16.65 -33.14 -19.24
C LYS C 589 -15.27 -32.48 -19.29
N ILE C 590 -15.15 -31.35 -19.99
CA ILE C 590 -13.90 -30.63 -20.13
C ILE C 590 -14.17 -29.17 -19.82
N ILE C 591 -13.48 -28.64 -18.82
CA ILE C 591 -13.54 -27.21 -18.50
C ILE C 591 -12.14 -26.65 -18.62
N ASP C 592 -12.03 -25.50 -19.29
CA ASP C 592 -10.76 -24.84 -19.52
C ASP C 592 -10.86 -23.41 -18.98
N LEU C 593 -9.90 -23.04 -18.15
CA LEU C 593 -9.85 -21.70 -17.59
C LEU C 593 -8.44 -21.14 -17.63
N GLY C 594 -7.64 -21.58 -18.61
CA GLY C 594 -6.27 -21.12 -18.72
C GLY C 594 -6.19 -19.64 -19.05
N LEU C 595 -4.96 -19.13 -18.94
CA LEU C 595 -4.59 -17.78 -19.36
C LEU C 595 -5.30 -16.69 -18.56
N ASN C 596 -6.07 -17.07 -17.54
CA ASN C 596 -6.73 -16.09 -16.69
C ASN C 596 -5.79 -15.63 -15.59
N ASN C 597 -6.32 -14.92 -14.61
CA ASN C 597 -5.55 -14.42 -13.48
C ASN C 597 -6.11 -14.95 -12.16
N LEU C 598 -6.45 -16.23 -12.13
CA LEU C 598 -7.00 -16.83 -10.91
C LEU C 598 -5.90 -17.02 -9.89
N ASN C 599 -6.19 -16.66 -8.66
CA ASN C 599 -5.22 -16.83 -7.60
C ASN C 599 -5.74 -17.66 -6.44
N THR C 600 -7.00 -17.49 -6.06
CA THR C 600 -7.64 -18.28 -5.01
C THR C 600 -9.06 -18.58 -5.45
N LEU C 601 -9.24 -19.69 -6.14
CA LEU C 601 -10.59 -20.12 -6.48
C LEU C 601 -11.23 -20.73 -5.25
N PRO C 602 -12.39 -20.25 -4.83
CA PRO C 602 -12.94 -20.65 -3.52
C PRO C 602 -13.41 -22.09 -3.50
N ALA C 603 -13.67 -22.57 -2.28
CA ALA C 603 -13.96 -23.96 -2.02
C ALA C 603 -15.34 -24.36 -2.55
N SER C 604 -15.55 -25.67 -2.67
CA SER C 604 -16.83 -26.27 -3.01
C SER C 604 -17.37 -25.74 -4.33
N VAL C 605 -16.49 -25.57 -5.30
CA VAL C 605 -16.87 -24.96 -6.57
C VAL C 605 -17.11 -26.04 -7.61
N PHE C 606 -16.50 -27.21 -7.44
CA PHE C 606 -16.61 -28.30 -8.39
C PHE C 606 -17.46 -29.46 -7.85
N ASN C 607 -18.26 -29.21 -6.83
CA ASN C 607 -19.01 -30.30 -6.19
C ASN C 607 -20.02 -30.93 -7.12
N ASN C 608 -20.76 -30.11 -7.87
CA ASN C 608 -21.74 -30.65 -8.79
C ASN C 608 -21.10 -31.28 -10.01
N GLN C 609 -19.82 -31.01 -10.27
CA GLN C 609 -19.14 -31.56 -11.44
C GLN C 609 -18.78 -33.02 -11.14
N VAL C 610 -19.81 -33.87 -11.21
CA VAL C 610 -19.66 -35.26 -10.82
C VAL C 610 -18.76 -36.01 -11.81
N SER C 611 -18.88 -35.69 -13.09
CA SER C 611 -18.17 -36.42 -14.15
C SER C 611 -17.32 -35.42 -14.92
N LEU C 612 -16.10 -35.19 -14.44
CA LEU C 612 -15.15 -34.27 -15.06
C LEU C 612 -13.96 -35.07 -15.56
N LYS C 613 -13.53 -34.78 -16.78
CA LYS C 613 -12.48 -35.57 -17.42
C LYS C 613 -11.20 -34.79 -17.71
N SER C 614 -11.27 -33.49 -17.89
CA SER C 614 -10.08 -32.72 -18.23
C SER C 614 -10.17 -31.33 -17.64
N LEU C 615 -9.06 -30.86 -17.08
CA LEU C 615 -8.97 -29.54 -16.49
C LEU C 615 -7.80 -28.81 -17.13
N ASN C 616 -7.88 -27.49 -17.16
CA ASN C 616 -6.83 -26.68 -17.78
C ASN C 616 -6.79 -25.35 -17.04
N LEU C 617 -5.69 -25.09 -16.35
CA LEU C 617 -5.52 -23.85 -15.60
C LEU C 617 -4.14 -23.25 -15.83
N GLN C 618 -3.57 -23.48 -17.01
CA GLN C 618 -2.22 -23.03 -17.29
C GLN C 618 -2.15 -21.51 -17.32
N LYS C 619 -0.97 -20.98 -17.02
CA LYS C 619 -0.65 -19.55 -17.09
C LYS C 619 -1.55 -18.70 -16.21
N ASN C 620 -2.15 -19.30 -15.18
CA ASN C 620 -2.90 -18.54 -14.18
C ASN C 620 -1.93 -17.95 -13.16
N LEU C 621 -2.47 -17.42 -12.08
CA LEU C 621 -1.69 -16.97 -10.94
C LEU C 621 -1.94 -17.81 -9.71
N ILE C 622 -2.31 -19.08 -9.91
CA ILE C 622 -2.63 -19.95 -8.78
C ILE C 622 -1.35 -20.29 -8.03
N THR C 623 -1.44 -20.38 -6.71
CA THR C 623 -0.31 -20.70 -5.87
C THR C 623 -0.51 -21.98 -5.07
N SER C 624 -1.66 -22.14 -4.43
CA SER C 624 -1.91 -23.23 -3.50
C SER C 624 -2.85 -24.25 -4.13
N VAL C 625 -2.45 -25.52 -4.09
CA VAL C 625 -3.28 -26.63 -4.53
C VAL C 625 -3.72 -27.39 -3.29
N GLU C 626 -5.04 -27.59 -3.14
CA GLU C 626 -5.59 -28.13 -1.91
C GLU C 626 -6.94 -28.79 -2.19
N LYS C 627 -7.24 -29.86 -1.45
CA LYS C 627 -8.49 -30.56 -1.65
C LYS C 627 -9.69 -29.82 -1.10
N LYS C 628 -9.48 -28.73 -0.35
CA LYS C 628 -10.64 -27.96 0.08
C LYS C 628 -11.33 -27.29 -1.11
N VAL C 629 -10.58 -27.03 -2.19
CA VAL C 629 -11.12 -26.43 -3.39
C VAL C 629 -11.16 -27.41 -4.56
N PHE C 630 -10.14 -28.24 -4.72
CA PHE C 630 -10.14 -29.27 -5.76
C PHE C 630 -10.62 -30.61 -5.21
N GLY C 631 -11.73 -30.63 -4.49
CA GLY C 631 -12.13 -31.84 -3.81
C GLY C 631 -12.59 -32.93 -4.76
N PRO C 632 -13.76 -32.74 -5.36
CA PRO C 632 -14.24 -33.72 -6.35
C PRO C 632 -13.52 -33.62 -7.68
N ALA C 633 -12.78 -32.55 -7.93
CA ALA C 633 -12.18 -32.33 -9.25
C ALA C 633 -11.13 -33.38 -9.57
N PHE C 634 -10.28 -33.71 -8.61
CA PHE C 634 -9.10 -34.53 -8.87
C PHE C 634 -9.37 -36.02 -8.72
N ARG C 635 -10.62 -36.42 -8.49
CA ARG C 635 -10.93 -37.82 -8.25
C ARG C 635 -10.56 -38.70 -9.44
N ASN C 636 -11.23 -38.50 -10.57
CA ASN C 636 -11.03 -39.32 -11.77
C ASN C 636 -10.93 -38.40 -12.98
N LEU C 637 -9.72 -37.93 -13.26
CA LEU C 637 -9.46 -37.12 -14.44
C LEU C 637 -8.71 -37.92 -15.48
N THR C 638 -8.78 -37.44 -16.72
CA THR C 638 -7.97 -37.99 -17.78
C THR C 638 -6.69 -37.19 -18.01
N GLU C 639 -6.76 -35.87 -17.86
CA GLU C 639 -5.61 -35.01 -18.09
C GLU C 639 -5.82 -33.70 -17.35
N LEU C 640 -4.74 -33.17 -16.78
CA LEU C 640 -4.76 -31.91 -16.07
C LEU C 640 -3.57 -31.07 -16.52
N ASP C 641 -3.73 -29.75 -16.45
CA ASP C 641 -2.74 -28.85 -17.04
C ASP C 641 -2.63 -27.60 -16.19
N MET C 642 -1.45 -27.37 -15.62
CA MET C 642 -1.16 -26.19 -14.81
C MET C 642 0.24 -25.67 -15.12
N ARG C 643 0.60 -25.68 -16.41
CA ARG C 643 2.00 -25.76 -16.80
C ARG C 643 2.84 -24.57 -16.34
N PHE C 644 2.23 -23.43 -16.09
CA PHE C 644 2.99 -22.26 -15.63
C PHE C 644 2.19 -21.53 -14.57
N ASN C 645 2.64 -21.60 -13.32
CA ASN C 645 1.93 -20.91 -12.26
C ASN C 645 2.91 -20.51 -11.18
N PRO C 646 2.62 -19.46 -10.43
CA PRO C 646 3.51 -19.06 -9.30
C PRO C 646 3.24 -19.88 -8.05
N PHE C 647 3.66 -21.13 -8.07
CA PHE C 647 3.47 -22.01 -6.93
C PHE C 647 4.32 -21.54 -5.75
N ASP C 648 3.74 -21.62 -4.55
CA ASP C 648 4.48 -21.40 -3.31
C ASP C 648 4.80 -22.78 -2.73
N CYS C 649 5.96 -23.30 -3.10
CA CYS C 649 6.29 -24.66 -2.69
C CYS C 649 6.74 -24.70 -1.24
N THR C 650 5.81 -24.45 -0.33
CA THR C 650 6.00 -24.65 1.09
C THR C 650 5.25 -25.90 1.52
N CYS C 651 5.59 -26.41 2.70
CA CYS C 651 4.95 -27.60 3.22
C CYS C 651 3.46 -27.38 3.46
N GLU C 652 3.01 -26.12 3.57
CA GLU C 652 1.62 -25.86 3.93
C GLU C 652 0.67 -26.22 2.79
N SER C 653 1.00 -25.82 1.56
CA SER C 653 0.06 -25.90 0.46
C SER C 653 0.45 -26.95 -0.58
N ILE C 654 1.66 -26.86 -1.13
CA ILE C 654 1.99 -27.72 -2.26
C ILE C 654 2.22 -29.16 -1.81
N ALA C 655 2.62 -29.34 -0.54
CA ALA C 655 3.09 -30.66 -0.10
C ALA C 655 2.01 -31.71 -0.25
N TRP C 656 0.75 -31.33 -0.01
CA TRP C 656 -0.34 -32.25 -0.28
C TRP C 656 -0.40 -32.59 -1.76
N PHE C 657 -0.26 -31.60 -2.63
CA PHE C 657 -0.34 -31.82 -4.06
C PHE C 657 0.76 -32.75 -4.56
N VAL C 658 1.96 -32.62 -3.99
CA VAL C 658 3.06 -33.50 -4.37
C VAL C 658 2.71 -34.95 -4.09
N ASN C 659 2.06 -35.21 -2.95
CA ASN C 659 1.57 -36.55 -2.67
C ASN C 659 0.58 -37.01 -3.74
N TRP C 660 -0.35 -36.12 -4.12
CA TRP C 660 -1.31 -36.46 -5.15
C TRP C 660 -0.64 -36.65 -6.50
N ILE C 661 0.45 -35.93 -6.76
CA ILE C 661 1.17 -36.11 -8.02
C ILE C 661 1.74 -37.51 -8.12
N ASN C 662 2.41 -37.97 -7.07
CA ASN C 662 3.15 -39.22 -7.12
C ASN C 662 2.26 -40.45 -6.98
N GLU C 663 0.98 -40.28 -6.68
CA GLU C 663 0.09 -41.40 -6.41
C GLU C 663 -1.06 -41.52 -7.41
N THR C 664 -1.25 -40.55 -8.29
CA THR C 664 -2.43 -40.50 -9.13
C THR C 664 -2.05 -40.78 -10.58
N HIS C 665 -2.90 -41.52 -11.28
CA HIS C 665 -2.64 -41.94 -12.65
C HIS C 665 -3.17 -40.98 -13.69
N THR C 666 -3.78 -39.87 -13.29
CA THR C 666 -4.22 -38.87 -14.25
C THR C 666 -3.01 -38.29 -14.98
N ASN C 667 -3.11 -38.19 -16.32
CA ASN C 667 -1.98 -37.71 -17.14
C ASN C 667 -1.69 -36.23 -16.81
N ILE C 668 -0.44 -35.91 -16.50
CA ILE C 668 -0.05 -34.49 -16.23
C ILE C 668 1.10 -34.15 -17.18
N PRO C 669 0.84 -33.67 -18.43
CA PRO C 669 1.92 -33.42 -19.37
C PRO C 669 2.92 -32.41 -18.85
N GLU C 670 4.20 -32.58 -19.22
CA GLU C 670 5.26 -31.63 -18.80
C GLU C 670 5.17 -31.39 -17.30
N LEU C 671 4.84 -32.44 -16.53
CA LEU C 671 4.69 -32.30 -15.06
C LEU C 671 6.02 -31.82 -14.45
N SER C 672 7.15 -32.19 -15.06
CA SER C 672 8.45 -31.86 -14.45
C SER C 672 8.98 -30.49 -14.92
N SER C 673 9.46 -30.41 -16.16
CA SER C 673 10.13 -29.17 -16.65
C SER C 673 9.26 -27.92 -16.49
N HIS C 674 7.95 -28.02 -16.68
CA HIS C 674 7.11 -26.78 -16.67
C HIS C 674 6.56 -26.50 -15.28
N TYR C 675 5.93 -27.47 -14.61
CA TYR C 675 5.31 -27.15 -13.30
C TYR C 675 6.43 -26.83 -12.33
N LEU C 676 6.68 -25.53 -12.10
CA LEU C 676 7.78 -25.11 -11.20
C LEU C 676 7.23 -24.22 -10.09
N CYS C 677 8.00 -23.99 -9.03
CA CYS C 677 7.56 -23.09 -7.92
C CYS C 677 8.58 -21.97 -7.76
N ASN C 678 8.19 -20.85 -7.15
CA ASN C 678 9.11 -19.69 -7.04
C ASN C 678 8.93 -18.97 -5.71
N THR C 679 7.72 -18.97 -5.14
CA THR C 679 7.48 -18.20 -3.89
C THR C 679 8.59 -18.47 -2.91
N PRO C 680 8.79 -19.69 -2.38
CA PRO C 680 9.96 -19.95 -1.55
C PRO C 680 11.21 -19.53 -2.29
N PRO C 681 11.94 -18.47 -1.89
CA PRO C 681 13.09 -18.03 -2.68
C PRO C 681 14.10 -19.17 -2.68
N HIS C 682 14.15 -19.92 -1.58
CA HIS C 682 15.11 -21.05 -1.47
C HIS C 682 14.68 -22.17 -2.41
N TYR C 683 13.37 -22.28 -2.67
CA TYR C 683 12.86 -23.37 -3.52
C TYR C 683 12.42 -22.80 -4.87
N HIS C 684 12.84 -21.57 -5.16
CA HIS C 684 12.46 -20.92 -6.44
C HIS C 684 13.07 -21.71 -7.61
N GLY C 685 12.28 -21.95 -8.66
CA GLY C 685 12.80 -22.64 -9.85
C GLY C 685 12.98 -24.13 -9.61
N PHE C 686 12.28 -24.68 -8.62
CA PHE C 686 12.43 -26.12 -8.28
C PHE C 686 11.19 -26.88 -8.71
N PRO C 687 11.35 -28.02 -9.42
CA PRO C 687 10.21 -28.83 -9.83
C PRO C 687 9.31 -29.13 -8.64
N VAL C 688 8.00 -29.03 -8.85
CA VAL C 688 7.01 -29.31 -7.77
C VAL C 688 7.21 -30.76 -7.29
N ARG C 689 7.70 -31.63 -8.16
CA ARG C 689 7.97 -33.04 -7.76
C ARG C 689 8.84 -33.03 -6.49
N LEU C 690 9.80 -32.11 -6.40
CA LEU C 690 10.66 -31.99 -5.19
C LEU C 690 9.93 -31.12 -4.16
N PHE C 691 9.00 -31.69 -3.39
CA PHE C 691 8.19 -30.89 -2.43
C PHE C 691 9.11 -29.92 -1.69
N GLU D 1 -3.40 5.27 23.84
CA GLU D 1 -2.02 5.06 23.40
C GLU D 1 -1.97 4.00 22.31
N VAL D 2 -3.08 3.28 22.13
CA VAL D 2 -3.19 2.24 21.12
C VAL D 2 -4.05 2.77 19.99
N GLN D 3 -3.55 2.62 18.76
CA GLN D 3 -4.23 3.11 17.58
C GLN D 3 -4.25 2.01 16.54
N LEU D 4 -5.41 1.76 15.96
CA LEU D 4 -5.56 0.73 14.94
C LEU D 4 -6.18 1.35 13.70
N VAL D 5 -5.52 1.15 12.55
CA VAL D 5 -6.08 1.64 11.30
C VAL D 5 -7.25 0.77 10.87
N GLU D 6 -6.95 -0.49 10.54
CA GLU D 6 -7.92 -1.56 10.31
C GLU D 6 -9.13 -1.08 9.50
N SER D 7 -8.84 -0.53 8.33
CA SER D 7 -9.90 -0.10 7.43
C SER D 7 -9.36 -0.05 6.02
N GLY D 8 -10.27 -0.09 5.06
CA GLY D 8 -9.88 -0.03 3.66
C GLY D 8 -8.94 -1.17 3.31
N GLY D 9 -7.86 -0.83 2.62
CA GLY D 9 -6.91 -1.84 2.23
C GLY D 9 -7.43 -2.70 1.09
N GLY D 10 -6.70 -3.78 0.84
CA GLY D 10 -7.12 -4.67 -0.21
C GLY D 10 -6.85 -4.09 -1.59
N LEU D 11 -7.46 -4.72 -2.58
CA LEU D 11 -7.26 -4.34 -3.97
C LEU D 11 -8.31 -3.32 -4.39
N VAL D 12 -7.85 -2.28 -5.09
CA VAL D 12 -8.73 -1.31 -5.73
C VAL D 12 -8.20 -1.06 -7.13
N GLN D 13 -9.09 -1.07 -8.11
CA GLN D 13 -8.70 -0.73 -9.46
C GLN D 13 -8.24 0.72 -9.52
N PRO D 14 -7.29 1.03 -10.40
CA PRO D 14 -6.87 2.43 -10.57
C PRO D 14 -8.04 3.34 -10.92
N CYS D 15 -7.89 4.63 -10.65
CA CYS D 15 -8.95 5.63 -10.85
C CYS D 15 -10.18 5.33 -10.00
N GLY D 16 -10.02 4.55 -8.93
CA GLY D 16 -11.10 4.24 -8.02
C GLY D 16 -11.04 5.07 -6.75
N SER D 17 -11.90 4.70 -5.80
CA SER D 17 -12.02 5.43 -4.56
C SER D 17 -11.86 4.47 -3.38
N LEU D 18 -11.48 5.02 -2.24
CA LEU D 18 -11.26 4.24 -1.04
C LEU D 18 -11.34 5.16 0.17
N ARG D 19 -11.75 4.59 1.29
CA ARG D 19 -11.88 5.35 2.53
C ARG D 19 -11.20 4.58 3.66
N LEU D 20 -10.41 5.29 4.46
CA LEU D 20 -9.67 4.68 5.55
C LEU D 20 -10.18 5.21 6.88
N SER D 21 -9.81 4.53 7.95
CA SER D 21 -10.25 4.92 9.28
C SER D 21 -9.17 4.59 10.29
N CYS D 22 -9.29 5.18 11.48
CA CYS D 22 -8.39 4.89 12.58
C CYS D 22 -9.18 5.08 13.87
N ALA D 23 -9.49 3.99 14.55
CA ALA D 23 -10.23 4.06 15.80
C ALA D 23 -9.23 4.20 16.93
N ALA D 24 -8.89 5.43 17.28
CA ALA D 24 -7.94 5.68 18.35
C ALA D 24 -8.59 5.49 19.70
N SER D 25 -7.85 4.89 20.62
CA SER D 25 -8.34 4.63 21.97
C SER D 25 -7.20 4.73 22.96
N GLY D 26 -7.54 4.94 24.22
CA GLY D 26 -6.57 5.00 25.27
C GLY D 26 -5.91 6.35 25.47
N PHE D 27 -6.27 7.34 24.66
CA PHE D 27 -5.79 8.70 24.87
C PHE D 27 -6.84 9.65 24.31
N THR D 28 -6.69 10.93 24.66
CA THR D 28 -7.63 11.93 24.18
C THR D 28 -7.43 12.09 22.68
N PHE D 29 -8.30 11.47 21.90
CA PHE D 29 -8.21 11.59 20.45
C PHE D 29 -8.46 13.02 20.02
N ARG D 30 -9.55 13.62 20.49
CA ARG D 30 -9.70 15.05 20.34
C ARG D 30 -8.55 15.73 21.06
N ASN D 31 -8.29 16.97 20.69
CA ASN D 31 -7.20 17.81 21.17
C ASN D 31 -5.86 17.39 20.58
N SER D 32 -5.79 16.32 19.80
CA SER D 32 -4.53 15.86 19.24
C SER D 32 -4.53 16.04 17.73
N ALA D 33 -3.54 16.75 17.21
CA ALA D 33 -3.39 16.87 15.77
C ALA D 33 -2.97 15.52 15.20
N MET D 34 -3.72 15.04 14.21
CA MET D 34 -3.52 13.71 13.67
C MET D 34 -2.97 13.78 12.26
N HIS D 35 -2.12 12.83 11.92
CA HIS D 35 -1.43 12.81 10.64
C HIS D 35 -1.61 11.45 9.99
N TRP D 36 -1.52 11.42 8.67
CA TRP D 36 -1.49 10.18 7.91
C TRP D 36 -0.11 10.07 7.27
N VAL D 37 0.56 8.95 7.51
CA VAL D 37 1.88 8.71 6.97
C VAL D 37 1.85 7.38 6.23
N ARG D 38 2.32 7.38 4.99
CA ARG D 38 2.31 6.18 4.16
C ARG D 38 3.74 5.77 3.85
N GLN D 39 3.90 4.48 3.54
CA GLN D 39 5.21 3.91 3.24
C GLN D 39 5.04 2.93 2.09
N ALA D 40 5.45 3.33 0.90
CA ALA D 40 5.44 2.43 -0.24
C ALA D 40 6.40 1.27 0.01
N PRO D 41 6.07 0.07 -0.46
CA PRO D 41 6.85 -1.11 -0.06
C PRO D 41 8.31 -1.00 -0.46
N GLY D 42 9.18 -1.33 0.49
CA GLY D 42 10.61 -1.22 0.27
C GLY D 42 11.15 0.18 0.18
N LYS D 43 10.32 1.20 0.42
CA LYS D 43 10.73 2.59 0.33
C LYS D 43 10.63 3.24 1.70
N GLY D 44 11.07 4.49 1.77
CA GLY D 44 11.01 5.23 3.01
C GLY D 44 9.63 5.79 3.29
N LEU D 45 9.49 6.38 4.48
CA LEU D 45 8.24 6.99 4.86
C LEU D 45 8.01 8.28 4.07
N GLU D 46 6.74 8.66 3.96
CA GLU D 46 6.38 9.87 3.26
C GLU D 46 5.10 10.42 3.87
N TRP D 47 5.10 11.71 4.19
CA TRP D 47 3.92 12.33 4.78
C TRP D 47 2.80 12.42 3.75
N VAL D 48 1.56 12.33 4.22
CA VAL D 48 0.42 12.35 3.31
C VAL D 48 -0.45 13.57 3.61
N SER D 49 -0.95 13.67 4.83
CA SER D 49 -1.80 14.79 5.19
C SER D 49 -1.83 14.94 6.70
N SER D 50 -2.32 16.09 7.15
CA SER D 50 -2.42 16.38 8.57
C SER D 50 -3.68 17.18 8.81
N ILE D 51 -4.13 17.16 10.06
CA ILE D 51 -5.33 17.90 10.45
C ILE D 51 -5.22 18.24 11.93
N TRP D 52 -5.65 19.45 12.28
CA TRP D 52 -5.70 19.84 13.68
C TRP D 52 -6.89 19.19 14.36
N TYR D 53 -7.06 19.49 15.63
CA TYR D 53 -8.33 19.20 16.26
C TYR D 53 -9.40 20.12 15.67
N SER D 54 -10.63 19.64 15.65
CA SER D 54 -11.78 20.36 15.09
C SER D 54 -11.60 20.69 13.61
N GLY D 55 -10.73 19.96 12.91
CA GLY D 55 -10.58 20.13 11.48
C GLY D 55 -10.16 21.52 11.05
N SER D 56 -9.50 22.28 11.92
CA SER D 56 -9.26 23.68 11.64
C SER D 56 -8.32 23.87 10.46
N ASN D 57 -7.18 23.19 10.46
CA ASN D 57 -6.21 23.30 9.39
C ASN D 57 -5.98 21.93 8.78
N THR D 58 -6.27 21.79 7.50
CA THR D 58 -5.98 20.58 6.75
C THR D 58 -4.90 20.88 5.73
N TYR D 59 -3.82 20.12 5.76
CA TYR D 59 -2.76 20.27 4.79
C TYR D 59 -2.49 18.92 4.14
N TYR D 60 -1.97 18.96 2.93
CA TYR D 60 -1.69 17.75 2.18
C TYR D 60 -0.30 17.82 1.57
N ALA D 61 0.32 16.67 1.41
CA ALA D 61 1.55 16.60 0.64
C ALA D 61 1.25 17.01 -0.79
N ASP D 62 2.23 17.64 -1.43
CA ASP D 62 2.02 18.16 -2.78
C ASP D 62 1.69 17.04 -3.77
N SER D 63 2.12 15.82 -3.48
CA SER D 63 1.83 14.69 -4.36
C SER D 63 0.33 14.42 -4.42
N VAL D 64 -0.35 14.47 -3.29
CA VAL D 64 -1.74 14.03 -3.20
C VAL D 64 -2.70 15.21 -3.05
N LYS D 65 -2.24 16.42 -3.35
CA LYS D 65 -3.10 17.58 -3.20
C LYS D 65 -4.25 17.52 -4.20
N GLY D 66 -5.47 17.68 -3.70
CA GLY D 66 -6.64 17.71 -4.52
C GLY D 66 -7.29 16.37 -4.79
N ARG D 67 -6.57 15.27 -4.58
CA ARG D 67 -7.14 13.95 -4.76
C ARG D 67 -7.57 13.29 -3.46
N PHE D 68 -6.95 13.67 -2.35
CA PHE D 68 -7.26 13.10 -1.05
C PHE D 68 -8.06 14.11 -0.24
N THR D 69 -8.64 13.64 0.85
CA THR D 69 -9.42 14.49 1.74
C THR D 69 -9.40 13.88 3.12
N ILE D 70 -8.86 14.61 4.09
CA ILE D 70 -8.76 14.15 5.46
C ILE D 70 -9.87 14.79 6.29
N SER D 71 -10.52 14.00 7.12
CA SER D 71 -11.55 14.51 8.00
C SER D 71 -11.59 13.66 9.25
N ARG D 72 -11.96 14.27 10.35
CA ARG D 72 -11.99 13.59 11.63
C ARG D 72 -13.37 13.70 12.24
N ASP D 73 -13.72 12.72 13.06
CA ASP D 73 -14.97 12.74 13.80
C ASP D 73 -14.61 12.47 15.26
N ASN D 74 -14.51 13.54 16.04
CA ASN D 74 -14.06 13.43 17.41
C ASN D 74 -15.02 12.61 18.26
N SER D 75 -16.32 12.78 18.03
CA SER D 75 -17.31 12.13 18.88
C SER D 75 -17.24 10.62 18.79
N LYS D 76 -16.71 10.09 17.68
CA LYS D 76 -16.52 8.66 17.53
C LYS D 76 -15.08 8.22 17.76
N ASN D 77 -14.18 9.15 18.05
CA ASN D 77 -12.74 8.88 18.16
C ASN D 77 -12.25 8.13 16.92
N THR D 78 -12.42 8.77 15.77
CA THR D 78 -12.08 8.13 14.51
C THR D 78 -11.56 9.18 13.54
N LEU D 79 -10.56 8.80 12.75
CA LEU D 79 -9.94 9.68 11.77
C LEU D 79 -10.13 9.08 10.39
N TYR D 80 -10.71 9.85 9.48
CA TYR D 80 -11.01 9.40 8.13
C TYR D 80 -10.05 10.03 7.12
N LEU D 81 -9.52 9.21 6.23
CA LEU D 81 -8.81 9.70 5.06
C LEU D 81 -9.57 9.23 3.83
N GLN D 82 -10.08 10.18 3.06
CA GLN D 82 -10.89 9.87 1.89
C GLN D 82 -10.02 9.99 0.65
N MET D 83 -9.88 8.89 -0.08
CA MET D 83 -9.01 8.84 -1.23
C MET D 83 -9.82 8.78 -2.51
N ASN D 84 -9.47 9.63 -3.47
CA ASN D 84 -10.12 9.67 -4.76
C ASN D 84 -9.07 9.61 -5.86
N SER D 85 -9.44 8.99 -6.97
CA SER D 85 -8.58 8.86 -8.15
C SER D 85 -7.24 8.21 -7.78
N LEU D 86 -7.34 7.02 -7.20
CA LEU D 86 -6.15 6.25 -6.89
C LEU D 86 -5.38 5.91 -8.16
N CYS D 87 -4.07 5.68 -8.00
CA CYS D 87 -3.23 5.23 -9.10
C CYS D 87 -2.20 4.25 -8.57
N ALA D 88 -1.34 3.79 -9.46
CA ALA D 88 -0.38 2.75 -9.11
C ALA D 88 0.59 3.24 -8.05
N GLU D 89 1.03 4.50 -8.14
CA GLU D 89 2.01 5.02 -7.20
C GLU D 89 1.45 5.15 -5.79
N ASP D 90 0.14 5.32 -5.65
CA ASP D 90 -0.45 5.44 -4.31
C ASP D 90 -0.76 4.08 -3.71
N THR D 91 0.21 3.18 -3.72
CA THR D 91 0.10 1.93 -2.99
C THR D 91 1.16 1.91 -1.89
N ALA D 92 0.73 1.56 -0.69
CA ALA D 92 1.60 1.67 0.49
C ALA D 92 0.91 1.09 1.72
N VAL D 93 1.62 1.11 2.83
CA VAL D 93 1.01 0.89 4.13
C VAL D 93 0.72 2.27 4.72
N TYR D 94 -0.51 2.50 5.14
CA TYR D 94 -0.96 3.84 5.52
C TYR D 94 -1.09 3.92 7.04
N TYR D 95 -0.04 4.39 7.69
CA TYR D 95 -0.09 4.60 9.12
C TYR D 95 -0.78 5.91 9.42
N CYS D 96 -1.53 5.93 10.52
CA CYS D 96 -2.02 7.17 11.10
C CYS D 96 -1.28 7.38 12.41
N ALA D 97 -0.70 8.56 12.58
CA ALA D 97 0.14 8.83 13.73
C ALA D 97 -0.27 10.14 14.36
N ARG D 98 -0.06 10.23 15.67
CA ARG D 98 -0.44 11.41 16.44
C ARG D 98 0.76 12.35 16.52
N PHE D 99 0.54 13.60 16.18
CA PHE D 99 1.59 14.61 16.22
C PHE D 99 1.41 15.42 17.51
N ALA D 100 2.29 15.18 18.47
CA ALA D 100 2.18 15.82 19.77
C ALA D 100 2.93 17.13 19.86
N GLY D 101 3.48 17.61 18.75
CA GLY D 101 4.19 18.87 18.76
C GLY D 101 5.58 18.76 19.34
N GLY D 102 5.97 19.73 20.15
CA GLY D 102 7.32 19.72 20.70
C GLY D 102 7.61 18.53 21.59
N TRP D 103 6.60 18.05 22.32
CA TRP D 103 6.80 16.95 23.26
C TRP D 103 6.45 15.65 22.56
N GLY D 104 7.39 15.16 21.77
CA GLY D 104 7.15 13.95 21.01
C GLY D 104 6.64 14.29 19.63
N ALA D 105 7.37 13.87 18.60
CA ALA D 105 6.96 14.24 17.24
C ALA D 105 5.80 13.38 16.78
N TYR D 106 6.02 12.07 16.66
CA TYR D 106 4.96 11.14 16.29
C TYR D 106 4.98 10.06 17.37
N ASP D 107 4.31 10.32 18.48
CA ASP D 107 4.50 9.46 19.63
C ASP D 107 3.70 8.18 19.55
N VAL D 108 2.52 8.21 18.93
CA VAL D 108 1.65 7.04 18.85
C VAL D 108 1.44 6.71 17.38
N TRP D 109 1.83 5.50 16.99
CA TRP D 109 1.70 5.05 15.61
C TRP D 109 0.69 3.91 15.55
N GLY D 110 -0.24 4.02 14.62
CA GLY D 110 -1.18 2.95 14.40
C GLY D 110 -0.54 1.78 13.68
N GLN D 111 -1.30 0.72 13.56
CA GLN D 111 -0.87 -0.46 12.80
C GLN D 111 -1.42 -0.30 11.39
N GLY D 112 -0.56 0.13 10.48
CA GLY D 112 -1.05 0.61 9.19
C GLY D 112 -1.68 -0.49 8.36
N THR D 113 -2.68 -0.10 7.58
CA THR D 113 -3.29 -0.99 6.61
C THR D 113 -2.55 -0.88 5.29
N LEU D 114 -2.58 -1.97 4.52
CA LEU D 114 -1.86 -2.05 3.27
C LEU D 114 -2.86 -1.87 2.14
N VAL D 115 -2.67 -0.82 1.35
CA VAL D 115 -3.54 -0.51 0.22
C VAL D 115 -2.77 -0.83 -1.05
N THR D 116 -3.27 -1.78 -1.82
CA THR D 116 -2.69 -2.12 -3.11
C THR D 116 -3.65 -1.64 -4.20
N VAL D 117 -3.18 -0.74 -5.05
CA VAL D 117 -3.95 -0.23 -6.17
C VAL D 117 -3.21 -0.63 -7.44
N SER D 118 -3.83 -1.49 -8.24
CA SER D 118 -3.22 -1.94 -9.47
C SER D 118 -4.28 -2.61 -10.33
N SER D 119 -4.01 -2.66 -11.63
CA SER D 119 -4.85 -3.42 -12.53
C SER D 119 -4.68 -4.91 -12.28
N GLY D 120 -5.68 -5.69 -12.66
CA GLY D 120 -5.63 -7.11 -12.43
C GLY D 120 -4.81 -7.90 -13.43
N GLY D 121 -4.20 -7.25 -14.41
CA GLY D 121 -3.49 -7.97 -15.44
C GLY D 121 -4.47 -8.74 -16.32
N GLY D 122 -5.23 -8.00 -17.14
CA GLY D 122 -6.37 -8.60 -17.83
C GLY D 122 -6.00 -9.76 -18.72
N GLY D 123 -4.81 -9.72 -19.33
CA GLY D 123 -4.29 -10.88 -20.03
C GLY D 123 -5.10 -11.36 -21.21
N SER D 124 -6.11 -10.58 -21.62
CA SER D 124 -7.00 -10.96 -22.72
C SER D 124 -6.35 -10.84 -24.07
N ASP D 125 -5.05 -10.61 -24.09
CA ASP D 125 -4.30 -10.36 -25.31
C ASP D 125 -3.55 -11.62 -25.76
N ILE D 126 -3.24 -11.67 -27.03
CA ILE D 126 -2.37 -12.69 -27.59
C ILE D 126 -0.95 -12.13 -27.53
N GLN D 127 -0.09 -12.78 -26.76
CA GLN D 127 1.28 -12.31 -26.59
C GLN D 127 1.99 -12.29 -27.94
N MET D 128 2.72 -11.21 -28.19
CA MET D 128 3.43 -11.04 -29.45
C MET D 128 4.85 -10.57 -29.17
N THR D 129 5.82 -11.25 -29.77
CA THR D 129 7.23 -10.95 -29.55
C THR D 129 7.95 -10.83 -30.88
N GLN D 130 8.76 -9.79 -31.01
CA GLN D 130 9.69 -9.64 -32.13
C GLN D 130 11.01 -10.23 -31.67
N SER D 131 11.24 -11.51 -31.99
CA SER D 131 12.27 -12.28 -31.31
C SER D 131 13.68 -11.70 -31.45
N PRO D 132 14.20 -11.36 -32.64
CA PRO D 132 15.60 -10.92 -32.71
C PRO D 132 15.82 -9.48 -32.26
N SER D 133 14.91 -8.57 -32.61
CA SER D 133 14.96 -7.18 -32.17
C SER D 133 16.30 -6.51 -32.48
N SER D 134 16.83 -6.79 -33.67
CA SER D 134 18.07 -6.16 -34.13
C SER D 134 17.86 -4.67 -34.38
N LEU D 135 18.93 -3.98 -34.73
CA LEU D 135 18.88 -2.54 -34.92
C LEU D 135 19.89 -2.09 -35.96
N SER D 136 19.48 -1.10 -36.76
CA SER D 136 20.38 -0.24 -37.53
C SER D 136 21.35 -1.03 -38.41
N ALA D 137 20.81 -1.78 -39.35
CA ALA D 137 21.64 -2.41 -40.36
C ALA D 137 21.98 -1.43 -41.47
N SER D 138 22.96 -1.78 -42.28
CA SER D 138 23.48 -0.89 -43.30
C SER D 138 22.52 -0.78 -44.48
N VAL D 139 22.73 0.25 -45.29
CA VAL D 139 21.84 0.54 -46.41
C VAL D 139 21.95 -0.56 -47.46
N GLY D 140 20.83 -0.87 -48.10
CA GLY D 140 20.80 -1.84 -49.17
C GLY D 140 20.74 -3.29 -48.72
N ASP D 141 20.76 -3.55 -47.42
CA ASP D 141 20.78 -4.91 -46.93
C ASP D 141 19.39 -5.56 -47.11
N ARG D 142 19.35 -6.86 -46.89
CA ARG D 142 18.11 -7.62 -46.85
C ARG D 142 17.84 -7.95 -45.39
N VAL D 143 16.87 -7.25 -44.80
CA VAL D 143 16.57 -7.36 -43.38
C VAL D 143 15.36 -8.27 -43.19
N THR D 144 15.46 -9.18 -42.23
CA THR D 144 14.40 -10.12 -41.93
C THR D 144 13.92 -9.86 -40.51
N ILE D 145 12.62 -9.63 -40.36
CA ILE D 145 12.00 -9.37 -39.07
C ILE D 145 11.01 -10.49 -38.80
N THR D 146 11.08 -11.09 -37.62
CA THR D 146 10.19 -12.18 -37.25
C THR D 146 9.26 -11.72 -36.13
N CYS D 147 7.97 -11.87 -36.36
CA CYS D 147 6.94 -11.57 -35.37
C CYS D 147 6.37 -12.88 -34.88
N ARG D 148 6.49 -13.14 -33.59
CA ARG D 148 6.17 -14.44 -33.01
C ARG D 148 4.91 -14.30 -32.16
N ALA D 149 3.92 -15.14 -32.45
CA ALA D 149 2.62 -15.07 -31.80
C ALA D 149 2.45 -16.22 -30.82
N SER D 150 1.89 -15.90 -29.65
CA SER D 150 1.72 -16.91 -28.62
C SER D 150 0.75 -18.00 -29.07
N GLN D 151 -0.31 -17.60 -29.77
CA GLN D 151 -1.32 -18.57 -30.24
C GLN D 151 -1.44 -18.45 -31.77
N SER D 152 -2.18 -19.34 -32.41
CA SER D 152 -2.25 -19.32 -33.90
C SER D 152 -3.18 -18.17 -34.33
N ILE D 153 -2.60 -17.06 -34.79
CA ILE D 153 -3.43 -15.89 -35.16
C ILE D 153 -3.89 -16.06 -36.61
N GLY D 154 -3.46 -17.13 -37.28
CA GLY D 154 -3.83 -17.36 -38.68
C GLY D 154 -3.23 -16.27 -39.55
N LEU D 155 -3.70 -16.16 -40.80
CA LEU D 155 -3.18 -15.12 -41.72
C LEU D 155 -3.81 -13.76 -41.37
N TYR D 156 -3.75 -13.35 -40.11
CA TYR D 156 -4.37 -12.07 -39.67
C TYR D 156 -3.35 -11.24 -38.92
N LEU D 157 -2.16 -11.07 -39.49
CA LEU D 157 -1.12 -10.22 -38.87
C LEU D 157 -0.84 -9.04 -39.80
N ALA D 158 -0.81 -7.82 -39.25
CA ALA D 158 -0.54 -6.62 -40.08
C ALA D 158 0.78 -6.02 -39.64
N TRP D 159 1.51 -5.42 -40.58
CA TRP D 159 2.81 -4.84 -40.26
C TRP D 159 2.73 -3.32 -40.36
N TYR D 160 3.14 -2.64 -39.30
CA TYR D 160 3.09 -1.20 -39.23
C TYR D 160 4.50 -0.64 -39.11
N GLN D 161 4.78 0.43 -39.84
CA GLN D 161 6.05 1.12 -39.80
C GLN D 161 5.85 2.51 -39.20
N GLN D 162 6.65 2.84 -38.20
CA GLN D 162 6.55 4.12 -37.52
C GLN D 162 7.84 4.90 -37.70
N LYS D 163 7.71 6.14 -38.17
CA LYS D 163 8.83 7.06 -38.20
C LYS D 163 9.26 7.39 -36.77
N PRO D 164 10.54 7.76 -36.57
CA PRO D 164 11.03 7.94 -35.19
C PRO D 164 10.32 9.04 -34.42
N GLY D 165 9.69 10.00 -35.09
CA GLY D 165 9.02 11.07 -34.38
C GLY D 165 7.67 11.43 -34.94
N LYS D 166 7.11 10.59 -35.80
CA LYS D 166 5.83 10.83 -36.43
C LYS D 166 4.84 9.74 -36.04
N ALA D 167 3.64 9.84 -36.59
CA ALA D 167 2.65 8.79 -36.41
C ALA D 167 3.11 7.51 -37.11
N PRO D 168 2.66 6.35 -36.64
CA PRO D 168 2.88 5.13 -37.42
C PRO D 168 2.30 5.29 -38.80
N LYS D 169 0.99 5.56 -38.87
CA LYS D 169 0.28 6.12 -40.02
C LYS D 169 0.56 5.36 -41.31
N LEU D 170 1.18 4.20 -41.21
CA LEU D 170 1.60 3.46 -42.39
C LEU D 170 1.24 1.99 -42.17
N LEU D 171 0.01 1.64 -42.52
CA LEU D 171 -0.29 0.26 -42.79
C LEU D 171 0.59 -0.20 -43.94
N ILE D 172 1.24 -1.34 -43.76
CA ILE D 172 2.02 -1.91 -44.84
C ILE D 172 1.38 -3.17 -45.42
N TYR D 173 0.75 -3.99 -44.58
CA TYR D 173 0.28 -5.31 -44.98
C TYR D 173 -1.19 -5.46 -44.58
N ALA D 174 -2.09 -5.48 -45.56
CA ALA D 174 -3.51 -5.61 -45.24
C ALA D 174 -3.77 -6.90 -44.47
N ALA D 175 -3.55 -8.04 -45.11
CA ALA D 175 -3.39 -9.31 -44.43
C ALA D 175 -1.91 -9.54 -44.22
N SER D 176 -1.54 -10.76 -43.85
CA SER D 176 -0.14 -11.13 -43.98
C SER D 176 0.19 -11.31 -45.44
N SER D 177 1.33 -10.74 -45.85
CA SER D 177 1.84 -10.89 -47.22
C SER D 177 0.87 -10.31 -48.25
N LEU D 178 0.53 -9.03 -48.09
CA LEU D 178 -0.28 -8.34 -49.09
C LEU D 178 -0.08 -6.84 -48.90
N GLN D 179 0.52 -6.20 -49.89
CA GLN D 179 0.88 -4.79 -49.79
C GLN D 179 -0.36 -3.91 -49.69
N SER D 180 -0.21 -2.78 -49.00
CA SER D 180 -1.25 -1.76 -49.00
C SER D 180 -1.12 -0.95 -50.29
N GLY D 181 -1.85 0.16 -50.38
CA GLY D 181 -1.85 0.92 -51.62
C GLY D 181 -0.50 1.53 -51.96
N VAL D 182 0.14 2.15 -50.97
CA VAL D 182 1.33 2.98 -51.24
C VAL D 182 2.61 2.19 -51.50
N PRO D 183 3.09 1.34 -50.56
CA PRO D 183 4.52 0.96 -50.61
C PRO D 183 4.87 -0.07 -51.67
N SER D 184 6.14 -0.45 -51.71
CA SER D 184 6.63 -1.51 -52.56
C SER D 184 7.88 -2.11 -51.93
N ARG D 185 8.50 -3.07 -52.62
CA ARG D 185 9.76 -3.70 -52.25
C ARG D 185 9.75 -4.32 -50.86
N PHE D 186 8.57 -4.47 -50.26
CA PHE D 186 8.41 -5.16 -48.99
C PHE D 186 7.87 -6.55 -49.24
N SER D 187 8.49 -7.56 -48.64
CA SER D 187 8.08 -8.95 -48.81
C SER D 187 7.82 -9.55 -47.44
N GLY D 188 6.57 -9.91 -47.19
CA GLY D 188 6.22 -10.60 -45.96
C GLY D 188 5.68 -11.97 -46.24
N SER D 189 5.69 -12.84 -45.23
CA SER D 189 5.16 -14.20 -45.37
C SER D 189 5.01 -14.78 -43.98
N GLY D 190 4.32 -15.92 -43.92
CA GLY D 190 4.12 -16.64 -42.69
C GLY D 190 2.66 -16.96 -42.45
N SER D 191 2.45 -17.90 -41.53
CA SER D 191 1.12 -18.30 -41.12
C SER D 191 1.21 -18.98 -39.77
N GLY D 192 0.09 -19.04 -39.07
CA GLY D 192 0.07 -19.69 -37.78
C GLY D 192 0.91 -18.95 -36.76
N THR D 193 1.83 -19.68 -36.13
CA THR D 193 2.55 -19.15 -34.98
C THR D 193 3.51 -18.03 -35.37
N ASP D 194 4.20 -18.17 -36.49
CA ASP D 194 5.31 -17.28 -36.82
C ASP D 194 5.06 -16.53 -38.12
N PHE D 195 5.73 -15.38 -38.24
CA PHE D 195 5.58 -14.50 -39.38
C PHE D 195 6.91 -13.81 -39.64
N THR D 196 7.08 -13.35 -40.88
CA THR D 196 8.34 -12.79 -41.33
C THR D 196 8.09 -11.63 -42.26
N LEU D 197 8.76 -10.50 -42.02
CA LEU D 197 8.74 -9.35 -42.91
C LEU D 197 10.15 -9.14 -43.44
N THR D 198 10.27 -8.97 -44.75
CA THR D 198 11.57 -8.78 -45.39
C THR D 198 11.50 -7.58 -46.32
N ILE D 199 12.48 -6.69 -46.20
CA ILE D 199 12.62 -5.57 -47.12
C ILE D 199 13.61 -5.96 -48.20
N SER D 200 13.29 -5.60 -49.45
CA SER D 200 14.16 -5.94 -50.56
C SER D 200 15.54 -5.33 -50.39
N SER D 201 15.60 -4.03 -50.12
CA SER D 201 16.87 -3.35 -49.88
C SER D 201 16.57 -2.05 -49.15
N LEU D 202 17.30 -1.81 -48.06
CA LEU D 202 17.05 -0.65 -47.23
C LEU D 202 17.29 0.65 -48.01
N GLN D 203 16.46 1.63 -47.72
CA GLN D 203 16.53 2.97 -48.26
C GLN D 203 16.69 3.96 -47.11
N PRO D 204 17.17 5.18 -47.37
CA PRO D 204 17.29 6.15 -46.26
C PRO D 204 15.97 6.46 -45.60
N GLU D 205 14.87 6.49 -46.35
CA GLU D 205 13.57 6.71 -45.73
C GLU D 205 13.13 5.50 -44.91
N ASP D 206 13.46 4.30 -45.36
CA ASP D 206 13.07 3.08 -44.63
C ASP D 206 14.07 2.74 -43.53
N PHE D 207 14.40 3.72 -42.70
CA PHE D 207 15.30 3.49 -41.57
C PHE D 207 14.51 3.97 -40.35
N ALA D 208 13.67 3.08 -39.81
CA ALA D 208 12.74 3.44 -38.74
C ALA D 208 12.25 2.16 -38.08
N THR D 209 11.46 2.33 -37.03
CA THR D 209 10.95 1.18 -36.29
C THR D 209 9.67 0.66 -36.90
N TYR D 210 9.41 -0.63 -36.66
CA TYR D 210 8.26 -1.32 -37.22
C TYR D 210 7.38 -1.85 -36.09
N TYR D 211 6.30 -2.56 -36.45
CA TYR D 211 5.35 -3.13 -35.50
C TYR D 211 4.50 -4.17 -36.21
N CYS D 212 4.00 -5.14 -35.44
CA CYS D 212 3.05 -6.12 -35.93
C CYS D 212 1.91 -6.25 -34.93
N GLN D 213 0.68 -6.32 -35.43
CA GLN D 213 -0.49 -6.61 -34.61
C GLN D 213 -1.14 -7.90 -35.08
N GLN D 214 -2.07 -8.40 -34.28
CA GLN D 214 -2.90 -9.52 -34.67
C GLN D 214 -4.33 -9.04 -34.80
N GLY D 215 -5.01 -9.50 -35.83
CA GLY D 215 -6.40 -9.14 -36.02
C GLY D 215 -7.30 -10.30 -35.69
N ASN D 216 -6.81 -11.24 -34.89
CA ASN D 216 -7.55 -12.46 -34.61
C ASN D 216 -8.56 -12.30 -33.49
N THR D 217 -8.42 -11.27 -32.64
CA THR D 217 -9.40 -10.98 -31.61
C THR D 217 -9.73 -9.50 -31.65
N LEU D 218 -10.92 -9.15 -31.19
CA LEU D 218 -11.27 -7.74 -31.13
C LEU D 218 -10.49 -6.98 -30.06
N SER D 219 -9.60 -7.65 -29.32
CA SER D 219 -8.66 -6.97 -28.44
C SER D 219 -7.29 -7.11 -29.07
N TYR D 220 -6.97 -6.19 -29.96
CA TYR D 220 -5.74 -6.26 -30.73
C TYR D 220 -4.52 -6.14 -29.83
N THR D 221 -3.38 -6.56 -30.35
CA THR D 221 -2.15 -6.54 -29.56
C THR D 221 -1.00 -6.24 -30.49
N PHE D 222 -0.51 -5.00 -30.45
CA PHE D 222 0.67 -4.66 -31.24
C PHE D 222 1.90 -5.32 -30.62
N GLY D 223 2.92 -5.50 -31.46
CA GLY D 223 4.16 -6.07 -30.96
C GLY D 223 4.75 -5.22 -29.86
N GLN D 224 5.29 -5.90 -28.84
CA GLN D 224 5.80 -5.22 -27.65
C GLN D 224 6.83 -4.17 -27.99
N GLY D 225 7.60 -4.38 -29.03
CA GLY D 225 8.55 -3.42 -29.53
C GLY D 225 9.37 -4.14 -30.57
N THR D 226 9.55 -3.51 -31.73
CA THR D 226 10.11 -4.19 -32.87
C THR D 226 11.45 -3.57 -33.22
N LYS D 227 12.04 -4.08 -34.29
CA LYS D 227 13.27 -3.56 -34.86
C LYS D 227 13.29 -2.05 -34.88
N VAL D 228 14.41 -1.46 -34.47
CA VAL D 228 14.71 -0.07 -34.77
C VAL D 228 15.69 -0.12 -35.92
N GLU D 229 15.17 -0.13 -37.14
CA GLU D 229 16.02 -0.24 -38.31
C GLU D 229 15.90 1.02 -39.15
N GLU E 18 -5.63 11.07 -48.55
CA GLU E 18 -6.80 11.92 -48.72
C GLU E 18 -7.55 12.04 -47.40
N VAL E 19 -7.78 10.91 -46.74
CA VAL E 19 -8.47 10.93 -45.45
C VAL E 19 -7.58 11.60 -44.42
N GLN E 20 -8.17 12.52 -43.66
CA GLN E 20 -7.44 13.34 -42.70
C GLN E 20 -8.01 13.10 -41.31
N LEU E 21 -7.16 12.67 -40.39
CA LEU E 21 -7.50 12.58 -38.99
C LEU E 21 -6.68 13.62 -38.24
N VAL E 22 -7.36 14.55 -37.58
CA VAL E 22 -6.72 15.66 -36.90
C VAL E 22 -7.09 15.60 -35.42
N GLN E 23 -6.08 15.68 -34.56
CA GLN E 23 -6.28 15.70 -33.12
C GLN E 23 -5.94 17.08 -32.57
N SER E 24 -6.33 17.31 -31.33
CA SER E 24 -5.97 18.54 -30.66
C SER E 24 -4.50 18.52 -30.29
N GLY E 25 -3.99 19.69 -29.90
CA GLY E 25 -2.60 19.82 -29.53
C GLY E 25 -2.30 19.20 -28.19
N ALA E 26 -1.02 19.29 -27.81
CA ALA E 26 -0.56 18.64 -26.59
C ALA E 26 -1.20 19.28 -25.36
N GLU E 27 -1.09 18.58 -24.24
CA GLU E 27 -1.58 19.07 -22.95
C GLU E 27 -0.57 18.77 -21.87
N VAL E 28 -0.60 19.59 -20.82
CA VAL E 28 0.10 19.31 -19.57
C VAL E 28 -0.90 19.54 -18.44
N LYS E 29 -1.07 18.54 -17.58
CA LYS E 29 -2.06 18.63 -16.54
C LYS E 29 -1.54 17.99 -15.26
N LYS E 30 -2.11 18.42 -14.15
CA LYS E 30 -1.81 17.83 -12.86
C LYS E 30 -2.55 16.50 -12.71
N PRO E 31 -1.97 15.55 -12.00
CA PRO E 31 -2.68 14.28 -11.76
C PRO E 31 -3.95 14.50 -10.98
N GLY E 32 -4.95 13.68 -11.27
CA GLY E 32 -6.22 13.74 -10.57
C GLY E 32 -7.30 14.56 -11.21
N GLU E 33 -7.11 15.01 -12.45
CA GLU E 33 -8.12 15.78 -13.14
C GLU E 33 -8.38 15.18 -14.52
N SER E 34 -9.59 15.42 -15.04
CA SER E 34 -9.97 14.86 -16.31
C SER E 34 -9.28 15.58 -17.46
N LEU E 35 -9.46 15.04 -18.66
CA LEU E 35 -8.90 15.63 -19.87
C LEU E 35 -9.63 15.03 -21.06
N LYS E 36 -9.98 15.88 -22.02
CA LYS E 36 -10.71 15.47 -23.21
C LYS E 36 -9.81 15.62 -24.42
N ILE E 37 -9.67 14.55 -25.19
CA ILE E 37 -8.88 14.54 -26.41
C ILE E 37 -9.82 14.35 -27.57
N SER E 38 -9.72 15.22 -28.57
CA SER E 38 -10.64 15.21 -29.70
C SER E 38 -9.90 14.78 -30.96
N CYS E 39 -10.53 13.88 -31.71
CA CYS E 39 -9.98 13.38 -32.98
C CYS E 39 -11.03 13.59 -34.06
N LYS E 40 -10.75 14.49 -34.99
CA LYS E 40 -11.68 14.83 -36.05
C LYS E 40 -11.22 14.22 -37.36
N GLY E 41 -12.15 13.59 -38.07
CA GLY E 41 -11.86 12.94 -39.33
C GLY E 41 -12.45 13.73 -40.50
N SER E 42 -11.62 13.95 -41.51
CA SER E 42 -12.03 14.68 -42.69
C SER E 42 -11.58 13.94 -43.94
N GLY E 43 -12.48 13.83 -44.91
CA GLY E 43 -12.18 13.17 -46.16
C GLY E 43 -12.89 11.86 -46.40
N TYR E 44 -13.91 11.53 -45.61
CA TYR E 44 -14.65 10.28 -45.77
C TYR E 44 -15.94 10.38 -44.96
N SER E 45 -16.69 9.28 -44.93
CA SER E 45 -18.02 9.31 -44.35
C SER E 45 -17.97 9.49 -42.84
N PHE E 46 -17.13 8.70 -42.16
CA PHE E 46 -16.92 8.73 -40.71
C PHE E 46 -18.12 8.21 -39.95
N THR E 47 -19.22 7.94 -40.64
CA THR E 47 -20.39 7.37 -39.98
C THR E 47 -20.44 5.86 -40.11
N ASN E 48 -19.45 5.25 -40.77
CA ASN E 48 -19.45 3.80 -40.93
C ASN E 48 -18.10 3.20 -40.55
N TYR E 49 -17.02 3.96 -40.73
CA TYR E 49 -15.70 3.46 -40.40
C TYR E 49 -15.45 3.60 -38.90
N TRP E 50 -14.98 2.53 -38.28
CA TRP E 50 -14.67 2.58 -36.87
C TRP E 50 -13.45 3.46 -36.62
N VAL E 51 -13.34 3.95 -35.39
CA VAL E 51 -12.20 4.74 -34.95
C VAL E 51 -11.67 4.11 -33.68
N GLY E 52 -10.39 3.76 -33.68
CA GLY E 52 -9.75 3.19 -32.52
C GLY E 52 -8.75 4.17 -31.94
N TRP E 53 -8.34 3.86 -30.71
CA TRP E 53 -7.40 4.70 -29.97
C TRP E 53 -6.20 3.87 -29.56
N VAL E 54 -5.00 4.35 -29.88
CA VAL E 54 -3.77 3.65 -29.56
C VAL E 54 -2.91 4.58 -28.72
N ARG E 55 -2.44 4.07 -27.59
CA ARG E 55 -1.57 4.82 -26.69
C ARG E 55 -0.15 4.28 -26.78
N GLN E 56 0.82 5.19 -26.81
CA GLN E 56 2.23 4.81 -26.86
C GLN E 56 2.99 5.58 -25.79
N MET E 57 3.37 4.89 -24.72
CA MET E 57 4.29 5.47 -23.76
C MET E 57 5.63 5.73 -24.44
N PRO E 58 6.35 6.78 -24.05
CA PRO E 58 7.58 7.12 -24.75
C PRO E 58 8.61 6.01 -24.64
N GLY E 59 9.30 5.74 -25.74
CA GLY E 59 10.27 4.67 -25.78
C GLY E 59 9.69 3.28 -25.62
N LYS E 60 8.38 3.14 -25.78
CA LYS E 60 7.70 1.86 -25.58
C LYS E 60 6.89 1.52 -26.83
N GLY E 61 6.42 0.29 -26.88
CA GLY E 61 5.63 -0.16 -28.00
C GLY E 61 4.22 0.39 -27.96
N LEU E 62 3.52 0.22 -29.08
CA LEU E 62 2.13 0.65 -29.15
C LEU E 62 1.25 -0.20 -28.24
N GLU E 63 0.29 0.45 -27.62
CA GLU E 63 -0.69 -0.22 -26.78
C GLU E 63 -2.07 0.14 -27.29
N TRP E 64 -2.96 -0.83 -27.34
CA TRP E 64 -4.29 -0.64 -27.89
C TRP E 64 -5.28 -0.40 -26.77
N MET E 65 -6.13 0.62 -26.93
CA MET E 65 -7.03 1.06 -25.88
C MET E 65 -8.47 0.65 -26.14
N GLY E 66 -9.01 0.98 -27.30
CA GLY E 66 -10.37 0.62 -27.63
C GLY E 66 -10.78 1.29 -28.92
N PHE E 67 -11.95 0.88 -29.40
CA PHE E 67 -12.50 1.45 -30.63
C PHE E 67 -13.97 1.78 -30.41
N ILE E 68 -14.44 2.75 -31.17
CA ILE E 68 -15.82 3.21 -31.10
C ILE E 68 -16.40 3.17 -32.50
N ASP E 69 -17.68 2.80 -32.59
CA ASP E 69 -18.36 2.82 -33.87
C ASP E 69 -19.21 4.08 -33.92
N PRO E 70 -18.82 5.10 -34.68
CA PRO E 70 -19.59 6.34 -34.69
C PRO E 70 -20.98 6.19 -35.30
N SER E 71 -21.29 5.05 -35.89
CA SER E 71 -22.63 4.85 -36.44
C SER E 71 -23.69 4.88 -35.34
N ASP E 72 -23.40 4.29 -34.19
CA ASP E 72 -24.32 4.36 -33.08
C ASP E 72 -23.62 4.54 -31.73
N SER E 73 -22.39 5.05 -31.74
CA SER E 73 -21.61 5.27 -30.52
C SER E 73 -21.44 3.99 -29.72
N TYR E 74 -21.36 2.85 -30.39
CA TYR E 74 -21.03 1.61 -29.71
C TYR E 74 -19.54 1.56 -29.44
N THR E 75 -19.18 1.33 -28.18
CA THR E 75 -17.79 1.36 -27.75
C THR E 75 -17.38 -0.02 -27.25
N ASN E 76 -16.14 -0.40 -27.54
CA ASN E 76 -15.59 -1.69 -27.11
C ASN E 76 -14.20 -1.45 -26.55
N TYR E 77 -14.13 -1.17 -25.24
CA TYR E 77 -12.83 -1.00 -24.60
C TYR E 77 -12.13 -2.35 -24.48
N ALA E 78 -10.84 -2.30 -24.22
CA ALA E 78 -10.01 -3.48 -24.12
C ALA E 78 -9.21 -3.46 -22.82
N ASP E 79 -9.29 -4.56 -22.06
CA ASP E 79 -8.37 -4.83 -20.97
C ASP E 79 -8.50 -3.78 -19.86
N SER E 80 -9.73 -3.60 -19.38
CA SER E 80 -10.04 -2.77 -18.22
C SER E 80 -9.70 -1.30 -18.41
N VAL E 81 -9.55 -0.84 -19.66
CA VAL E 81 -9.36 0.57 -19.92
C VAL E 81 -10.61 1.35 -19.51
N LYS E 82 -11.77 0.70 -19.57
CA LYS E 82 -13.04 1.35 -19.25
C LYS E 82 -13.04 2.04 -17.90
N GLY E 83 -12.30 1.49 -16.94
CA GLY E 83 -12.26 2.08 -15.61
C GLY E 83 -11.73 3.51 -15.62
N CYS E 84 -10.61 3.73 -16.30
CA CYS E 84 -9.96 5.02 -16.26
C CYS E 84 -10.29 5.91 -17.46
N PHE E 85 -10.69 5.35 -18.58
CA PHE E 85 -10.96 6.13 -19.77
C PHE E 85 -12.42 5.97 -20.18
N THR E 86 -12.80 6.74 -21.21
CA THR E 86 -14.09 6.58 -21.85
C THR E 86 -14.02 7.22 -23.22
N ILE E 87 -14.66 6.58 -24.20
CA ILE E 87 -14.58 7.00 -25.59
C ILE E 87 -15.98 7.39 -26.05
N SER E 88 -16.07 8.54 -26.71
CA SER E 88 -17.35 9.03 -27.19
C SER E 88 -17.13 9.71 -28.54
N ALA E 89 -18.18 9.73 -29.36
CA ALA E 89 -18.12 10.37 -30.66
C ALA E 89 -19.51 10.83 -31.04
N ASP E 90 -19.56 11.77 -31.97
CA ASP E 90 -20.83 12.35 -32.41
C ASP E 90 -20.83 12.52 -33.93
N LYS E 91 -22.02 12.44 -34.50
CA LYS E 91 -22.17 12.42 -35.95
C LYS E 91 -21.76 13.74 -36.58
N SER E 92 -22.42 14.83 -36.17
CA SER E 92 -22.42 16.05 -36.96
C SER E 92 -21.05 16.72 -37.00
N ILE E 93 -20.42 16.87 -35.83
CA ILE E 93 -19.08 17.45 -35.79
C ILE E 93 -18.08 16.53 -36.50
N SER E 94 -18.38 15.24 -36.60
CA SER E 94 -17.49 14.24 -37.19
C SER E 94 -16.17 14.19 -36.43
N THR E 95 -16.28 13.92 -35.14
CA THR E 95 -15.13 13.92 -34.26
C THR E 95 -15.35 12.88 -33.17
N ALA E 96 -14.29 12.14 -32.84
CA ALA E 96 -14.32 11.13 -31.80
C ALA E 96 -13.49 11.60 -30.63
N TYR E 97 -14.03 11.47 -29.42
CA TYR E 97 -13.39 11.97 -28.21
C TYR E 97 -12.93 10.82 -27.35
N LEU E 98 -11.70 10.91 -26.85
CA LEU E 98 -11.21 10.05 -25.80
C LEU E 98 -11.04 10.91 -24.56
N GLN E 99 -11.71 10.52 -23.47
CA GLN E 99 -11.74 11.32 -22.27
C GLN E 99 -11.11 10.56 -21.12
N MET E 100 -10.09 11.13 -20.51
CA MET E 100 -9.50 10.56 -19.31
C MET E 100 -10.37 10.91 -18.11
N ASN E 101 -10.81 9.91 -17.36
CA ASN E 101 -11.64 10.17 -16.19
C ASN E 101 -10.82 10.83 -15.08
N SER E 102 -9.63 10.30 -14.81
CA SER E 102 -8.78 10.84 -13.74
C SER E 102 -7.34 10.61 -14.17
N LEU E 103 -6.74 11.63 -14.77
CA LEU E 103 -5.35 11.53 -15.21
C LEU E 103 -4.42 11.39 -14.00
N CYS E 104 -3.31 10.70 -14.22
CA CYS E 104 -2.23 10.65 -13.25
C CYS E 104 -0.99 10.12 -13.95
N ALA E 105 0.09 9.96 -13.17
CA ALA E 105 1.37 9.51 -13.71
C ALA E 105 1.22 8.16 -14.38
N SER E 106 2.21 7.83 -15.20
CA SER E 106 2.28 6.66 -16.08
C SER E 106 1.30 6.75 -17.24
N ASP E 107 0.48 7.79 -17.31
CA ASP E 107 -0.36 8.04 -18.47
C ASP E 107 0.28 9.04 -19.43
N THR E 108 1.49 9.49 -19.13
CA THR E 108 2.21 10.37 -20.06
C THR E 108 2.58 9.56 -21.30
N ALA E 109 1.83 9.78 -22.38
CA ALA E 109 2.00 8.96 -23.57
C ALA E 109 1.50 9.73 -24.78
N MET E 110 1.88 9.22 -25.95
CA MET E 110 1.54 9.84 -27.22
C MET E 110 0.28 9.14 -27.72
N TYR E 111 -0.84 9.86 -27.74
CA TYR E 111 -2.15 9.25 -27.98
C TYR E 111 -2.54 9.42 -29.44
N TYR E 112 -2.70 8.31 -30.14
CA TYR E 112 -3.10 8.33 -31.54
C TYR E 112 -4.54 7.87 -31.67
N CYS E 113 -5.22 8.42 -32.67
CA CYS E 113 -6.49 7.90 -33.14
C CYS E 113 -6.32 7.45 -34.57
N ALA E 114 -6.95 6.34 -34.93
CA ALA E 114 -6.79 5.77 -36.26
C ALA E 114 -8.14 5.34 -36.81
N ARG E 115 -8.30 5.47 -38.11
CA ARG E 115 -9.44 4.90 -38.79
C ARG E 115 -9.20 3.41 -39.00
N GLU E 116 -10.24 2.62 -38.80
CA GLU E 116 -10.11 1.17 -38.83
C GLU E 116 -10.83 0.66 -40.08
N LEU E 117 -10.08 0.12 -41.01
CA LEU E 117 -10.54 -0.03 -42.38
C LEU E 117 -11.20 -1.36 -42.69
N TYR E 118 -10.78 -2.44 -42.01
CA TYR E 118 -11.17 -3.81 -42.36
C TYR E 118 -10.82 -4.13 -43.82
N GLN E 119 -9.52 -4.15 -44.09
CA GLN E 119 -9.05 -4.56 -45.42
C GLN E 119 -8.75 -6.06 -45.31
N GLY E 120 -8.21 -6.69 -46.36
CA GLY E 120 -8.01 -8.13 -46.27
C GLY E 120 -9.22 -8.75 -45.60
N TYR E 121 -9.03 -9.48 -44.52
CA TYR E 121 -10.21 -10.00 -43.76
C TYR E 121 -9.98 -9.66 -42.29
N MET E 122 -9.04 -8.75 -42.04
CA MET E 122 -8.75 -8.33 -40.65
C MET E 122 -9.00 -6.83 -40.52
N ASP E 123 -8.93 -6.30 -39.29
CA ASP E 123 -9.10 -4.85 -39.09
C ASP E 123 -7.73 -4.18 -39.21
N THR E 124 -7.59 -3.23 -40.13
CA THR E 124 -6.30 -2.56 -40.33
C THR E 124 -6.46 -1.09 -40.05
N PHE E 125 -5.56 -0.50 -39.28
CA PHE E 125 -5.59 0.97 -39.00
C PHE E 125 -5.03 1.67 -40.22
N ASP E 126 -5.90 2.13 -41.13
CA ASP E 126 -5.46 2.70 -42.39
C ASP E 126 -4.69 4.00 -42.19
N SER E 127 -5.35 5.03 -41.67
CA SER E 127 -4.76 6.35 -41.53
C SER E 127 -4.83 6.78 -40.07
N TRP E 128 -3.73 7.31 -39.57
CA TRP E 128 -3.61 7.69 -38.18
C TRP E 128 -3.60 9.21 -38.05
N GLY E 129 -4.06 9.67 -36.89
CA GLY E 129 -3.95 11.08 -36.58
C GLY E 129 -2.52 11.47 -36.28
N GLN E 130 -2.28 12.77 -36.24
CA GLN E 130 -0.92 13.25 -35.96
C GLN E 130 -0.50 12.93 -34.53
N GLY E 131 -1.43 12.63 -33.66
CA GLY E 131 -1.07 12.22 -32.31
C GLY E 131 -1.04 13.39 -31.35
N THR E 132 -1.40 13.10 -30.11
CA THR E 132 -1.40 14.08 -29.04
C THR E 132 -0.47 13.60 -27.94
N LEU E 133 0.39 14.48 -27.46
CA LEU E 133 1.39 14.14 -26.45
C LEU E 133 0.91 14.68 -25.12
N VAL E 134 0.09 13.89 -24.43
CA VAL E 134 -0.35 14.26 -23.09
C VAL E 134 0.74 13.89 -22.12
N THR E 135 1.26 14.89 -21.41
CA THR E 135 2.29 14.67 -20.40
C THR E 135 1.76 15.18 -19.07
N VAL E 136 1.60 14.28 -18.12
CA VAL E 136 1.11 14.63 -16.79
C VAL E 136 2.31 14.90 -15.89
N SER E 137 2.24 16.00 -15.16
CA SER E 137 3.35 16.43 -14.30
C SER E 137 2.81 16.77 -12.92
N SER E 138 3.45 16.23 -11.88
CA SER E 138 3.10 16.61 -10.53
C SER E 138 3.40 18.08 -10.29
N GLY E 139 4.52 18.58 -10.82
CA GLY E 139 4.91 19.96 -10.66
C GLY E 139 5.10 20.34 -9.21
N GLY E 140 5.81 19.49 -8.46
CA GLY E 140 5.92 19.68 -7.03
C GLY E 140 6.60 20.95 -6.61
N GLY E 141 7.91 21.06 -6.81
CA GLY E 141 8.66 22.22 -6.36
C GLY E 141 8.45 22.47 -4.88
N GLY E 142 7.75 23.56 -4.57
CA GLY E 142 7.28 23.82 -3.22
C GLY E 142 8.34 24.18 -2.20
N SER E 143 9.62 24.08 -2.55
CA SER E 143 10.72 24.41 -1.65
C SER E 143 10.62 23.64 -0.34
N ASP E 144 10.20 22.38 -0.44
CA ASP E 144 10.09 21.54 0.75
C ASP E 144 11.49 21.19 1.26
N ILE E 145 11.62 21.10 2.58
CA ILE E 145 12.88 20.68 3.16
C ILE E 145 13.16 19.25 2.72
N VAL E 146 14.32 19.04 2.13
CA VAL E 146 14.70 17.73 1.61
C VAL E 146 15.78 17.17 2.52
N LEU E 147 15.48 16.03 3.13
CA LEU E 147 16.39 15.39 4.07
C LEU E 147 17.07 14.22 3.38
N THR E 148 18.40 14.18 3.46
CA THR E 148 19.17 13.12 2.85
C THR E 148 20.09 12.52 3.91
N GLN E 149 19.80 11.28 4.30
CA GLN E 149 20.68 10.56 5.21
C GLN E 149 21.84 9.99 4.42
N SER E 150 23.07 10.36 4.80
CA SER E 150 24.22 10.09 3.95
C SER E 150 24.53 8.60 3.83
N PRO E 151 24.88 7.87 4.91
CA PRO E 151 25.26 6.47 4.70
C PRO E 151 24.05 5.60 4.42
N ALA E 152 23.90 5.18 3.16
CA ALA E 152 22.68 4.50 2.74
C ALA E 152 22.50 3.16 3.43
N THR E 153 23.57 2.58 3.97
CA THR E 153 23.47 1.34 4.73
C THR E 153 24.69 1.22 5.62
N LEU E 154 24.54 0.48 6.71
CA LEU E 154 25.63 0.20 7.63
C LEU E 154 25.69 -1.29 7.89
N SER E 155 26.90 -1.84 7.95
CA SER E 155 27.11 -3.25 8.24
C SER E 155 28.11 -3.32 9.40
N LEU E 156 27.60 -3.51 10.61
CA LEU E 156 28.43 -3.41 11.80
C LEU E 156 28.22 -4.64 12.68
N SER E 157 29.24 -4.95 13.46
CA SER E 157 29.17 -6.02 14.44
C SER E 157 28.40 -5.56 15.66
N PRO E 158 27.86 -6.49 16.47
CA PRO E 158 27.11 -6.10 17.67
C PRO E 158 27.72 -5.01 18.54
N GLY E 159 28.94 -5.17 19.04
CA GLY E 159 29.43 -4.11 19.90
C GLY E 159 30.31 -3.08 19.25
N GLU E 160 29.72 -1.97 18.80
CA GLU E 160 30.45 -0.77 18.35
C GLU E 160 29.48 0.35 18.00
N ARG E 161 30.01 1.50 17.58
CA ARG E 161 29.21 2.69 17.32
C ARG E 161 28.45 2.57 16.01
N ALA E 162 27.53 3.51 15.79
CA ALA E 162 26.75 3.58 14.57
C ALA E 162 26.95 4.89 13.82
N THR E 163 26.91 6.02 14.51
CA THR E 163 27.10 7.38 13.99
C THR E 163 26.43 7.60 12.63
N LEU E 164 25.11 7.48 12.64
CA LEU E 164 24.30 7.81 11.47
C LEU E 164 24.36 9.30 11.20
N SER E 165 23.68 9.74 10.14
CA SER E 165 23.70 11.16 9.79
C SER E 165 22.44 11.52 9.00
N CYS E 166 22.17 12.82 8.96
CA CYS E 166 21.03 13.36 8.22
C CYS E 166 21.34 14.81 7.88
N ARG E 167 21.17 15.18 6.62
CA ARG E 167 21.51 16.51 6.16
C ARG E 167 20.30 17.15 5.50
N ALA E 168 20.00 18.39 5.87
CA ALA E 168 18.81 19.08 5.42
C ALA E 168 19.11 19.94 4.20
N SER E 169 18.05 20.27 3.46
CA SER E 169 18.18 21.19 2.34
C SER E 169 18.54 22.59 2.82
N GLN E 170 17.79 23.11 3.79
CA GLN E 170 18.09 24.38 4.42
C GLN E 170 17.83 24.25 5.92
N SER E 171 17.95 25.38 6.63
CA SER E 171 17.94 25.35 8.08
C SER E 171 16.62 24.83 8.62
N VAL E 172 16.71 23.96 9.62
CA VAL E 172 15.54 23.43 10.30
C VAL E 172 15.34 24.27 11.55
N SER E 173 14.36 25.17 11.50
CA SER E 173 14.16 26.12 12.58
C SER E 173 13.77 25.40 13.87
N SER E 174 14.28 25.92 14.98
CA SER E 174 14.01 25.43 16.34
C SER E 174 14.41 23.98 16.53
N ASN E 175 15.30 23.47 15.68
CA ASN E 175 15.82 22.10 15.77
C ASN E 175 14.70 21.06 15.82
N TYR E 176 13.63 21.31 15.09
CA TYR E 176 12.53 20.36 15.01
C TYR E 176 12.96 19.18 14.16
N LEU E 177 13.38 18.10 14.81
CA LEU E 177 13.86 16.94 14.08
C LEU E 177 13.61 15.70 14.94
N ALA E 178 13.26 14.59 14.30
CA ALA E 178 12.98 13.37 15.03
C ALA E 178 13.61 12.19 14.32
N TRP E 179 13.98 11.18 15.09
CA TRP E 179 14.57 9.95 14.57
C TRP E 179 13.69 8.77 14.94
N TYR E 180 13.32 7.97 13.95
CA TYR E 180 12.47 6.82 14.18
C TYR E 180 13.20 5.54 13.82
N GLN E 181 13.05 4.54 14.69
CA GLN E 181 13.51 3.19 14.43
C GLN E 181 12.34 2.38 13.92
N GLN E 182 12.55 1.63 12.83
CA GLN E 182 11.50 0.79 12.29
C GLN E 182 12.01 -0.64 12.14
N LYS E 183 11.50 -1.54 12.98
CA LYS E 183 11.71 -2.95 12.75
C LYS E 183 10.95 -3.38 11.49
N PRO E 184 11.43 -4.41 10.81
CA PRO E 184 10.70 -4.89 9.62
C PRO E 184 9.31 -5.37 9.99
N GLY E 185 8.34 -5.03 9.14
CA GLY E 185 6.96 -5.42 9.40
C GLY E 185 6.36 -4.80 10.63
N GLN E 186 6.86 -3.64 11.06
CA GLN E 186 6.39 -2.98 12.26
C GLN E 186 6.19 -1.49 11.98
N ALA E 187 5.32 -0.88 12.78
CA ALA E 187 5.22 0.56 12.77
C ALA E 187 6.50 1.16 13.32
N PRO E 188 6.88 2.35 12.86
CA PRO E 188 8.10 2.98 13.38
C PRO E 188 7.96 3.29 14.86
N ARG E 189 9.11 3.56 15.49
CA ARG E 189 9.16 3.84 16.91
C ARG E 189 9.97 5.10 17.13
N LEU E 190 9.45 6.00 17.95
CA LEU E 190 10.12 7.26 18.20
C LEU E 190 11.34 7.06 19.08
N LEU E 191 12.45 7.70 18.71
CA LEU E 191 13.68 7.60 19.49
C LEU E 191 14.12 8.94 20.06
N ILE E 192 14.29 9.95 19.21
CA ILE E 192 14.84 11.24 19.62
C ILE E 192 13.86 12.30 19.10
N TYR E 193 12.90 12.68 19.95
CA TYR E 193 11.76 13.43 19.43
C TYR E 193 12.14 14.86 19.08
N ASP E 194 12.90 15.52 19.93
CA ASP E 194 13.51 16.77 19.54
C ASP E 194 14.87 16.42 18.93
N SER E 195 15.66 17.43 18.58
CA SER E 195 16.96 17.15 18.00
C SER E 195 17.90 16.48 19.00
N SER E 196 17.66 16.63 20.30
CA SER E 196 18.56 16.06 21.29
C SER E 196 17.84 15.25 22.36
N SER E 197 16.60 15.61 22.66
CA SER E 197 15.89 14.97 23.76
C SER E 197 15.51 13.54 23.41
N ARG E 198 15.55 12.67 24.41
CA ARG E 198 15.26 11.26 24.22
C ARG E 198 13.80 10.98 24.53
N ALA E 199 13.25 9.97 23.87
CA ALA E 199 11.89 9.55 24.15
C ALA E 199 11.84 8.83 25.49
N THR E 200 10.64 8.40 25.87
CA THR E 200 10.46 7.76 27.17
C THR E 200 11.23 6.46 27.29
N GLY E 201 10.87 5.47 26.48
CA GLY E 201 11.39 4.14 26.68
C GLY E 201 12.77 3.87 26.12
N VAL E 202 13.36 4.81 25.41
CA VAL E 202 14.62 4.56 24.72
C VAL E 202 15.74 4.39 25.75
N PRO E 203 16.73 3.57 25.47
CA PRO E 203 17.87 3.45 26.38
C PRO E 203 18.75 4.68 26.35
N ALA E 204 19.85 4.67 27.10
CA ALA E 204 20.72 5.82 27.15
C ALA E 204 21.71 5.89 26.00
N ARG E 205 21.84 4.81 25.22
CA ARG E 205 22.88 4.80 24.18
C ARG E 205 22.48 5.65 22.99
N PHE E 206 21.21 5.64 22.60
CA PHE E 206 20.76 6.51 21.53
C PHE E 206 20.90 7.97 21.96
N SER E 207 21.47 8.79 21.09
CA SER E 207 21.64 10.21 21.41
C SER E 207 21.87 10.99 20.13
N GLY E 208 20.94 11.86 19.78
CA GLY E 208 21.13 12.77 18.67
C GLY E 208 21.93 13.98 19.07
N SER E 209 22.21 14.82 18.10
CA SER E 209 22.98 16.04 18.31
C SER E 209 22.81 16.93 17.08
N GLY E 210 23.57 18.00 17.03
CA GLY E 210 23.63 18.84 15.86
C GLY E 210 22.43 19.75 15.71
N SER E 211 22.61 20.81 14.94
CA SER E 211 21.55 21.77 14.65
C SER E 211 21.81 22.37 13.27
N GLY E 212 20.99 23.34 12.91
CA GLY E 212 21.11 23.94 11.60
C GLY E 212 20.71 22.94 10.53
N THR E 213 21.57 22.75 9.54
CA THR E 213 21.28 21.87 8.42
C THR E 213 21.90 20.50 8.55
N ASP E 214 22.61 20.22 9.65
CA ASP E 214 23.29 18.95 9.84
C ASP E 214 22.87 18.33 11.15
N PHE E 215 22.64 17.02 11.14
CA PHE E 215 22.26 16.29 12.33
C PHE E 215 22.88 14.91 12.30
N THR E 216 23.15 14.36 13.48
CA THR E 216 23.65 13.01 13.61
C THR E 216 22.87 12.29 14.70
N LEU E 217 22.78 10.97 14.56
CA LEU E 217 22.25 10.12 15.62
C LEU E 217 23.26 9.01 15.85
N THR E 218 23.92 9.03 17.00
CA THR E 218 25.01 8.11 17.29
C THR E 218 24.54 7.11 18.33
N ILE E 219 24.73 5.83 18.03
CA ILE E 219 24.43 4.76 18.97
C ILE E 219 25.75 4.36 19.63
N SER E 220 25.81 4.52 20.96
CA SER E 220 27.07 4.34 21.65
C SER E 220 27.59 2.92 21.55
N SER E 221 26.71 1.94 21.64
CA SER E 221 27.11 0.54 21.55
C SER E 221 25.93 -0.26 21.05
N LEU E 222 26.02 -0.78 19.84
CA LEU E 222 24.89 -1.46 19.23
C LEU E 222 24.54 -2.72 20.01
N GLU E 223 23.31 -3.18 19.81
CA GLU E 223 22.75 -4.36 20.45
C GLU E 223 22.08 -5.21 19.39
N PRO E 224 21.90 -6.50 19.65
CA PRO E 224 21.28 -7.37 18.62
C PRO E 224 19.88 -6.93 18.23
N GLU E 225 19.17 -6.23 19.09
CA GLU E 225 17.83 -5.76 18.78
C GLU E 225 17.80 -4.33 18.26
N ASP E 226 18.96 -3.69 18.11
CA ASP E 226 19.03 -2.34 17.57
C ASP E 226 19.19 -2.33 16.06
N PHE E 227 19.25 -3.48 15.43
CA PHE E 227 19.50 -3.56 13.98
C PHE E 227 18.17 -3.37 13.27
N ALA E 228 17.98 -2.18 12.70
CA ALA E 228 16.76 -1.83 12.00
C ALA E 228 17.08 -0.71 11.03
N VAL E 229 16.04 -0.06 10.50
CA VAL E 229 16.20 1.06 9.60
C VAL E 229 15.76 2.32 10.33
N TYR E 230 16.49 3.40 10.13
CA TYR E 230 16.31 4.64 10.89
C TYR E 230 15.96 5.78 9.95
N TYR E 231 14.94 6.56 10.30
CA TYR E 231 14.44 7.63 9.47
C TYR E 231 14.64 8.98 10.14
N CYS E 232 15.14 9.94 9.37
CA CYS E 232 15.30 11.31 9.83
C CYS E 232 14.06 12.09 9.44
N HIS E 233 13.41 12.71 10.42
CA HIS E 233 12.13 13.38 10.21
C HIS E 233 12.22 14.81 10.71
N GLN E 234 11.85 15.76 9.86
CA GLN E 234 11.75 17.16 10.24
C GLN E 234 10.30 17.61 10.20
N TYR E 235 9.94 18.50 11.12
CA TYR E 235 8.57 18.98 11.17
C TYR E 235 8.51 20.47 11.47
N SER E 236 9.50 21.23 11.02
CA SER E 236 9.52 22.66 11.31
C SER E 236 8.40 23.39 10.57
N ASP E 237 8.22 23.10 9.30
CA ASP E 237 7.21 23.75 8.49
C ASP E 237 5.90 22.97 8.55
N ILE E 238 4.96 23.34 7.67
CA ILE E 238 3.64 22.67 7.61
C ILE E 238 3.71 21.53 6.59
N SER E 239 4.92 21.21 6.13
CA SER E 239 5.09 20.07 5.19
C SER E 239 6.12 19.10 5.77
N PRO E 240 5.77 18.32 6.82
CA PRO E 240 6.75 17.45 7.43
C PRO E 240 7.32 16.57 6.35
N THR E 241 8.65 16.47 6.28
CA THR E 241 9.28 15.58 5.29
C THR E 241 10.15 14.58 6.02
N PHE E 242 9.98 13.30 5.72
CA PHE E 242 10.83 12.25 6.36
C PHE E 242 12.11 12.11 5.57
N GLY E 243 12.88 11.05 5.86
CA GLY E 243 14.16 10.82 5.18
C GLY E 243 14.13 9.52 4.41
N GLN E 244 15.13 9.29 3.56
CA GLN E 244 15.12 8.08 2.70
C GLN E 244 15.18 6.80 3.55
N GLY E 245 16.12 6.73 4.50
CA GLY E 245 16.23 5.53 5.37
C GLY E 245 17.63 4.97 5.37
N THR E 246 18.21 4.75 6.55
CA THR E 246 19.55 4.12 6.66
C THR E 246 19.38 2.80 7.35
N LYS E 247 19.89 1.73 6.76
CA LYS E 247 19.70 0.38 7.36
C LYS E 247 20.95 -0.01 8.14
N VAL E 248 20.79 -0.38 9.41
CA VAL E 248 21.95 -0.87 10.20
C VAL E 248 21.87 -2.40 10.22
N GLU E 249 22.86 -3.08 9.63
CA GLU E 249 22.78 -4.56 9.50
C GLU E 249 24.01 -5.21 10.15
N ILE E 250 23.93 -6.51 10.45
CA ILE E 250 25.06 -7.25 11.09
C ILE E 250 26.11 -7.56 10.01
C1 NAG F . -11.51 -44.03 -61.15
C2 NAG F . -11.38 -45.20 -60.17
C3 NAG F . -12.32 -45.01 -58.99
C4 NAG F . -12.13 -43.64 -58.35
C5 NAG F . -12.18 -42.54 -59.41
C6 NAG F . -11.83 -41.18 -58.86
C7 NAG F . -11.12 -47.62 -60.45
C8 NAG F . -11.52 -48.83 -61.26
N2 NAG F . -11.65 -46.46 -60.84
O3 NAG F . -12.07 -46.02 -58.02
O4 NAG F . -13.18 -43.40 -57.43
O5 NAG F . -11.25 -42.81 -60.47
O6 NAG F . -10.74 -41.27 -57.96
O7 NAG F . -10.35 -47.71 -59.49
C1 NAG F . -12.68 -43.42 -56.09
C2 NAG F . -13.87 -43.33 -55.15
C3 NAG F . -13.66 -44.21 -53.91
C4 NAG F . -12.21 -44.19 -53.44
C5 NAG F . -11.26 -44.58 -54.58
C6 NAG F . -10.65 -45.95 -54.40
C7 NAG F . -15.32 -41.37 -54.88
C8 NAG F . -15.41 -39.94 -54.42
N2 NAG F . -14.12 -41.96 -54.75
O3 NAG F . -14.06 -45.54 -54.22
O4 NAG F . -11.87 -42.91 -52.96
O5 NAG F . -11.96 -44.61 -55.82
O6 NAG F . -11.33 -46.92 -55.17
O7 NAG F . -16.28 -41.96 -55.35
C1 NAG G . -22.97 -22.30 -78.55
C2 NAG G . -22.59 -21.41 -79.74
C3 NAG G . -23.75 -21.34 -80.74
C4 NAG G . -24.99 -20.74 -80.09
C5 NAG G . -25.11 -21.19 -78.63
C6 NAG G . -26.54 -21.44 -78.21
C7 NAG G . -21.00 -19.56 -79.51
C8 NAG G . -20.79 -18.16 -79.02
N2 NAG G . -22.22 -20.07 -79.31
O3 NAG G . -24.05 -22.65 -81.21
O4 NAG G . -24.91 -19.32 -80.14
O5 NAG G . -24.40 -22.42 -78.46
O6 NAG G . -27.38 -21.67 -79.35
O7 NAG G . -20.11 -20.20 -80.06
C1 NAG G . -26.12 -18.79 -80.72
C2 NAG G . -26.59 -17.63 -79.87
C3 NAG G . -27.86 -17.02 -80.47
C4 NAG G . -27.62 -16.65 -81.92
C5 NAG G . -27.11 -17.85 -82.70
C6 NAG G . -26.73 -17.51 -84.13
C7 NAG G . -25.94 -17.85 -77.52
C8 NAG G . -26.35 -18.34 -76.16
N2 NAG G . -26.83 -18.04 -78.50
O3 NAG G . -28.23 -15.87 -79.72
O4 NAG G . -28.85 -16.21 -82.51
O5 NAG G . -25.92 -18.36 -82.07
O6 NAG G . -26.83 -16.12 -84.38
O7 NAG G . -24.86 -17.30 -77.72
C1 NAG H . -16.68 -25.17 -46.95
C2 NAG H . -15.35 -24.43 -47.14
C3 NAG H . -14.98 -23.67 -45.87
C4 NAG H . -14.93 -24.59 -44.66
C5 NAG H . -16.12 -25.53 -44.67
C6 NAG H . -16.81 -25.62 -43.33
C7 NAG H . -13.09 -24.87 -47.98
C8 NAG H . -12.08 -25.93 -48.32
N2 NAG H . -14.27 -25.32 -47.53
O3 NAG H . -15.94 -22.64 -45.69
O4 NAG H . -13.72 -25.34 -44.71
O5 NAG H . -17.11 -25.06 -45.61
O6 NAG H . -15.89 -26.02 -42.32
O7 NAG H . -12.84 -23.68 -48.10
C1 NAG H . -12.51 -24.65 -44.67
C2 NAG H . -12.33 -23.98 -43.31
C3 NAG H . -10.91 -24.19 -42.79
C4 NAG H . -9.88 -23.94 -43.89
C5 NAG H . -10.19 -24.79 -45.12
C6 NAG H . -9.12 -25.82 -45.42
C7 NAG H . -12.80 -21.80 -42.29
C8 NAG H . -12.92 -20.34 -42.54
N2 NAG H . -12.65 -22.57 -43.37
O3 NAG H . -10.79 -25.50 -42.25
O4 NAG H . -9.90 -22.57 -44.26
O5 NAG H . -11.41 -25.51 -44.91
O6 NAG H . -8.99 -26.75 -44.35
O7 NAG H . -12.85 -22.27 -41.15
C1 BMA H . -9.76 -25.70 -41.35
C2 BMA H . -9.99 -27.02 -40.62
C3 BMA H . -8.74 -27.86 -40.64
C4 BMA H . -7.54 -27.06 -40.15
C5 BMA H . -7.38 -25.79 -40.99
C6 BMA H . -6.09 -25.78 -41.79
O2 BMA H . -11.08 -27.71 -41.21
O3 BMA H . -8.49 -28.34 -41.96
O4 BMA H . -7.72 -26.68 -38.79
O5 BMA H . -8.46 -25.72 -41.95
O6 BMA H . -6.00 -26.93 -42.63
C1 NAG I . -35.90 -29.43 -32.04
C2 NAG I . -36.81 -29.00 -33.18
C3 NAG I . -37.96 -29.97 -33.33
C4 NAG I . -37.44 -31.33 -33.75
C5 NAG I . -36.35 -31.80 -32.79
C6 NAG I . -35.01 -32.03 -33.45
C7 NAG I . -37.40 -26.71 -33.89
C8 NAG I . -36.95 -27.11 -35.27
N2 NAG I . -37.31 -27.65 -32.94
O3 NAG I . -38.88 -29.48 -34.30
O4 NAG I . -38.52 -32.24 -33.75
O5 NAG I . -36.14 -30.86 -31.71
O6 NAG I . -33.96 -32.08 -32.47
O7 NAG I . -37.82 -25.59 -33.65
C1 NAG I . -38.15 -33.60 -34.02
C2 NAG I . -38.91 -34.48 -33.03
C3 NAG I . -38.60 -35.95 -33.29
C4 NAG I . -38.88 -36.30 -34.75
C5 NAG I . -38.15 -35.34 -35.68
C6 NAG I . -38.50 -35.55 -37.13
C7 NAG I . -39.41 -33.43 -30.87
C8 NAG I . -40.73 -33.04 -31.46
N2 NAG I . -38.59 -34.12 -31.67
O3 NAG I . -39.40 -36.75 -32.43
O4 NAG I . -38.44 -37.63 -35.02
O5 NAG I . -38.49 -33.99 -35.36
O6 NAG I . -37.68 -36.53 -37.73
O7 NAG I . -39.11 -33.14 -29.71
C1 CIT J . 22.96 22.22 29.88
O1 CIT J . 23.44 21.10 29.58
O2 CIT J . 23.63 22.99 30.61
C2 CIT J . 21.61 22.64 29.36
C3 CIT J . 21.56 24.16 29.35
O7 CIT J . 22.02 24.66 30.62
C4 CIT J . 20.17 24.67 29.04
C5 CIT J . 19.88 25.88 29.90
O3 CIT J . 20.82 26.53 30.39
O4 CIT J . 18.71 26.25 30.11
C6 CIT J . 22.49 24.64 28.25
O5 CIT J . 22.88 23.87 27.34
O6 CIT J . 22.88 25.83 28.24
C1 PLM K . 4.21 31.44 53.48
O1 PLM K . 3.53 31.40 54.53
O2 PLM K . 4.80 32.42 52.93
C2 PLM K . 4.33 30.06 52.74
C3 PLM K . 4.71 30.12 51.25
C4 PLM K . 4.40 28.83 50.49
C5 PLM K . 4.93 28.82 49.06
C6 PLM K . 4.64 27.51 48.32
C7 PLM K . 5.12 27.49 46.86
C8 PLM K . 4.89 26.15 46.18
C9 PLM K . 5.21 26.14 44.69
CA PLM K . 5.13 24.76 44.06
CB PLM K . 5.16 24.77 42.53
CC PLM K . 5.34 23.38 41.91
CD PLM K . 5.46 23.41 40.40
CE PLM K . 6.18 22.18 39.82
CF PLM K . 6.64 22.35 38.37
CG PLM K . 7.35 21.12 37.79
C1 NAG L . 6.01 -64.97 -31.36
C2 NAG L . 5.05 -65.50 -30.30
C3 NAG L . 5.14 -64.68 -29.02
C4 NAG L . 6.59 -64.61 -28.55
C5 NAG L . 7.49 -64.12 -29.66
C6 NAG L . 8.95 -64.15 -29.30
C7 NAG L . 2.83 -66.52 -30.57
C8 NAG L . 1.46 -66.37 -31.16
N2 NAG L . 3.68 -65.52 -30.81
O3 NAG L . 4.32 -65.26 -28.02
O4 NAG L . 6.69 -63.74 -27.43
O5 NAG L . 7.34 -64.95 -30.82
O6 NAG L . 9.28 -65.31 -28.53
O7 NAG L . 3.15 -67.51 -29.92
C1 NAG M . -18.48 -29.76 -84.20
C2 NAG M . -19.58 -29.03 -84.97
C3 NAG M . -19.80 -29.69 -86.34
C4 NAG M . -18.49 -29.79 -87.10
C5 NAG M . -17.43 -30.47 -86.24
C6 NAG M . -16.06 -30.48 -86.89
C7 NAG M . -21.35 -27.88 -83.71
C8 NAG M . -20.59 -26.61 -83.99
N2 NAG M . -20.82 -29.00 -84.21
O3 NAG M . -20.75 -28.93 -87.08
O4 NAG M . -18.68 -30.53 -88.29
O5 NAG M . -17.28 -29.78 -84.99
O6 NAG M . -15.95 -31.53 -87.84
O7 NAG M . -22.40 -27.88 -83.07
C1 NAG N . -20.75 -49.17 -71.82
C2 NAG N . -21.84 -50.15 -72.24
C3 NAG N . -21.38 -51.58 -71.98
C4 NAG N . -20.03 -51.83 -72.66
C5 NAG N . -19.02 -50.77 -72.23
C6 NAG N . -17.71 -50.88 -72.97
C7 NAG N . -24.28 -49.95 -72.16
C8 NAG N . -25.48 -49.63 -71.30
N2 NAG N . -23.09 -49.89 -71.56
O3 NAG N . -22.35 -52.49 -72.49
O4 NAG N . -19.54 -53.11 -72.28
O5 NAG N . -19.55 -49.46 -72.52
O6 NAG N . -17.89 -51.42 -74.26
O7 NAG N . -24.39 -50.25 -73.34
C1 NAG O . -37.12 -7.97 -54.59
C2 NAG O . -38.31 -8.93 -54.47
C3 NAG O . -39.56 -8.16 -54.07
C4 NAG O . -39.30 -7.34 -52.82
C5 NAG O . -38.05 -6.47 -52.99
C6 NAG O . -37.67 -5.73 -51.72
C7 NAG O . -38.18 -10.95 -55.85
C8 NAG O . -38.47 -11.55 -57.19
N2 NAG O . -38.52 -9.66 -55.70
O3 NAG O . -40.63 -9.08 -53.84
O4 NAG O . -40.42 -6.48 -52.57
O5 NAG O . -36.93 -7.29 -53.34
O6 NAG O . -38.66 -5.90 -50.71
O7 NAG O . -37.68 -11.59 -54.94
#